data_7MNZ
#
_entry.id   7MNZ
#
_cell.length_a   142.690
_cell.length_b   142.690
_cell.length_c   96.650
_cell.angle_alpha   90.000
_cell.angle_beta   90.000
_cell.angle_gamma   120.000
#
_symmetry.space_group_name_H-M   'P 31'
#
loop_
_entity.id
_entity.type
_entity.pdbx_description
1 polymer 'GTP-binding nuclear protein Ran'
2 polymer 'E3 SUMO-protein ligase RanBP2'
3 non-polymer 'PHOSPHOAMINOPHOSPHONIC ACID-GUANYLATE ESTER'
4 non-polymer 'MAGNESIUM ION'
5 water water
#
loop_
_entity_poly.entity_id
_entity_poly.type
_entity_poly.pdbx_seq_one_letter_code
_entity_poly.pdbx_strand_id
1 'polypeptide(L)'
;SMAAQGEPQVQFKLVLVGDGGTGKTTFVKRHLTGEFEKKYVATLGVEVHPLVFHTNRGPIKFNVWDTAGQEKFGGLRDGY
YIQAQCAIIMFDVTSRVTYKNVPNWHRDLVRVCENIPIVLCGNKVDIKDRKVKAKSIVFHRKKNLQYYDISAKSNYNFEK
PFLWLARKLIGDPNLEFVAMPALAPPEVVMDPALAAQYEHDLEVAQTTALPDEDDD
;
A,C,E,G,I,K
2 'polypeptide(L)'
;GPGSHFEPIVSLPEVEVKSGEEDEEILFKERAKLYRWDRDVSQWKERGVGDIKILQNYDNKQVRILMRRDQVFKVCANHV
ITKTMELKPLNVSNNALVWTASDYADGEAKVEQLAVRFKTKEVADCFKKTFEECQQNLM
;
B,D,F,H,J,L
#
loop_
_chem_comp.id
_chem_comp.type
_chem_comp.name
_chem_comp.formula
GNP non-polymer 'PHOSPHOAMINOPHOSPHONIC ACID-GUANYLATE ESTER' 'C10 H17 N6 O13 P3'
MG non-polymer 'MAGNESIUM ION' 'Mg 2'
#
# COMPACT_ATOMS: atom_id res chain seq x y z
N GLU A 7 -21.38 4.32 13.61
CA GLU A 7 -21.63 2.91 13.30
C GLU A 7 -21.81 2.72 11.79
N PRO A 8 -20.70 2.65 11.06
CA PRO A 8 -20.79 2.64 9.59
C PRO A 8 -21.62 1.46 9.09
N GLN A 9 -22.67 1.78 8.33
CA GLN A 9 -23.50 0.73 7.74
C GLN A 9 -22.74 -0.04 6.66
N VAL A 10 -21.91 0.66 5.88
CA VAL A 10 -21.21 0.05 4.76
C VAL A 10 -19.83 0.70 4.63
N GLN A 11 -18.87 -0.09 4.15
CA GLN A 11 -17.53 0.38 3.84
C GLN A 11 -17.30 0.23 2.34
N PHE A 12 -16.60 1.20 1.75
CA PHE A 12 -16.22 1.15 0.35
C PHE A 12 -14.75 1.52 0.21
N LYS A 13 -14.02 0.73 -0.58
CA LYS A 13 -12.64 1.06 -0.89
C LYS A 13 -12.62 2.05 -2.05
N LEU A 14 -12.04 3.23 -1.81
CA LEU A 14 -11.93 4.29 -2.80
C LEU A 14 -10.45 4.50 -3.10
N VAL A 15 -10.07 4.36 -4.37
N VAL A 15 -10.07 4.36 -4.38
CA VAL A 15 -8.69 4.56 -4.80
CA VAL A 15 -8.70 4.56 -4.81
C VAL A 15 -8.59 5.93 -5.45
C VAL A 15 -8.60 5.93 -5.45
N LEU A 16 -7.69 6.75 -4.96
CA LEU A 16 -7.48 8.12 -5.44
C LEU A 16 -6.19 8.14 -6.26
N VAL A 17 -6.29 8.53 -7.52
CA VAL A 17 -5.17 8.45 -8.45
C VAL A 17 -5.07 9.76 -9.24
N GLY A 18 -3.90 9.98 -9.81
CA GLY A 18 -3.63 11.18 -10.57
C GLY A 18 -2.16 11.54 -10.50
N ASP A 19 -1.77 12.46 -11.38
CA ASP A 19 -0.37 12.86 -11.46
C ASP A 19 0.09 13.49 -10.15
N GLY A 20 1.42 13.52 -9.98
CA GLY A 20 1.98 14.11 -8.79
C GLY A 20 1.79 15.61 -8.75
N GLY A 21 1.44 16.12 -7.57
CA GLY A 21 1.24 17.53 -7.36
C GLY A 21 -0.15 18.03 -7.67
N THR A 22 -1.07 17.16 -8.07
CA THR A 22 -2.41 17.58 -8.44
C THR A 22 -3.29 17.90 -7.25
N GLY A 23 -2.91 17.48 -6.05
CA GLY A 23 -3.62 17.82 -4.84
C GLY A 23 -4.36 16.68 -4.16
N LYS A 24 -4.05 15.43 -4.50
CA LYS A 24 -4.77 14.29 -3.93
C LYS A 24 -4.66 14.27 -2.42
N THR A 25 -3.43 14.31 -1.90
CA THR A 25 -3.22 14.26 -0.46
C THR A 25 -3.81 15.48 0.23
N THR A 26 -3.71 16.65 -0.40
CA THR A 26 -4.31 17.85 0.18
C THR A 26 -5.83 17.73 0.22
N PHE A 27 -6.43 17.15 -0.82
CA PHE A 27 -7.86 16.93 -0.84
C PHE A 27 -8.30 16.03 0.30
N VAL A 28 -7.57 14.94 0.54
CA VAL A 28 -7.96 14.00 1.60
C VAL A 28 -7.77 14.63 2.97
N LYS A 29 -6.62 15.27 3.19
CA LYS A 29 -6.39 15.91 4.49
C LYS A 29 -7.46 16.95 4.79
N ARG A 30 -7.89 17.70 3.77
CA ARG A 30 -8.95 18.68 3.97
C ARG A 30 -10.21 18.02 4.52
N HIS A 31 -10.59 16.85 3.98
CA HIS A 31 -11.74 16.12 4.50
C HIS A 31 -11.46 15.52 5.87
N LEU A 32 -10.22 15.07 6.10
CA LEU A 32 -9.89 14.39 7.35
C LEU A 32 -9.89 15.35 8.53
N THR A 33 -9.10 16.42 8.45
CA THR A 33 -8.90 17.33 9.57
C THR A 33 -9.41 18.73 9.34
N GLY A 34 -9.83 19.07 8.11
CA GLY A 34 -10.23 20.42 7.79
C GLY A 34 -9.10 21.35 7.40
N GLU A 35 -7.86 20.89 7.45
CA GLU A 35 -6.71 21.75 7.19
C GLU A 35 -6.47 21.91 5.70
N PHE A 36 -5.61 22.88 5.37
CA PHE A 36 -5.10 23.04 4.01
C PHE A 36 -3.57 23.01 4.07
N GLU A 37 -2.99 21.86 3.75
CA GLU A 37 -1.54 21.72 3.77
C GLU A 37 -0.96 22.37 2.52
N LYS A 38 -0.09 23.36 2.71
CA LYS A 38 0.52 24.08 1.60
C LYS A 38 1.79 23.41 1.09
N LYS A 39 2.54 22.75 1.97
CA LYS A 39 3.79 22.12 1.56
C LYS A 39 3.50 20.85 0.76
N TYR A 40 4.22 20.69 -0.35
CA TYR A 40 4.12 19.49 -1.18
C TYR A 40 5.14 18.47 -0.69
N VAL A 41 4.66 17.44 -0.01
CA VAL A 41 5.46 16.27 0.35
C VAL A 41 4.87 15.09 -0.40
N ALA A 42 5.64 14.55 -1.35
CA ALA A 42 5.14 13.50 -2.21
C ALA A 42 4.76 12.26 -1.40
N THR A 43 3.63 11.66 -1.76
CA THR A 43 3.20 10.41 -1.14
C THR A 43 4.08 9.26 -1.62
N LEU A 44 4.47 8.41 -0.68
CA LEU A 44 5.33 7.25 -0.98
C LEU A 44 4.44 6.02 -1.03
N GLY A 45 4.11 5.59 -2.24
CA GLY A 45 3.28 4.41 -2.43
C GLY A 45 1.80 4.70 -2.25
N VAL A 46 1.33 4.61 -1.01
CA VAL A 46 -0.07 4.87 -0.70
C VAL A 46 -0.17 5.25 0.77
N GLU A 47 -1.23 5.97 1.11
CA GLU A 47 -1.63 6.18 2.50
C GLU A 47 -3.14 6.01 2.59
N VAL A 48 -3.59 5.13 3.48
CA VAL A 48 -4.99 4.77 3.60
C VAL A 48 -5.59 5.55 4.76
N HIS A 49 -6.71 6.25 4.50
CA HIS A 49 -7.37 7.07 5.50
C HIS A 49 -8.87 6.81 5.42
N PRO A 50 -9.55 6.62 6.55
CA PRO A 50 -11.00 6.46 6.53
C PRO A 50 -11.72 7.81 6.59
N LEU A 51 -12.79 7.91 5.80
CA LEU A 51 -13.65 9.09 5.78
C LEU A 51 -15.09 8.64 5.96
N VAL A 52 -15.74 9.14 7.01
CA VAL A 52 -17.12 8.80 7.32
C VAL A 52 -18.00 10.00 7.00
N PHE A 53 -19.09 9.75 6.27
CA PHE A 53 -20.10 10.75 5.97
C PHE A 53 -21.45 10.26 6.49
N HIS A 54 -22.17 11.12 7.20
CA HIS A 54 -23.50 10.79 7.68
C HIS A 54 -24.54 11.21 6.65
N THR A 55 -25.48 10.32 6.38
CA THR A 55 -26.52 10.54 5.38
C THR A 55 -27.86 10.20 5.99
N ASN A 56 -28.93 10.50 5.23
CA ASN A 56 -30.28 10.11 5.64
C ASN A 56 -30.47 8.61 5.61
N ARG A 57 -29.48 7.85 5.11
CA ARG A 57 -29.51 6.39 5.12
C ARG A 57 -28.37 5.82 5.95
N GLY A 58 -27.88 6.60 6.91
CA GLY A 58 -26.87 6.14 7.85
C GLY A 58 -25.48 6.61 7.48
N PRO A 59 -24.53 6.37 8.38
CA PRO A 59 -23.14 6.74 8.08
C PRO A 59 -22.54 5.82 7.03
N ILE A 60 -21.74 6.41 6.14
CA ILE A 60 -21.08 5.68 5.06
C ILE A 60 -19.58 5.98 5.17
N LYS A 61 -18.77 4.93 5.22
CA LYS A 61 -17.33 5.06 5.35
C LYS A 61 -16.67 4.78 4.00
N PHE A 62 -15.78 5.69 3.59
CA PHE A 62 -14.88 5.47 2.46
C PHE A 62 -13.48 5.24 3.02
N ASN A 63 -12.88 4.10 2.67
CA ASN A 63 -11.48 3.85 2.96
C ASN A 63 -10.70 4.35 1.75
N VAL A 64 -10.11 5.53 1.89
CA VAL A 64 -9.50 6.23 0.76
C VAL A 64 -8.04 5.78 0.64
N TRP A 65 -7.73 5.15 -0.49
CA TRP A 65 -6.35 4.77 -0.80
C TRP A 65 -5.75 5.89 -1.63
N ASP A 66 -5.01 6.78 -0.96
CA ASP A 66 -4.38 7.93 -1.59
C ASP A 66 -3.03 7.49 -2.16
N THR A 67 -2.99 7.28 -3.47
CA THR A 67 -1.80 6.72 -4.10
C THR A 67 -0.83 7.83 -4.51
N ALA A 68 0.37 7.41 -4.90
CA ALA A 68 1.43 8.32 -5.30
C ALA A 68 1.35 8.60 -6.80
N GLY A 69 1.51 9.88 -7.15
CA GLY A 69 1.44 10.30 -8.54
C GLY A 69 2.80 10.34 -9.22
N GLN A 70 3.87 10.46 -8.43
CA GLN A 70 5.22 10.47 -8.98
C GLN A 70 5.65 9.06 -9.35
N GLU A 71 6.17 8.91 -10.57
CA GLU A 71 6.65 7.60 -11.01
C GLU A 71 7.62 6.99 -10.02
N LYS A 72 8.59 7.79 -9.56
CA LYS A 72 9.64 7.27 -8.70
C LYS A 72 9.09 6.74 -7.37
N PHE A 73 7.93 7.23 -6.92
CA PHE A 73 7.34 6.83 -5.66
C PHE A 73 6.09 5.99 -5.85
N GLY A 74 5.93 5.35 -7.01
CA GLY A 74 4.66 4.71 -7.33
C GLY A 74 4.31 3.56 -6.41
N GLY A 75 5.31 2.80 -5.97
CA GLY A 75 5.03 1.65 -5.11
C GLY A 75 4.41 0.53 -5.91
N LEU A 76 3.30 -0.02 -5.40
CA LEU A 76 2.62 -1.09 -6.10
C LEU A 76 1.92 -0.61 -7.36
N ARG A 77 1.64 0.69 -7.46
CA ARG A 77 0.92 1.28 -8.61
C ARG A 77 -0.43 0.60 -8.69
N ASP A 78 -0.77 -0.09 -9.79
CA ASP A 78 -2.09 -0.69 -9.92
C ASP A 78 -2.34 -1.81 -8.92
N GLY A 79 -1.31 -2.27 -8.21
CA GLY A 79 -1.54 -3.27 -7.18
C GLY A 79 -2.41 -2.77 -6.06
N TYR A 80 -2.45 -1.45 -5.84
CA TYR A 80 -3.32 -0.87 -4.83
C TYR A 80 -4.79 -0.90 -5.21
N TYR A 81 -5.12 -1.18 -6.47
CA TYR A 81 -6.49 -1.05 -6.95
C TYR A 81 -7.34 -2.28 -6.64
N ILE A 82 -6.76 -3.38 -6.17
CA ILE A 82 -7.50 -4.62 -6.03
C ILE A 82 -8.70 -4.41 -5.11
N GLN A 83 -9.85 -4.97 -5.51
CA GLN A 83 -11.09 -4.91 -4.74
C GLN A 83 -11.55 -3.49 -4.49
N ALA A 84 -11.10 -2.55 -5.32
CA ALA A 84 -11.59 -1.18 -5.22
C ALA A 84 -13.03 -1.12 -5.74
N GLN A 85 -13.89 -0.42 -5.00
CA GLN A 85 -15.30 -0.29 -5.37
C GLN A 85 -15.62 1.05 -6.01
N CYS A 86 -14.67 1.99 -6.00
CA CYS A 86 -14.86 3.29 -6.63
C CYS A 86 -13.50 3.98 -6.69
N ALA A 87 -13.44 5.05 -7.47
CA ALA A 87 -12.17 5.74 -7.68
C ALA A 87 -12.41 7.21 -7.94
N ILE A 88 -11.37 8.00 -7.69
CA ILE A 88 -11.31 9.40 -8.08
C ILE A 88 -10.03 9.59 -8.87
N ILE A 89 -10.16 10.15 -10.07
CA ILE A 89 -9.02 10.56 -10.88
C ILE A 89 -8.91 12.08 -10.76
N MET A 90 -7.78 12.56 -10.26
CA MET A 90 -7.57 13.99 -10.07
C MET A 90 -6.52 14.50 -11.03
N PHE A 91 -6.75 15.69 -11.57
CA PHE A 91 -5.77 16.40 -12.38
C PHE A 91 -5.77 17.86 -11.96
N ASP A 92 -4.85 18.62 -12.54
CA ASP A 92 -4.65 20.03 -12.20
C ASP A 92 -5.05 20.88 -13.39
N VAL A 93 -5.99 21.80 -13.18
CA VAL A 93 -6.46 22.65 -14.26
C VAL A 93 -5.45 23.73 -14.65
N THR A 94 -4.34 23.86 -13.90
CA THR A 94 -3.26 24.76 -14.26
C THR A 94 -2.09 24.03 -14.90
N SER A 95 -2.24 22.74 -15.21
CA SER A 95 -1.18 21.94 -15.80
C SER A 95 -1.81 20.99 -16.82
N ARG A 96 -1.63 21.29 -18.11
CA ARG A 96 -2.28 20.50 -19.14
C ARG A 96 -1.78 19.06 -19.16
N VAL A 97 -0.52 18.84 -18.77
CA VAL A 97 0.03 17.49 -18.84
C VAL A 97 -0.70 16.56 -17.88
N THR A 98 -1.17 17.08 -16.74
CA THR A 98 -1.90 16.23 -15.79
C THR A 98 -3.22 15.76 -16.39
N TYR A 99 -3.88 16.63 -17.17
CA TYR A 99 -5.10 16.21 -17.86
C TYR A 99 -4.77 15.29 -19.03
N LYS A 100 -3.62 15.48 -19.67
CA LYS A 100 -3.25 14.63 -20.80
C LYS A 100 -3.05 13.18 -20.36
N ASN A 101 -2.70 12.95 -19.10
CA ASN A 101 -2.46 11.62 -18.58
C ASN A 101 -3.70 11.00 -17.95
N VAL A 102 -4.82 11.74 -17.86
CA VAL A 102 -6.06 11.18 -17.32
C VAL A 102 -6.42 9.88 -18.00
N PRO A 103 -6.38 9.77 -19.34
CA PRO A 103 -6.72 8.49 -19.97
C PRO A 103 -5.86 7.33 -19.47
N ASN A 104 -4.56 7.56 -19.26
CA ASN A 104 -3.69 6.49 -18.77
C ASN A 104 -4.13 6.01 -17.40
N TRP A 105 -4.42 6.95 -16.49
CA TRP A 105 -4.93 6.57 -15.18
C TRP A 105 -6.23 5.79 -15.30
N HIS A 106 -7.16 6.29 -16.12
CA HIS A 106 -8.43 5.60 -16.30
C HIS A 106 -8.23 4.20 -16.89
N ARG A 107 -7.31 4.07 -17.86
CA ARG A 107 -7.03 2.76 -18.43
C ARG A 107 -6.51 1.80 -17.37
N ASP A 108 -5.60 2.27 -16.51
CA ASP A 108 -5.06 1.40 -15.47
C ASP A 108 -6.12 1.00 -14.46
N LEU A 109 -7.08 1.90 -14.17
CA LEU A 109 -8.13 1.57 -13.22
C LEU A 109 -9.05 0.50 -13.77
N VAL A 110 -9.56 0.69 -14.99
CA VAL A 110 -10.53 -0.24 -15.55
C VAL A 110 -9.88 -1.59 -15.84
N ARG A 111 -8.57 -1.61 -16.08
CA ARG A 111 -7.89 -2.88 -16.31
C ARG A 111 -8.04 -3.81 -15.12
N VAL A 112 -8.13 -3.25 -13.91
CA VAL A 112 -8.17 -4.04 -12.68
C VAL A 112 -9.57 -4.13 -12.10
N CYS A 113 -10.36 -3.04 -12.21
CA CYS A 113 -11.64 -2.95 -11.52
C CYS A 113 -12.85 -2.98 -12.45
N GLU A 114 -12.67 -2.67 -13.74
CA GLU A 114 -13.72 -2.74 -14.75
C GLU A 114 -14.77 -1.65 -14.42
N ASN A 115 -16.06 -1.98 -14.37
CA ASN A 115 -17.11 -0.97 -14.29
C ASN A 115 -17.38 -0.61 -12.82
N ILE A 116 -16.49 0.21 -12.28
CA ILE A 116 -16.71 0.81 -10.97
C ILE A 116 -17.06 2.28 -11.20
N PRO A 117 -17.82 2.92 -10.30
CA PRO A 117 -18.08 4.36 -10.46
C PRO A 117 -16.80 5.17 -10.25
N ILE A 118 -16.55 6.10 -11.16
CA ILE A 118 -15.33 6.91 -11.16
C ILE A 118 -15.71 8.37 -11.32
N VAL A 119 -15.08 9.23 -10.52
CA VAL A 119 -15.25 10.67 -10.59
C VAL A 119 -13.96 11.30 -11.11
N LEU A 120 -14.10 12.19 -12.09
CA LEU A 120 -12.98 12.97 -12.60
C LEU A 120 -13.03 14.34 -11.97
N CYS A 121 -11.91 14.75 -11.35
CA CYS A 121 -11.84 16.00 -10.59
C CYS A 121 -10.74 16.88 -11.16
N GLY A 122 -11.12 18.09 -11.58
CA GLY A 122 -10.15 19.11 -11.94
C GLY A 122 -9.92 20.05 -10.78
N ASN A 123 -8.74 19.94 -10.15
CA ASN A 123 -8.44 20.64 -8.91
C ASN A 123 -7.73 21.97 -9.19
N LYS A 124 -7.70 22.81 -8.16
CA LYS A 124 -7.00 24.09 -8.19
C LYS A 124 -7.69 25.10 -9.11
N VAL A 125 -9.02 25.06 -9.16
CA VAL A 125 -9.76 26.05 -9.94
C VAL A 125 -9.75 27.41 -9.28
N ASP A 126 -9.29 27.51 -8.03
CA ASP A 126 -9.14 28.80 -7.38
C ASP A 126 -8.07 29.65 -8.04
N ILE A 127 -7.15 29.04 -8.79
CA ILE A 127 -6.07 29.78 -9.42
C ILE A 127 -6.60 30.52 -10.64
N LYS A 128 -6.24 31.79 -10.76
CA LYS A 128 -6.77 32.63 -11.82
C LYS A 128 -6.29 32.14 -13.19
N ASP A 129 -5.00 31.89 -13.32
CA ASP A 129 -4.39 31.51 -14.60
C ASP A 129 -4.70 30.05 -14.90
N ARG A 130 -5.94 29.80 -15.27
CA ARG A 130 -6.40 28.45 -15.58
C ARG A 130 -5.97 28.06 -16.99
N LYS A 131 -5.30 26.91 -17.11
CA LYS A 131 -4.78 26.43 -18.38
C LYS A 131 -5.71 25.43 -19.07
N VAL A 132 -6.34 24.55 -18.31
CA VAL A 132 -7.27 23.57 -18.86
C VAL A 132 -8.66 24.16 -18.70
N LYS A 133 -9.12 24.84 -19.74
CA LYS A 133 -10.42 25.50 -19.70
C LYS A 133 -11.53 24.46 -19.61
N ALA A 134 -12.67 24.89 -19.05
CA ALA A 134 -13.83 24.00 -18.95
C ALA A 134 -14.21 23.43 -20.31
N LYS A 135 -13.93 24.17 -21.39
CA LYS A 135 -14.25 23.69 -22.72
C LYS A 135 -13.39 22.49 -23.11
N SER A 136 -12.09 22.55 -22.79
CA SER A 136 -11.15 21.50 -23.21
C SER A 136 -11.35 20.19 -22.46
N ILE A 137 -12.14 20.18 -21.39
CA ILE A 137 -12.34 18.97 -20.60
C ILE A 137 -13.48 18.19 -21.26
N VAL A 138 -13.10 17.15 -22.01
CA VAL A 138 -14.07 16.32 -22.71
C VAL A 138 -13.89 14.84 -22.41
N PHE A 139 -12.91 14.46 -21.57
CA PHE A 139 -12.67 13.05 -21.33
C PHE A 139 -13.82 12.39 -20.58
N HIS A 140 -14.52 13.13 -19.72
CA HIS A 140 -15.64 12.55 -19.00
C HIS A 140 -16.77 12.17 -19.95
N ARG A 141 -16.94 12.91 -21.05
CA ARG A 141 -17.95 12.56 -22.02
C ARG A 141 -17.56 11.32 -22.81
N LYS A 142 -16.29 11.21 -23.19
CA LYS A 142 -15.83 10.08 -24.00
C LYS A 142 -15.85 8.76 -23.26
N LYS A 143 -16.00 8.77 -21.94
CA LYS A 143 -16.01 7.54 -21.15
C LYS A 143 -17.21 7.42 -20.22
N ASN A 144 -18.08 8.43 -20.16
CA ASN A 144 -19.24 8.42 -19.27
C ASN A 144 -18.81 8.40 -17.80
N LEU A 145 -18.03 9.42 -17.43
CA LEU A 145 -17.65 9.68 -16.06
C LEU A 145 -18.31 10.96 -15.57
N GLN A 146 -18.43 11.07 -14.25
CA GLN A 146 -18.89 12.29 -13.61
C GLN A 146 -17.69 13.22 -13.41
N TYR A 147 -17.83 14.47 -13.83
CA TYR A 147 -16.78 15.46 -13.67
C TYR A 147 -17.23 16.58 -12.75
N TYR A 148 -16.31 17.05 -11.92
CA TYR A 148 -16.51 18.22 -11.07
C TYR A 148 -15.28 19.09 -11.10
N ASP A 149 -15.47 20.39 -11.30
CA ASP A 149 -14.47 21.36 -10.87
C ASP A 149 -14.42 21.34 -9.35
N ILE A 150 -13.21 21.36 -8.79
CA ILE A 150 -13.04 21.36 -7.34
C ILE A 150 -11.82 22.20 -6.98
N SER A 151 -11.76 22.59 -5.71
CA SER A 151 -10.59 23.26 -5.16
C SER A 151 -10.49 22.87 -3.69
N ALA A 152 -9.40 22.19 -3.33
CA ALA A 152 -9.16 21.87 -1.94
C ALA A 152 -8.82 23.11 -1.12
N LYS A 153 -8.35 24.17 -1.76
CA LYS A 153 -8.02 25.39 -1.04
C LYS A 153 -9.28 26.18 -0.69
N SER A 154 -10.19 26.32 -1.65
CA SER A 154 -11.44 27.06 -1.43
C SER A 154 -12.61 26.16 -1.06
N ASN A 155 -12.42 24.84 -1.05
CA ASN A 155 -13.44 23.84 -0.76
C ASN A 155 -14.55 23.81 -1.82
N TYR A 156 -14.39 24.52 -2.93
CA TYR A 156 -15.39 24.51 -3.98
C TYR A 156 -15.67 23.09 -4.45
N ASN A 157 -16.91 22.64 -4.27
CA ASN A 157 -17.37 21.33 -4.69
C ASN A 157 -16.58 20.18 -4.08
N PHE A 158 -15.88 20.41 -2.96
CA PHE A 158 -15.00 19.37 -2.44
C PHE A 158 -15.76 18.18 -1.86
N GLU A 159 -17.07 18.30 -1.64
CA GLU A 159 -17.88 17.19 -1.16
C GLU A 159 -18.63 16.48 -2.29
N LYS A 160 -18.69 17.08 -3.48
CA LYS A 160 -19.47 16.48 -4.56
C LYS A 160 -18.97 15.10 -4.97
N PRO A 161 -17.66 14.85 -5.10
CA PRO A 161 -17.24 13.50 -5.53
C PRO A 161 -17.71 12.39 -4.60
N PHE A 162 -17.75 12.64 -3.30
CA PHE A 162 -18.20 11.61 -2.37
C PHE A 162 -19.72 11.48 -2.37
N LEU A 163 -20.44 12.60 -2.49
CA LEU A 163 -21.89 12.54 -2.57
C LEU A 163 -22.34 11.76 -3.80
N TRP A 164 -21.65 11.96 -4.92
CA TRP A 164 -22.03 11.27 -6.15
C TRP A 164 -21.68 9.79 -6.08
N LEU A 165 -20.46 9.48 -5.64
CA LEU A 165 -20.07 8.08 -5.47
C LEU A 165 -21.00 7.37 -4.50
N ALA A 166 -21.42 8.07 -3.43
CA ALA A 166 -22.35 7.47 -2.49
C ALA A 166 -23.68 7.15 -3.17
N ARG A 167 -24.21 8.09 -3.95
CA ARG A 167 -25.48 7.87 -4.63
C ARG A 167 -25.38 6.72 -5.63
N LYS A 168 -24.22 6.56 -6.28
CA LYS A 168 -24.05 5.48 -7.24
C LYS A 168 -23.93 4.14 -6.55
N LEU A 169 -23.16 4.07 -5.46
CA LEU A 169 -22.93 2.81 -4.77
C LEU A 169 -24.14 2.37 -3.94
N ILE A 170 -24.92 3.33 -3.43
CA ILE A 170 -26.09 3.02 -2.62
C ILE A 170 -27.36 2.91 -3.45
N GLY A 171 -27.33 3.32 -4.71
CA GLY A 171 -28.51 3.26 -5.55
C GLY A 171 -29.63 4.16 -5.10
N ASP A 172 -29.31 5.31 -4.51
CA ASP A 172 -30.32 6.25 -4.02
C ASP A 172 -30.02 7.62 -4.62
N PRO A 173 -30.75 8.04 -5.66
CA PRO A 173 -30.52 9.36 -6.24
C PRO A 173 -30.77 10.51 -5.28
N ASN A 174 -31.57 10.31 -4.24
CA ASN A 174 -31.95 11.37 -3.31
C ASN A 174 -31.08 11.41 -2.07
N LEU A 175 -30.01 10.63 -2.02
CA LEU A 175 -29.16 10.61 -0.84
C LEU A 175 -28.59 11.99 -0.56
N GLU A 176 -28.59 12.37 0.72
CA GLU A 176 -28.07 13.66 1.15
C GLU A 176 -27.13 13.47 2.32
N PHE A 177 -26.14 14.36 2.42
CA PHE A 177 -25.35 14.45 3.64
C PHE A 177 -26.16 15.20 4.69
N VAL A 178 -26.06 14.74 5.94
CA VAL A 178 -26.80 15.33 7.04
C VAL A 178 -25.86 15.59 8.21
N ALA A 179 -26.32 16.43 9.12
CA ALA A 179 -25.53 16.77 10.30
C ALA A 179 -25.25 15.52 11.13
N MET A 180 -23.98 15.23 11.35
CA MET A 180 -23.64 14.09 12.18
C MET A 180 -24.06 14.36 13.62
N PRO A 181 -24.55 13.35 14.34
CA PRO A 181 -24.96 13.59 15.74
C PRO A 181 -23.85 14.24 16.56
N ALA A 182 -24.19 15.35 17.20
CA ALA A 182 -23.26 16.09 18.05
C ALA A 182 -23.58 15.75 19.50
N LEU A 183 -22.94 14.70 19.99
CA LEU A 183 -23.21 14.22 21.34
C LEU A 183 -22.77 15.26 22.35
N ALA A 184 -23.63 15.54 23.32
CA ALA A 184 -23.25 16.42 24.42
C ALA A 184 -22.02 15.83 25.11
N PRO A 185 -20.93 16.59 25.24
CA PRO A 185 -19.71 16.01 25.79
C PRO A 185 -19.72 16.02 27.31
N PRO A 186 -19.03 15.08 27.94
CA PRO A 186 -18.93 15.10 29.41
C PRO A 186 -17.95 16.16 29.90
N GLU A 187 -18.14 16.57 31.14
CA GLU A 187 -17.26 17.54 31.79
C GLU A 187 -16.04 16.80 32.29
N VAL A 188 -14.92 16.93 31.59
CA VAL A 188 -13.67 16.27 31.96
C VAL A 188 -12.80 17.26 32.71
N VAL A 189 -12.15 16.79 33.77
CA VAL A 189 -11.17 17.57 34.50
C VAL A 189 -9.81 17.30 33.87
N MET A 190 -9.12 18.38 33.49
CA MET A 190 -7.89 18.23 32.73
C MET A 190 -6.75 17.74 33.62
N ASP A 191 -5.88 16.94 33.01
CA ASP A 191 -4.75 16.30 33.69
C ASP A 191 -3.79 17.33 34.24
N PRO A 192 -3.65 17.46 35.57
CA PRO A 192 -2.67 18.41 36.11
C PRO A 192 -1.24 18.10 35.73
N ALA A 193 -0.95 16.85 35.34
CA ALA A 193 0.41 16.49 34.98
C ALA A 193 0.85 17.20 33.71
N LEU A 194 -0.01 17.22 32.69
CA LEU A 194 0.28 17.90 31.43
C LEU A 194 -0.10 19.37 31.45
N ALA A 195 -0.36 19.93 32.64
CA ALA A 195 -0.80 21.32 32.72
C ALA A 195 0.28 22.28 32.24
N ALA A 196 1.55 22.02 32.62
CA ALA A 196 2.63 22.90 32.19
C ALA A 196 2.87 22.81 30.69
N GLN A 197 2.61 21.65 30.08
CA GLN A 197 2.77 21.53 28.64
C GLN A 197 1.69 22.32 27.91
N TYR A 198 0.43 22.21 28.35
CA TYR A 198 -0.63 23.01 27.76
C TYR A 198 -0.31 24.49 27.86
N GLU A 199 0.32 24.91 28.96
CA GLU A 199 0.62 26.33 29.15
C GLU A 199 1.67 26.81 28.16
N HIS A 200 2.75 26.04 27.98
CA HIS A 200 3.79 26.45 27.04
C HIS A 200 3.24 26.50 25.62
N ASP A 201 2.49 25.47 25.22
CA ASP A 201 1.90 25.46 23.89
C ASP A 201 1.06 26.70 23.63
N LEU A 202 0.31 27.15 24.64
CA LEU A 202 -0.55 28.30 24.45
C LEU A 202 0.28 29.57 24.26
N GLU A 203 1.40 29.69 24.96
CA GLU A 203 2.25 30.87 24.82
C GLU A 203 2.86 30.94 23.43
N VAL A 204 3.40 29.82 22.95
CA VAL A 204 3.95 29.80 21.59
C VAL A 204 2.87 30.06 20.57
N ALA A 205 1.68 29.48 20.77
CA ALA A 205 0.59 29.67 19.82
C ALA A 205 0.16 31.14 19.75
N GLN A 206 0.27 31.87 20.85
CA GLN A 206 -0.13 33.27 20.87
C GLN A 206 0.87 34.18 20.17
N THR A 207 2.05 33.67 19.80
CA THR A 207 3.01 34.44 19.02
C THR A 207 2.96 34.11 17.54
N THR A 208 2.25 33.05 17.15
CA THR A 208 2.21 32.59 15.77
C THR A 208 0.87 32.95 15.14
N ALA A 209 0.92 33.49 13.93
CA ALA A 209 -0.26 34.00 13.26
C ALA A 209 -0.99 32.89 12.51
N LEU A 210 -2.26 33.14 12.20
CA LEU A 210 -3.05 32.17 11.47
C LEU A 210 -2.58 32.11 10.01
N PRO A 211 -2.79 30.97 9.33
CA PRO A 211 -2.22 30.81 7.98
C PRO A 211 -2.45 31.98 7.04
N ASP A 212 -3.67 32.49 6.95
CA ASP A 212 -3.97 33.62 6.06
C ASP A 212 -4.33 34.86 6.88
N GLY B 1 -19.62 0.21 -20.77
CA GLY B 1 -20.06 1.10 -21.84
C GLY B 1 -21.56 1.26 -21.90
N PRO B 2 -22.05 1.98 -22.90
CA PRO B 2 -23.50 2.20 -23.02
C PRO B 2 -24.26 0.89 -23.12
N GLY B 3 -25.50 0.92 -22.65
CA GLY B 3 -26.36 -0.25 -22.67
C GLY B 3 -26.45 -0.95 -21.33
N SER B 4 -27.08 -2.11 -21.36
CA SER B 4 -27.31 -2.86 -20.14
C SER B 4 -26.03 -3.50 -19.62
N HIS B 5 -25.92 -3.59 -18.29
CA HIS B 5 -24.80 -4.20 -17.61
C HIS B 5 -25.05 -4.19 -16.10
N PHE B 6 -24.45 -5.13 -15.38
CA PHE B 6 -24.69 -5.26 -13.95
C PHE B 6 -23.70 -4.43 -13.15
N GLU B 7 -24.19 -3.81 -12.07
CA GLU B 7 -23.37 -3.09 -11.13
C GLU B 7 -23.70 -3.58 -9.72
N PRO B 8 -22.71 -3.70 -8.84
CA PRO B 8 -23.00 -4.04 -7.43
C PRO B 8 -23.57 -2.82 -6.70
N ILE B 9 -24.74 -2.99 -6.12
CA ILE B 9 -25.44 -1.92 -5.40
C ILE B 9 -25.79 -2.41 -4.00
N VAL B 10 -25.54 -1.57 -3.00
CA VAL B 10 -25.86 -1.87 -1.61
C VAL B 10 -27.04 -0.99 -1.21
N SER B 11 -28.17 -1.61 -0.92
CA SER B 11 -29.38 -0.89 -0.53
C SER B 11 -29.41 -0.71 0.98
N LEU B 12 -29.71 0.51 1.42
CA LEU B 12 -29.76 0.85 2.84
C LEU B 12 -31.13 1.42 3.18
N PRO B 13 -31.60 1.23 4.41
CA PRO B 13 -32.89 1.81 4.81
C PRO B 13 -32.74 3.24 5.28
N GLU B 14 -33.81 4.01 5.08
CA GLU B 14 -33.85 5.36 5.63
C GLU B 14 -33.71 5.31 7.14
N VAL B 15 -33.05 6.32 7.70
CA VAL B 15 -32.83 6.42 9.14
C VAL B 15 -33.09 7.85 9.57
N GLU B 16 -33.70 8.01 10.74
CA GLU B 16 -33.90 9.33 11.34
C GLU B 16 -32.67 9.65 12.19
N VAL B 17 -31.86 10.59 11.71
CA VAL B 17 -30.61 10.97 12.38
C VAL B 17 -30.87 12.23 13.17
N LYS B 18 -30.60 12.18 14.47
CA LYS B 18 -30.77 13.33 15.35
C LYS B 18 -29.48 14.13 15.41
N SER B 19 -29.63 15.46 15.43
CA SER B 19 -28.47 16.35 15.45
C SER B 19 -27.83 16.44 16.83
N GLY B 20 -28.56 16.08 17.89
CA GLY B 20 -28.08 16.28 19.23
C GLY B 20 -28.29 17.68 19.78
N GLU B 21 -28.93 18.57 19.02
CA GLU B 21 -29.16 19.94 19.42
C GLU B 21 -30.63 20.22 19.73
N GLU B 22 -31.49 19.20 19.70
CA GLU B 22 -32.92 19.45 19.80
C GLU B 22 -33.30 20.08 21.13
N ASP B 23 -32.57 19.78 22.20
CA ASP B 23 -32.92 20.22 23.54
C ASP B 23 -32.09 21.42 24.00
N GLU B 24 -31.61 22.24 23.06
CA GLU B 24 -30.71 23.34 23.39
C GLU B 24 -31.19 24.63 22.73
N GLU B 25 -30.87 25.75 23.38
CA GLU B 25 -31.21 27.08 22.90
C GLU B 25 -30.00 27.72 22.23
N ILE B 26 -30.24 28.36 21.09
CA ILE B 26 -29.15 29.02 20.35
C ILE B 26 -28.96 30.40 20.96
N LEU B 27 -27.84 30.59 21.66
CA LEU B 27 -27.47 31.91 22.16
C LEU B 27 -26.63 32.70 21.16
N PHE B 28 -25.98 32.02 20.23
CA PHE B 28 -25.09 32.66 19.28
C PHE B 28 -24.96 31.74 18.07
N LYS B 29 -24.98 32.33 16.88
CA LYS B 29 -24.83 31.57 15.64
C LYS B 29 -24.30 32.52 14.57
N GLU B 30 -23.02 32.36 14.22
CA GLU B 30 -22.39 33.20 13.22
C GLU B 30 -21.35 32.40 12.46
N ARG B 31 -21.08 32.81 11.23
CA ARG B 31 -20.07 32.14 10.42
C ARG B 31 -18.67 32.44 10.94
N ALA B 32 -17.79 31.46 10.86
CA ALA B 32 -16.45 31.60 11.42
C ALA B 32 -15.52 30.59 10.76
N LYS B 33 -14.23 30.89 10.86
CA LYS B 33 -13.17 29.95 10.51
C LYS B 33 -12.46 29.55 11.80
N LEU B 34 -12.45 28.24 12.09
CA LEU B 34 -11.81 27.71 13.29
C LEU B 34 -10.43 27.17 12.93
N TYR B 35 -9.49 27.36 13.86
CA TYR B 35 -8.13 26.86 13.69
C TYR B 35 -7.73 26.08 14.93
N ARG B 36 -6.80 25.16 14.75
CA ARG B 36 -6.28 24.35 15.83
C ARG B 36 -4.76 24.42 15.83
N TRP B 37 -4.18 24.53 17.02
CA TRP B 37 -2.73 24.61 17.16
C TRP B 37 -2.12 23.22 17.09
N ASP B 38 -1.14 23.04 16.21
CA ASP B 38 -0.40 21.79 16.08
C ASP B 38 0.99 22.01 16.67
N ARG B 39 1.20 21.50 17.89
CA ARG B 39 2.45 21.72 18.59
C ARG B 39 3.63 21.02 17.92
N ASP B 40 3.38 19.98 17.13
CA ASP B 40 4.48 19.22 16.54
C ASP B 40 5.20 20.01 15.45
N VAL B 41 4.49 20.91 14.76
CA VAL B 41 5.09 21.75 13.74
C VAL B 41 4.93 23.24 14.05
N SER B 42 4.41 23.57 15.23
CA SER B 42 4.21 24.95 15.67
C SER B 42 3.51 25.78 14.58
N GLN B 43 2.30 25.34 14.24
CA GLN B 43 1.48 26.02 13.26
C GLN B 43 0.03 26.05 13.73
N TRP B 44 -0.68 27.11 13.36
CA TRP B 44 -2.13 27.09 13.37
C TRP B 44 -2.60 26.42 12.08
N LYS B 45 -3.45 25.41 12.22
CA LYS B 45 -4.01 24.70 11.08
C LYS B 45 -5.50 24.95 11.00
N GLU B 46 -6.00 25.25 9.80
CA GLU B 46 -7.43 25.39 9.60
C GLU B 46 -8.15 24.15 10.10
N ARG B 47 -9.23 24.36 10.85
CA ARG B 47 -9.97 23.27 11.47
C ARG B 47 -11.38 23.13 10.91
N GLY B 48 -11.94 24.19 10.33
CA GLY B 48 -13.26 24.12 9.76
C GLY B 48 -13.83 25.49 9.53
N VAL B 49 -14.78 25.57 8.61
CA VAL B 49 -15.46 26.81 8.26
C VAL B 49 -16.96 26.55 8.23
N GLY B 50 -17.70 27.38 8.96
CA GLY B 50 -19.14 27.19 9.05
C GLY B 50 -19.72 28.08 10.14
N ASP B 51 -20.84 27.63 10.70
CA ASP B 51 -21.49 28.35 11.80
C ASP B 51 -21.01 27.79 13.13
N ILE B 52 -20.47 28.66 13.98
CA ILE B 52 -20.09 28.30 15.34
C ILE B 52 -21.22 28.74 16.26
N LYS B 53 -21.64 27.84 17.15
CA LYS B 53 -22.80 28.06 17.99
C LYS B 53 -22.43 28.00 19.47
N ILE B 54 -23.09 28.84 20.25
CA ILE B 54 -23.11 28.72 21.70
C ILE B 54 -24.50 28.21 22.07
N LEU B 55 -24.58 26.99 22.55
CA LEU B 55 -25.84 26.32 22.86
C LEU B 55 -26.01 26.17 24.35
N GLN B 56 -27.26 26.28 24.82
CA GLN B 56 -27.60 26.08 26.22
C GLN B 56 -28.78 25.12 26.30
N ASN B 57 -28.64 24.10 27.14
CA ASN B 57 -29.71 23.13 27.33
C ASN B 57 -30.85 23.76 28.12
N TYR B 58 -32.08 23.59 27.63
CA TYR B 58 -33.24 24.14 28.33
C TYR B 58 -33.33 23.63 29.75
N ASP B 59 -33.14 22.32 29.94
CA ASP B 59 -33.43 21.69 31.23
C ASP B 59 -32.29 21.89 32.23
N ASN B 60 -31.08 21.44 31.89
CA ASN B 60 -29.97 21.46 32.83
C ASN B 60 -29.07 22.68 32.68
N LYS B 61 -29.40 23.62 31.79
CA LYS B 61 -28.73 24.91 31.67
C LYS B 61 -27.24 24.78 31.33
N GLN B 62 -26.80 23.62 30.85
CA GLN B 62 -25.40 23.45 30.48
C GLN B 62 -25.12 24.13 29.15
N VAL B 63 -23.97 24.79 29.06
CA VAL B 63 -23.59 25.59 27.90
C VAL B 63 -22.38 24.93 27.24
N ARG B 64 -22.44 24.80 25.92
CA ARG B 64 -21.33 24.25 25.16
C ARG B 64 -21.17 25.03 23.86
N ILE B 65 -20.00 24.86 23.25
CA ILE B 65 -19.70 25.38 21.92
C ILE B 65 -19.82 24.23 20.93
N LEU B 66 -20.46 24.49 19.80
CA LEU B 66 -20.63 23.49 18.76
C LEU B 66 -20.49 24.17 17.40
N MET B 67 -19.75 23.53 16.50
CA MET B 67 -19.53 24.05 15.17
C MET B 67 -19.51 22.89 14.18
N ARG B 68 -20.05 23.13 12.99
CA ARG B 68 -20.11 22.13 11.93
C ARG B 68 -19.54 22.71 10.66
N ARG B 69 -18.91 21.85 9.86
CA ARG B 69 -18.30 22.27 8.60
C ARG B 69 -19.37 22.44 7.54
N ASP B 70 -19.10 23.33 6.58
CA ASP B 70 -20.01 23.54 5.46
C ASP B 70 -20.00 22.35 4.53
N GLN B 71 -21.17 22.05 3.97
CA GLN B 71 -21.32 21.08 2.88
C GLN B 71 -21.21 19.63 3.37
N VAL B 72 -20.35 19.38 4.36
CA VAL B 72 -20.24 18.06 4.95
C VAL B 72 -20.91 17.98 6.33
N PHE B 73 -21.05 19.11 7.02
CA PHE B 73 -21.81 19.20 8.27
C PHE B 73 -21.18 18.39 9.39
N LYS B 74 -19.90 18.07 9.29
CA LYS B 74 -19.22 17.34 10.35
C LYS B 74 -18.81 18.29 11.48
N VAL B 75 -18.71 17.74 12.67
CA VAL B 75 -18.33 18.53 13.84
C VAL B 75 -16.84 18.81 13.79
N CYS B 76 -16.48 20.08 13.99
CA CYS B 76 -15.10 20.48 14.17
C CYS B 76 -14.84 21.12 15.53
N ALA B 77 -15.86 21.22 16.38
CA ALA B 77 -15.68 21.72 17.75
C ALA B 77 -16.89 21.30 18.56
N ASN B 78 -16.66 20.77 19.76
CA ASN B 78 -17.74 20.32 20.63
C ASN B 78 -17.17 20.21 22.05
N HIS B 79 -17.45 21.22 22.87
CA HIS B 79 -16.89 21.25 24.22
C HIS B 79 -17.73 22.16 25.10
N VAL B 80 -17.83 21.80 26.38
CA VAL B 80 -18.54 22.62 27.34
C VAL B 80 -17.71 23.86 27.68
N ILE B 81 -18.41 24.95 28.01
CA ILE B 81 -17.76 26.16 28.48
C ILE B 81 -17.58 26.04 29.99
N THR B 82 -16.36 26.28 30.45
CA THR B 82 -16.03 26.21 31.87
C THR B 82 -15.65 27.60 32.38
N LYS B 83 -15.65 27.74 33.70
CA LYS B 83 -15.30 29.01 34.31
C LYS B 83 -13.81 29.31 34.23
N THR B 84 -12.99 28.28 34.01
CA THR B 84 -11.53 28.44 33.96
C THR B 84 -11.02 28.80 32.58
N MET B 85 -11.84 28.66 31.53
CA MET B 85 -11.40 29.03 30.20
C MET B 85 -11.13 30.54 30.13
N GLU B 86 -10.12 30.90 29.35
CA GLU B 86 -9.75 32.29 29.13
C GLU B 86 -9.78 32.56 27.62
N LEU B 87 -10.80 33.31 27.18
CA LEU B 87 -10.93 33.69 25.78
C LEU B 87 -10.21 35.01 25.57
N LYS B 88 -9.05 34.96 24.91
CA LYS B 88 -8.19 36.11 24.72
C LYS B 88 -8.03 36.46 23.25
N PRO B 89 -7.72 37.72 22.94
CA PRO B 89 -7.42 38.07 21.54
C PRO B 89 -6.10 37.45 21.10
N LEU B 90 -6.04 37.10 19.81
CA LEU B 90 -4.80 36.68 19.18
C LEU B 90 -4.16 37.94 18.59
N ASN B 91 -3.17 38.49 19.29
CA ASN B 91 -2.65 39.80 18.92
C ASN B 91 -2.03 39.80 17.52
N VAL B 92 -1.50 38.66 17.08
CA VAL B 92 -0.79 38.61 15.80
C VAL B 92 -1.73 38.40 14.61
N SER B 93 -3.04 38.34 14.84
CA SER B 93 -4.01 38.24 13.76
C SER B 93 -5.16 39.19 14.05
N ASN B 94 -6.04 39.35 13.06
CA ASN B 94 -7.14 40.31 13.14
C ASN B 94 -8.45 39.58 13.40
N ASN B 95 -9.24 40.12 14.33
CA ASN B 95 -10.58 39.60 14.62
C ASN B 95 -10.54 38.13 15.03
N ALA B 96 -9.50 37.75 15.76
CA ALA B 96 -9.29 36.37 16.16
C ALA B 96 -9.25 36.25 17.68
N LEU B 97 -9.82 35.17 18.19
CA LEU B 97 -9.86 34.88 19.62
C LEU B 97 -9.32 33.48 19.86
N VAL B 98 -8.65 33.30 20.99
CA VAL B 98 -7.96 32.05 21.32
C VAL B 98 -8.40 31.57 22.69
N TRP B 99 -8.51 30.26 22.85
CA TRP B 99 -8.83 29.65 24.14
C TRP B 99 -8.51 28.17 24.07
N THR B 100 -8.48 27.54 25.23
CA THR B 100 -8.14 26.13 25.38
C THR B 100 -9.36 25.35 25.86
N ALA B 101 -9.56 24.16 25.32
CA ALA B 101 -10.72 23.37 25.67
C ALA B 101 -10.42 21.89 25.43
N SER B 102 -11.16 21.05 26.15
CA SER B 102 -11.19 19.62 25.87
C SER B 102 -12.29 19.38 24.85
N ASP B 103 -11.90 19.11 23.61
CA ASP B 103 -12.82 19.07 22.49
C ASP B 103 -13.13 17.63 22.09
N TYR B 104 -14.36 17.43 21.57
CA TYR B 104 -14.86 16.11 21.21
C TYR B 104 -15.26 16.03 19.74
N ALA B 105 -14.71 16.90 18.89
CA ALA B 105 -15.10 16.91 17.49
C ALA B 105 -14.85 15.56 16.83
N ASP B 106 -13.75 14.89 17.18
CA ASP B 106 -13.35 13.65 16.55
C ASP B 106 -13.80 12.41 17.29
N GLY B 107 -14.69 12.55 18.27
CA GLY B 107 -15.24 11.42 18.98
C GLY B 107 -14.58 11.11 20.32
N GLU B 108 -13.45 11.74 20.62
CA GLU B 108 -12.76 11.51 21.87
C GLU B 108 -12.18 12.82 22.36
N ALA B 109 -11.96 12.90 23.68
CA ALA B 109 -11.47 14.12 24.30
C ALA B 109 -10.03 14.38 23.89
N LYS B 110 -9.75 15.61 23.45
CA LYS B 110 -8.41 16.05 23.12
C LYS B 110 -8.26 17.49 23.58
N VAL B 111 -7.26 17.76 24.42
CA VAL B 111 -6.97 19.14 24.79
C VAL B 111 -6.39 19.86 23.58
N GLU B 112 -6.95 21.02 23.25
CA GLU B 112 -6.58 21.73 22.04
C GLU B 112 -6.58 23.23 22.31
N GLN B 113 -5.63 23.92 21.71
CA GLN B 113 -5.66 25.37 21.62
C GLN B 113 -6.39 25.73 20.32
N LEU B 114 -7.50 26.46 20.45
CA LEU B 114 -8.33 26.80 19.31
C LEU B 114 -8.28 28.30 19.06
N ALA B 115 -8.46 28.67 17.79
CA ALA B 115 -8.54 30.07 17.38
C ALA B 115 -9.71 30.21 16.42
N VAL B 116 -10.57 31.17 16.67
CA VAL B 116 -11.76 31.42 15.85
C VAL B 116 -11.65 32.82 15.26
N ARG B 117 -11.93 32.93 13.97
CA ARG B 117 -11.85 34.19 13.23
C ARG B 117 -13.21 34.49 12.62
N PHE B 118 -13.69 35.71 12.82
CA PHE B 118 -14.99 36.14 12.32
C PHE B 118 -14.83 37.16 11.21
N LYS B 119 -15.94 37.42 10.51
CA LYS B 119 -15.93 38.38 9.42
C LYS B 119 -15.56 39.77 9.92
N THR B 120 -16.26 40.26 10.93
CA THR B 120 -16.08 41.60 11.46
C THR B 120 -15.59 41.54 12.90
N LYS B 121 -14.93 42.64 13.32
CA LYS B 121 -14.61 42.82 14.73
C LYS B 121 -15.88 42.83 15.57
N GLU B 122 -16.97 43.36 15.02
CA GLU B 122 -18.22 43.45 15.77
C GLU B 122 -18.72 42.07 16.17
N VAL B 123 -18.76 41.14 15.22
CA VAL B 123 -19.20 39.78 15.52
C VAL B 123 -18.28 39.13 16.55
N ALA B 124 -16.97 39.31 16.38
CA ALA B 124 -16.02 38.78 17.36
C ALA B 124 -16.33 39.29 18.75
N ASP B 125 -16.59 40.61 18.87
CA ASP B 125 -16.90 41.18 20.18
C ASP B 125 -18.19 40.61 20.74
N CYS B 126 -19.16 40.29 19.87
CA CYS B 126 -20.40 39.70 20.35
C CYS B 126 -20.20 38.27 20.82
N PHE B 127 -19.32 37.53 20.13
CA PHE B 127 -19.01 36.17 20.57
C PHE B 127 -18.33 36.17 21.93
N LYS B 128 -17.31 37.02 22.09
CA LYS B 128 -16.61 37.12 23.37
C LYS B 128 -17.54 37.59 24.49
N LYS B 129 -18.51 38.46 24.16
CA LYS B 129 -19.44 38.92 25.19
C LYS B 129 -20.38 37.79 25.62
N THR B 130 -20.97 37.09 24.65
CA THR B 130 -21.86 35.97 24.99
C THR B 130 -21.09 34.86 25.69
N PHE B 131 -19.86 34.61 25.25
CA PHE B 131 -19.02 33.59 25.90
C PHE B 131 -18.83 33.92 27.38
N GLU B 132 -18.45 35.17 27.68
CA GLU B 132 -18.17 35.56 29.06
C GLU B 132 -19.45 35.74 29.88
N GLU B 133 -20.57 36.03 29.23
CA GLU B 133 -21.84 36.08 29.96
C GLU B 133 -22.25 34.69 30.45
N CYS B 134 -21.96 33.66 29.65
CA CYS B 134 -22.22 32.30 30.10
C CYS B 134 -21.31 31.92 31.25
N GLN B 135 -20.06 32.38 31.22
CA GLN B 135 -19.13 32.06 32.31
C GLN B 135 -19.58 32.71 33.62
N GLN B 136 -20.06 33.95 33.56
CA GLN B 136 -20.46 34.64 34.78
C GLN B 136 -21.71 34.01 35.40
N ASN B 137 -22.57 33.41 34.58
CA ASN B 137 -23.77 32.74 35.07
C ASN B 137 -23.51 31.31 35.50
N LEU B 138 -22.24 30.90 35.60
CA LEU B 138 -21.90 29.58 36.12
C LEU B 138 -21.86 29.59 37.64
N PRO C 8 -10.06 -25.61 8.07
CA PRO C 8 -10.09 -24.41 8.91
C PRO C 8 -11.14 -23.39 8.47
N GLN C 9 -11.16 -23.06 7.19
CA GLN C 9 -12.08 -22.03 6.66
C GLN C 9 -11.71 -20.65 7.20
N VAL C 10 -11.62 -20.54 8.53
CA VAL C 10 -11.20 -19.30 9.18
C VAL C 10 -9.71 -19.10 8.90
N GLN C 11 -9.38 -18.05 8.12
CA GLN C 11 -8.00 -17.74 7.78
C GLN C 11 -7.74 -16.26 7.96
N PHE C 12 -6.59 -15.93 8.55
CA PHE C 12 -6.16 -14.56 8.75
C PHE C 12 -4.79 -14.34 8.14
N LYS C 13 -4.60 -13.21 7.47
CA LYS C 13 -3.30 -12.85 6.91
C LYS C 13 -2.52 -12.08 7.97
N LEU C 14 -1.37 -12.64 8.35
CA LEU C 14 -0.49 -12.06 9.36
C LEU C 14 0.83 -11.71 8.70
N VAL C 15 1.25 -10.45 8.85
CA VAL C 15 2.50 -9.97 8.29
C VAL C 15 3.49 -9.82 9.44
N LEU C 16 4.66 -10.43 9.28
CA LEU C 16 5.70 -10.46 10.30
C LEU C 16 6.85 -9.58 9.83
N VAL C 17 7.17 -8.54 10.60
CA VAL C 17 8.14 -7.53 10.21
C VAL C 17 9.10 -7.27 11.36
N GLY C 18 10.23 -6.68 11.02
CA GLY C 18 11.27 -6.36 11.99
C GLY C 18 12.62 -6.36 11.33
N ASP C 19 13.60 -5.78 12.03
CA ASP C 19 14.94 -5.68 11.49
C ASP C 19 15.51 -7.05 11.18
N GLY C 20 16.56 -7.07 10.35
CA GLY C 20 17.21 -8.31 10.00
C GLY C 20 17.94 -8.91 11.19
N GLY C 21 17.90 -10.23 11.29
CA GLY C 21 18.57 -10.95 12.36
C GLY C 21 17.82 -11.01 13.67
N THR C 22 16.61 -10.43 13.74
CA THR C 22 15.87 -10.42 15.00
C THR C 22 15.27 -11.77 15.34
N GLY C 23 15.15 -12.67 14.37
CA GLY C 23 14.65 -14.01 14.60
C GLY C 23 13.29 -14.32 13.99
N LYS C 24 12.81 -13.53 13.03
CA LYS C 24 11.49 -13.75 12.47
C LYS C 24 11.37 -15.14 11.84
N THR C 25 12.29 -15.47 10.94
CA THR C 25 12.23 -16.75 10.26
C THR C 25 12.40 -17.90 11.24
N THR C 26 13.34 -17.78 12.18
CA THR C 26 13.54 -18.81 13.18
C THR C 26 12.27 -19.02 14.00
N PHE C 27 11.57 -17.93 14.30
CA PHE C 27 10.34 -18.03 15.08
C PHE C 27 9.26 -18.79 14.32
N VAL C 28 9.10 -18.50 13.03
CA VAL C 28 8.09 -19.20 12.23
C VAL C 28 8.47 -20.67 12.06
N LYS C 29 9.72 -20.95 11.74
CA LYS C 29 10.14 -22.34 11.57
C LYS C 29 9.90 -23.15 12.84
N ARG C 30 10.17 -22.56 14.00
CA ARG C 30 9.91 -23.26 15.26
C ARG C 30 8.44 -23.69 15.34
N HIS C 31 7.52 -22.79 14.98
CA HIS C 31 6.11 -23.14 15.01
C HIS C 31 5.76 -24.18 13.96
N LEU C 32 6.35 -24.06 12.77
CA LEU C 32 6.01 -24.98 11.68
C LEU C 32 6.44 -26.40 12.00
N THR C 33 7.75 -26.61 12.23
CA THR C 33 8.31 -27.95 12.34
C THR C 33 8.82 -28.29 13.72
N GLY C 34 8.86 -27.33 14.66
CA GLY C 34 9.45 -27.56 15.95
C GLY C 34 10.96 -27.43 16.00
N GLU C 35 11.60 -27.09 14.88
CA GLU C 35 13.05 -27.04 14.83
C GLU C 35 13.56 -25.69 15.33
N PHE C 36 14.86 -25.63 15.57
CA PHE C 36 15.56 -24.38 15.87
C PHE C 36 16.72 -24.24 14.89
N GLU C 37 16.60 -23.30 13.95
CA GLU C 37 17.63 -23.09 12.94
C GLU C 37 18.66 -22.10 13.47
N LYS C 38 19.90 -22.56 13.61
CA LYS C 38 20.96 -21.72 14.13
C LYS C 38 21.65 -20.88 13.07
N LYS C 39 21.63 -21.32 11.81
CA LYS C 39 22.29 -20.59 10.74
C LYS C 39 21.42 -19.43 10.29
N TYR C 40 22.04 -18.26 10.12
CA TYR C 40 21.33 -17.06 9.66
C TYR C 40 21.40 -17.02 8.14
N VAL C 41 20.27 -17.29 7.49
CA VAL C 41 20.10 -17.09 6.06
C VAL C 41 19.04 -16.03 5.89
N ALA C 42 19.44 -14.86 5.40
CA ALA C 42 18.50 -13.74 5.27
C ALA C 42 17.36 -14.11 4.34
N THR C 43 16.16 -13.66 4.70
CA THR C 43 14.99 -13.85 3.87
C THR C 43 15.00 -12.86 2.70
N LEU C 44 14.67 -13.35 1.51
CA LEU C 44 14.65 -12.54 0.29
C LEU C 44 13.19 -12.23 -0.04
N GLY C 45 12.82 -10.95 0.05
CA GLY C 45 11.47 -10.53 -0.23
C GLY C 45 10.51 -10.98 0.86
N VAL C 46 9.79 -12.07 0.62
CA VAL C 46 8.87 -12.62 1.60
C VAL C 46 8.72 -14.11 1.35
N GLU C 47 8.51 -14.84 2.44
CA GLU C 47 8.14 -16.25 2.39
C GLU C 47 6.88 -16.43 3.22
N VAL C 48 5.91 -17.15 2.68
CA VAL C 48 4.59 -17.28 3.29
C VAL C 48 4.42 -18.71 3.79
N HIS C 49 3.96 -18.84 5.03
CA HIS C 49 3.83 -20.14 5.69
C HIS C 49 2.47 -20.23 6.35
N PRO C 50 1.63 -21.20 5.99
CA PRO C 50 0.38 -21.40 6.74
C PRO C 50 0.65 -22.04 8.09
N LEU C 51 -0.02 -21.51 9.12
CA LEU C 51 0.08 -22.02 10.48
C LEU C 51 -1.31 -22.26 11.02
N VAL C 52 -1.60 -23.50 11.42
CA VAL C 52 -2.89 -23.87 11.99
C VAL C 52 -2.74 -24.03 13.49
N PHE C 53 -3.69 -23.47 14.24
CA PHE C 53 -3.81 -23.70 15.67
C PHE C 53 -5.21 -24.22 15.95
N HIS C 54 -5.30 -25.24 16.80
CA HIS C 54 -6.59 -25.81 17.19
C HIS C 54 -7.05 -25.19 18.50
N THR C 55 -8.28 -24.68 18.50
CA THR C 55 -8.84 -23.98 19.64
C THR C 55 -10.18 -24.60 20.01
N ASN C 56 -10.73 -24.14 21.13
CA ASN C 56 -12.06 -24.57 21.56
C ASN C 56 -13.17 -24.04 20.67
N ARG C 57 -12.83 -23.19 19.69
CA ARG C 57 -13.79 -22.72 18.70
C ARG C 57 -13.37 -23.14 17.29
N GLY C 58 -12.65 -24.26 17.20
CA GLY C 58 -12.28 -24.82 15.92
C GLY C 58 -10.86 -24.46 15.53
N PRO C 59 -10.40 -25.03 14.41
CA PRO C 59 -9.05 -24.69 13.92
C PRO C 59 -9.01 -23.29 13.34
N ILE C 60 -7.89 -22.61 13.56
CA ILE C 60 -7.67 -21.25 13.09
C ILE C 60 -6.35 -21.21 12.36
N LYS C 61 -6.38 -20.72 11.11
CA LYS C 61 -5.21 -20.68 10.26
C LYS C 61 -4.69 -19.26 10.15
N PHE C 62 -3.39 -19.08 10.42
CA PHE C 62 -2.69 -17.82 10.16
C PHE C 62 -1.80 -18.03 8.93
N ASN C 63 -1.99 -17.20 7.92
CA ASN C 63 -1.11 -17.19 6.76
C ASN C 63 -0.02 -16.16 7.04
N VAL C 64 1.15 -16.64 7.43
CA VAL C 64 2.21 -15.77 7.94
C VAL C 64 3.08 -15.31 6.78
N TRP C 65 3.13 -14.01 6.57
CA TRP C 65 4.00 -13.39 5.57
C TRP C 65 5.28 -12.97 6.29
N ASP C 66 6.32 -13.80 6.19
CA ASP C 66 7.60 -13.56 6.84
C ASP C 66 8.44 -12.68 5.92
N THR C 67 8.55 -11.41 6.25
CA THR C 67 9.19 -10.44 5.37
C THR C 67 10.68 -10.32 5.68
N ALA C 68 11.40 -9.73 4.73
CA ALA C 68 12.84 -9.54 4.87
C ALA C 68 13.13 -8.28 5.68
N GLY C 69 14.05 -8.39 6.63
CA GLY C 69 14.44 -7.27 7.45
C GLY C 69 15.60 -6.47 6.87
N GLN C 70 16.41 -7.11 6.04
CA GLN C 70 17.54 -6.43 5.42
C GLN C 70 17.06 -5.45 4.36
N GLU C 71 17.53 -4.21 4.45
CA GLU C 71 17.13 -3.19 3.48
C GLU C 71 17.44 -3.61 2.05
N LYS C 72 18.52 -4.38 1.86
CA LYS C 72 18.92 -4.77 0.51
C LYS C 72 18.07 -5.90 -0.04
N PHE C 73 17.41 -6.67 0.83
CA PHE C 73 16.56 -7.78 0.43
C PHE C 73 15.08 -7.48 0.66
N GLY C 74 14.72 -6.22 0.80
CA GLY C 74 13.37 -5.89 1.25
C GLY C 74 12.32 -6.14 0.20
N GLY C 75 12.52 -5.62 -1.01
CA GLY C 75 11.52 -5.70 -2.03
C GLY C 75 10.47 -4.59 -1.91
N LEU C 76 9.31 -4.86 -2.51
CA LEU C 76 8.20 -3.89 -2.55
C LEU C 76 7.27 -4.22 -1.39
N ARG C 77 7.54 -3.60 -0.24
CA ARG C 77 6.96 -4.07 1.02
C ARG C 77 5.44 -3.90 1.07
N ASP C 78 4.90 -2.89 0.38
CA ASP C 78 3.46 -2.70 0.39
C ASP C 78 2.73 -3.93 -0.14
N GLY C 79 3.34 -4.65 -1.09
CA GLY C 79 2.76 -5.89 -1.55
C GLY C 79 2.55 -6.91 -0.44
N TYR C 80 3.36 -6.82 0.61
CA TYR C 80 3.22 -7.74 1.73
C TYR C 80 2.16 -7.27 2.74
N TYR C 81 2.00 -5.95 2.90
CA TYR C 81 1.10 -5.43 3.92
C TYR C 81 -0.35 -5.41 3.45
N ILE C 82 -0.58 -5.30 2.14
CA ILE C 82 -1.92 -5.07 1.63
C ILE C 82 -2.84 -6.19 2.08
N GLN C 83 -3.98 -5.82 2.65
CA GLN C 83 -5.03 -6.73 3.11
C GLN C 83 -4.58 -7.60 4.28
N ALA C 84 -3.55 -7.18 5.01
CA ALA C 84 -3.18 -7.88 6.24
C ALA C 84 -4.22 -7.61 7.32
N GLN C 85 -4.52 -8.64 8.11
CA GLN C 85 -5.49 -8.54 9.18
C GLN C 85 -4.86 -8.48 10.57
N CYS C 86 -3.56 -8.71 10.67
CA CYS C 86 -2.83 -8.64 11.93
C CYS C 86 -1.35 -8.65 11.59
N ALA C 87 -0.53 -8.32 12.59
CA ALA C 87 0.90 -8.22 12.36
C ALA C 87 1.65 -8.52 13.65
N ILE C 88 2.92 -8.90 13.46
CA ILE C 88 3.89 -9.02 14.55
C ILE C 88 5.09 -8.18 14.16
N ILE C 89 5.50 -7.29 15.06
CA ILE C 89 6.74 -6.54 14.93
C ILE C 89 7.72 -7.14 15.92
N MET C 90 8.87 -7.60 15.42
CA MET C 90 9.85 -8.29 16.23
C MET C 90 11.13 -7.48 16.30
N PHE C 91 11.73 -7.44 17.49
CA PHE C 91 13.05 -6.86 17.68
C PHE C 91 13.86 -7.80 18.58
N ASP C 92 15.13 -7.46 18.74
CA ASP C 92 16.10 -8.28 19.45
C ASP C 92 16.50 -7.55 20.73
N VAL C 93 16.23 -8.17 21.88
CA VAL C 93 16.52 -7.52 23.15
C VAL C 93 18.01 -7.36 23.43
N THR C 94 18.87 -7.88 22.56
CA THR C 94 20.32 -7.70 22.68
C THR C 94 20.86 -6.68 21.69
N SER C 95 20.00 -6.08 20.86
CA SER C 95 20.41 -5.11 19.84
C SER C 95 19.47 -3.90 19.94
N ARG C 96 19.94 -2.84 20.61
CA ARG C 96 19.08 -1.69 20.87
C ARG C 96 18.62 -1.04 19.57
N VAL C 97 19.39 -1.17 18.49
CA VAL C 97 19.00 -0.54 17.23
C VAL C 97 17.73 -1.19 16.67
N THR C 98 17.49 -2.47 16.97
CA THR C 98 16.30 -3.13 16.46
C THR C 98 15.04 -2.65 17.18
N TYR C 99 15.17 -2.27 18.45
CA TYR C 99 14.05 -1.65 19.16
C TYR C 99 13.86 -0.20 18.73
N LYS C 100 14.96 0.49 18.39
CA LYS C 100 14.87 1.87 17.95
C LYS C 100 14.12 2.01 16.63
N ASN C 101 14.13 0.97 15.81
CA ASN C 101 13.44 0.99 14.52
C ASN C 101 12.01 0.49 14.58
N VAL C 102 11.55 0.03 15.75
CA VAL C 102 10.17 -0.43 15.88
C VAL C 102 9.17 0.62 15.40
N PRO C 103 9.28 1.90 15.77
CA PRO C 103 8.31 2.88 15.28
C PRO C 103 8.27 2.99 13.76
N ASN C 104 9.41 2.80 13.09
CA ASN C 104 9.42 2.85 11.63
C ASN C 104 8.59 1.71 11.05
N TRP C 105 8.79 0.48 11.55
CA TRP C 105 7.98 -0.64 11.09
C TRP C 105 6.50 -0.39 11.37
N HIS C 106 6.18 0.10 12.57
CA HIS C 106 4.79 0.35 12.92
C HIS C 106 4.19 1.41 12.01
N ARG C 107 4.94 2.46 11.69
CA ARG C 107 4.42 3.52 10.85
C ARG C 107 4.11 3.00 9.45
N ASP C 108 4.97 2.14 8.90
CA ASP C 108 4.72 1.60 7.57
C ASP C 108 3.50 0.69 7.56
N LEU C 109 3.31 -0.08 8.64
CA LEU C 109 2.14 -0.95 8.71
C LEU C 109 0.85 -0.13 8.73
N VAL C 110 0.73 0.81 9.68
CA VAL C 110 -0.49 1.59 9.79
C VAL C 110 -0.77 2.35 8.51
N ARG C 111 0.28 2.73 7.77
CA ARG C 111 0.09 3.45 6.52
C ARG C 111 -0.79 2.65 5.56
N VAL C 112 -0.68 1.33 5.57
CA VAL C 112 -1.41 0.49 4.65
C VAL C 112 -2.55 -0.27 5.30
N CYS C 113 -2.45 -0.60 6.60
CA CYS C 113 -3.40 -1.48 7.24
C CYS C 113 -4.23 -0.81 8.33
N GLU C 114 -3.92 0.43 8.70
CA GLU C 114 -4.71 1.18 9.70
C GLU C 114 -4.61 0.43 11.03
N ASN C 115 -5.71 0.33 11.79
CA ASN C 115 -5.66 -0.21 13.14
C ASN C 115 -5.95 -1.71 13.15
N ILE C 116 -5.02 -2.47 12.59
CA ILE C 116 -5.07 -3.93 12.72
C ILE C 116 -4.44 -4.28 14.07
N PRO C 117 -4.82 -5.39 14.70
CA PRO C 117 -4.14 -5.81 15.92
C PRO C 117 -2.69 -6.15 15.66
N ILE C 118 -1.81 -5.65 16.52
CA ILE C 118 -0.36 -5.80 16.35
C ILE C 118 0.24 -6.25 17.67
N VAL C 119 1.12 -7.25 17.59
CA VAL C 119 1.88 -7.74 18.74
C VAL C 119 3.32 -7.30 18.58
N LEU C 120 3.90 -6.81 19.67
CA LEU C 120 5.31 -6.42 19.72
C LEU C 120 6.06 -7.50 20.49
N CYS C 121 7.02 -8.14 19.82
CA CYS C 121 7.76 -9.27 20.38
C CYS C 121 9.23 -8.89 20.54
N GLY C 122 9.73 -8.98 21.77
CA GLY C 122 11.16 -8.89 22.01
C GLY C 122 11.77 -10.27 22.08
N ASN C 123 12.54 -10.64 21.07
CA ASN C 123 13.04 -11.99 20.91
C ASN C 123 14.46 -12.11 21.47
N LYS C 124 14.87 -13.36 21.71
CA LYS C 124 16.21 -13.69 22.19
C LYS C 124 16.39 -13.32 23.67
N VAL C 125 15.34 -13.44 24.48
CA VAL C 125 15.45 -13.18 25.91
C VAL C 125 16.17 -14.30 26.64
N ASP C 126 16.55 -15.37 25.93
CA ASP C 126 17.36 -16.41 26.54
C ASP C 126 18.80 -15.97 26.79
N ILE C 127 19.26 -14.95 26.06
CA ILE C 127 20.64 -14.50 26.17
C ILE C 127 20.79 -13.69 27.46
N LYS C 128 21.79 -14.06 28.27
CA LYS C 128 21.98 -13.40 29.55
C LYS C 128 22.29 -11.91 29.36
N ASP C 129 23.19 -11.60 28.42
CA ASP C 129 23.62 -10.22 28.21
C ASP C 129 22.52 -9.47 27.45
N ARG C 130 21.48 -9.10 28.19
CA ARG C 130 20.33 -8.41 27.61
C ARG C 130 20.56 -6.91 27.64
N LYS C 131 20.43 -6.27 26.49
CA LYS C 131 20.69 -4.83 26.37
C LYS C 131 19.42 -3.99 26.52
N VAL C 132 18.31 -4.44 25.93
CA VAL C 132 17.03 -3.72 26.03
C VAL C 132 16.27 -4.33 27.20
N LYS C 133 16.36 -3.69 28.37
CA LYS C 133 15.70 -4.21 29.55
C LYS C 133 14.19 -3.99 29.46
N ALA C 134 13.45 -4.82 30.19
CA ALA C 134 12.00 -4.68 30.24
C ALA C 134 11.61 -3.25 30.63
N LYS C 135 12.43 -2.59 31.44
CA LYS C 135 12.18 -1.20 31.81
C LYS C 135 12.21 -0.29 30.57
N SER C 136 13.11 -0.57 29.63
CA SER C 136 13.30 0.29 28.47
C SER C 136 12.24 0.13 27.41
N ILE C 137 11.31 -0.82 27.55
CA ILE C 137 10.31 -1.11 26.54
C ILE C 137 9.02 -0.41 26.96
N VAL C 138 8.72 0.70 26.30
CA VAL C 138 7.51 1.47 26.55
C VAL C 138 6.74 1.79 25.28
N PHE C 139 7.26 1.41 24.11
CA PHE C 139 6.58 1.74 22.86
C PHE C 139 5.21 1.09 22.76
N HIS C 140 5.04 -0.09 23.37
CA HIS C 140 3.72 -0.72 23.37
C HIS C 140 2.71 0.11 24.15
N ARG C 141 3.15 0.72 25.26
CA ARG C 141 2.29 1.65 25.96
C ARG C 141 2.05 2.92 25.16
N LYS C 142 2.99 3.27 24.28
CA LYS C 142 2.89 4.50 23.50
C LYS C 142 1.94 4.36 22.31
N LYS C 143 1.62 3.13 21.89
CA LYS C 143 0.76 2.93 20.73
C LYS C 143 -0.31 1.86 20.97
N ASN C 144 -0.68 1.62 22.23
CA ASN C 144 -1.67 0.60 22.60
C ASN C 144 -1.50 -0.67 21.78
N LEU C 145 -0.33 -1.28 21.94
CA LEU C 145 -0.02 -2.59 21.38
C LEU C 145 0.22 -3.58 22.51
N GLN C 146 0.04 -4.85 22.21
CA GLN C 146 0.39 -5.92 23.15
C GLN C 146 1.86 -6.28 22.99
N TYR C 147 2.53 -6.51 24.12
CA TYR C 147 3.94 -6.86 24.10
C TYR C 147 4.18 -8.16 24.84
N TYR C 148 5.17 -8.92 24.35
CA TYR C 148 5.59 -10.16 24.99
C TYR C 148 7.10 -10.32 24.86
N ASP C 149 7.75 -10.67 25.96
CA ASP C 149 9.08 -11.26 25.88
C ASP C 149 8.95 -12.67 25.32
N ILE C 150 9.76 -12.99 24.32
CA ILE C 150 9.75 -14.33 23.73
C ILE C 150 11.19 -14.79 23.50
N SER C 151 11.32 -16.09 23.26
CA SER C 151 12.58 -16.68 22.82
C SER C 151 12.23 -17.85 21.92
N ALA C 152 12.56 -17.74 20.63
CA ALA C 152 12.38 -18.88 19.74
C ALA C 152 13.31 -20.03 20.11
N LYS C 153 14.40 -19.75 20.82
CA LYS C 153 15.33 -20.81 21.19
C LYS C 153 14.86 -21.60 22.40
N SER C 154 14.30 -20.92 23.40
CA SER C 154 13.81 -21.59 24.60
C SER C 154 12.30 -21.82 24.57
N ASN C 155 11.59 -21.32 23.56
CA ASN C 155 10.14 -21.41 23.43
C ASN C 155 9.41 -20.60 24.49
N TYR C 156 10.10 -19.72 25.21
CA TYR C 156 9.45 -18.88 26.20
C TYR C 156 8.43 -17.97 25.54
N ASN C 157 7.16 -18.10 25.92
CA ASN C 157 6.07 -17.27 25.44
C ASN C 157 5.88 -17.36 23.93
N PHE C 158 6.46 -18.36 23.27
CA PHE C 158 6.46 -18.36 21.81
C PHE C 158 5.08 -18.57 21.20
N GLU C 159 4.09 -19.00 21.99
CA GLU C 159 2.73 -19.13 21.50
C GLU C 159 1.84 -17.94 21.85
N LYS C 160 2.25 -17.10 22.79
CA LYS C 160 1.41 -15.99 23.22
C LYS C 160 1.04 -15.05 22.08
N PRO C 161 1.95 -14.67 21.17
CA PRO C 161 1.55 -13.75 20.10
C PRO C 161 0.35 -14.23 19.31
N PHE C 162 0.34 -15.50 18.93
CA PHE C 162 -0.77 -16.04 18.15
C PHE C 162 -2.02 -16.19 19.00
N LEU C 163 -1.88 -16.53 20.28
CA LEU C 163 -3.04 -16.66 21.15
C LEU C 163 -3.72 -15.32 21.35
N TRP C 164 -2.93 -14.25 21.55
CA TRP C 164 -3.51 -12.92 21.72
C TRP C 164 -4.17 -12.44 20.43
N LEU C 165 -3.49 -12.61 19.30
CA LEU C 165 -4.08 -12.21 18.02
C LEU C 165 -5.38 -12.96 17.76
N ALA C 166 -5.41 -14.26 18.08
CA ALA C 166 -6.63 -15.03 17.86
C ALA C 166 -7.76 -14.51 18.72
N ARG C 167 -7.49 -14.27 20.01
CA ARG C 167 -8.52 -13.76 20.91
C ARG C 167 -9.05 -12.42 20.43
N LYS C 168 -8.18 -11.58 19.87
CA LYS C 168 -8.60 -10.28 19.36
C LYS C 168 -9.46 -10.43 18.10
N LEU C 169 -9.00 -11.25 17.16
CA LEU C 169 -9.63 -11.32 15.85
C LEU C 169 -11.03 -11.94 15.93
N ILE C 170 -11.21 -12.95 16.79
CA ILE C 170 -12.50 -13.61 16.90
C ILE C 170 -13.31 -13.12 18.10
N GLY C 171 -12.79 -12.16 18.86
CA GLY C 171 -13.55 -11.54 19.92
C GLY C 171 -13.92 -12.48 21.05
N ASP C 172 -13.03 -13.39 21.41
CA ASP C 172 -13.28 -14.35 22.50
C ASP C 172 -12.13 -14.26 23.50
N PRO C 173 -12.32 -13.54 24.61
CA PRO C 173 -11.26 -13.48 25.63
C PRO C 173 -10.87 -14.84 26.19
N ASN C 174 -11.74 -15.84 26.14
CA ASN C 174 -11.50 -17.14 26.75
C ASN C 174 -10.97 -18.19 25.78
N LEU C 175 -10.66 -17.80 24.55
CA LEU C 175 -10.16 -18.76 23.58
C LEU C 175 -8.88 -19.43 24.09
N GLU C 176 -8.80 -20.75 23.90
CA GLU C 176 -7.67 -21.54 24.36
C GLU C 176 -7.19 -22.44 23.23
N PHE C 177 -5.87 -22.61 23.14
CA PHE C 177 -5.32 -23.66 22.29
C PHE C 177 -5.56 -25.02 22.94
N VAL C 178 -6.05 -25.97 22.15
CA VAL C 178 -6.39 -27.30 22.65
C VAL C 178 -5.64 -28.34 21.84
N ALA C 179 -5.57 -29.55 22.39
CA ALA C 179 -4.91 -30.65 21.72
C ALA C 179 -5.59 -30.93 20.38
N MET C 180 -4.81 -30.92 19.31
CA MET C 180 -5.38 -31.19 17.99
C MET C 180 -5.77 -32.66 17.91
N PRO C 181 -6.86 -32.98 17.21
CA PRO C 181 -7.26 -34.38 17.09
C PRO C 181 -6.12 -35.24 16.52
N ALA C 182 -5.96 -36.43 17.10
CA ALA C 182 -4.92 -37.38 16.70
C ALA C 182 -5.55 -38.75 16.58
N LEU C 183 -6.19 -39.01 15.45
CA LEU C 183 -6.76 -40.33 15.20
C LEU C 183 -5.65 -41.33 14.93
N ALA C 184 -5.82 -42.54 15.44
CA ALA C 184 -4.89 -43.60 15.14
C ALA C 184 -4.74 -43.72 13.62
N PRO C 185 -3.51 -43.70 13.08
CA PRO C 185 -3.35 -43.67 11.63
C PRO C 185 -3.49 -45.06 11.04
N PRO C 186 -3.70 -45.16 9.74
CA PRO C 186 -3.75 -46.49 9.11
C PRO C 186 -2.37 -47.12 9.04
N GLU C 187 -2.33 -48.43 9.26
CA GLU C 187 -1.08 -49.20 9.20
C GLU C 187 -0.84 -49.59 7.74
N VAL C 188 0.14 -48.94 7.11
CA VAL C 188 0.47 -49.16 5.71
C VAL C 188 1.87 -49.72 5.61
N VAL C 189 2.07 -50.62 4.66
CA VAL C 189 3.36 -51.28 4.48
C VAL C 189 4.34 -50.33 3.82
N MET C 190 5.63 -50.52 4.11
CA MET C 190 6.68 -49.68 3.56
C MET C 190 6.95 -50.07 2.11
N ASP C 191 7.20 -49.07 1.28
CA ASP C 191 7.52 -49.31 -0.13
C ASP C 191 8.83 -50.09 -0.23
N PRO C 192 8.81 -51.35 -0.68
CA PRO C 192 10.06 -52.12 -0.73
C PRO C 192 11.09 -51.54 -1.69
N ALA C 193 10.68 -50.66 -2.62
CA ALA C 193 11.64 -50.04 -3.51
C ALA C 193 12.60 -49.14 -2.75
N LEU C 194 12.06 -48.24 -1.94
CA LEU C 194 12.86 -47.30 -1.16
C LEU C 194 13.47 -47.94 0.09
N ALA C 195 13.33 -49.24 0.26
CA ALA C 195 13.80 -49.89 1.50
C ALA C 195 15.29 -49.66 1.71
N ALA C 196 16.09 -49.82 0.65
CA ALA C 196 17.52 -49.63 0.80
C ALA C 196 17.88 -48.18 1.08
N GLN C 197 17.05 -47.24 0.61
CA GLN C 197 17.30 -45.83 0.91
C GLN C 197 17.02 -45.54 2.38
N TYR C 198 15.87 -46.00 2.88
CA TYR C 198 15.57 -45.85 4.30
C TYR C 198 16.69 -46.41 5.16
N GLU C 199 17.29 -47.52 4.71
CA GLU C 199 18.37 -48.13 5.48
C GLU C 199 19.62 -47.26 5.48
N HIS C 200 19.97 -46.68 4.32
CA HIS C 200 21.15 -45.82 4.26
C HIS C 200 20.97 -44.57 5.10
N ASP C 201 19.79 -43.94 5.03
N ASP C 201 19.79 -43.94 5.03
CA ASP C 201 19.53 -42.77 5.85
CA ASP C 201 19.53 -42.77 5.85
C ASP C 201 19.71 -43.08 7.33
C ASP C 201 19.71 -43.07 7.33
N LEU C 202 19.28 -44.27 7.76
CA LEU C 202 19.40 -44.64 9.16
C LEU C 202 20.86 -44.82 9.57
N GLU C 203 21.70 -45.32 8.66
CA GLU C 203 23.10 -45.54 9.00
C GLU C 203 23.86 -44.22 9.10
N VAL C 204 23.60 -43.29 8.18
CA VAL C 204 24.23 -41.98 8.27
C VAL C 204 23.75 -41.25 9.52
N ALA C 205 22.46 -41.36 9.83
CA ALA C 205 21.92 -40.66 10.99
C ALA C 205 22.48 -41.22 12.30
N GLN C 206 22.86 -42.51 12.31
CA GLN C 206 23.44 -43.10 13.50
C GLN C 206 24.86 -42.63 13.77
N THR C 207 25.52 -41.98 12.80
CA THR C 207 26.85 -41.43 12.99
C THR C 207 26.83 -39.95 13.37
N THR C 208 25.69 -39.29 13.28
CA THR C 208 25.59 -37.85 13.48
C THR C 208 24.92 -37.57 14.82
N ALA C 209 25.50 -36.65 15.60
CA ALA C 209 25.01 -36.37 16.93
C ALA C 209 23.84 -35.39 16.91
N LEU C 210 23.03 -35.44 17.97
CA LEU C 210 21.94 -34.51 18.12
C LEU C 210 22.47 -33.11 18.43
N PRO C 211 21.73 -32.06 18.08
CA PRO C 211 22.10 -30.73 18.57
C PRO C 211 21.91 -30.63 20.07
N ASP C 212 22.79 -29.88 20.72
CA ASP C 212 22.74 -29.74 22.17
C ASP C 212 22.81 -31.11 22.84
N GLY D 1 -4.79 3.67 17.89
CA GLY D 1 -4.90 4.74 18.86
C GLY D 1 -5.94 4.44 19.94
N PRO D 2 -5.89 5.17 21.04
CA PRO D 2 -6.91 4.97 22.09
C PRO D 2 -8.25 5.54 21.66
N GLY D 3 -9.30 5.12 22.38
CA GLY D 3 -10.64 5.64 22.20
C GLY D 3 -11.57 4.59 21.58
N SER D 4 -12.82 5.02 21.41
CA SER D 4 -13.84 4.14 20.86
C SER D 4 -13.74 4.06 19.34
N HIS D 5 -13.85 2.86 18.81
CA HIS D 5 -13.74 2.63 17.37
C HIS D 5 -14.31 1.26 17.05
N PHE D 6 -14.58 1.03 15.78
CA PHE D 6 -15.19 -0.21 15.31
C PHE D 6 -14.13 -1.13 14.72
N GLU D 7 -14.08 -2.37 15.22
CA GLU D 7 -13.13 -3.38 14.80
C GLU D 7 -13.84 -4.52 14.07
N PRO D 8 -13.22 -5.11 13.05
CA PRO D 8 -13.78 -6.34 12.47
C PRO D 8 -13.60 -7.51 13.42
N ILE D 9 -14.69 -8.22 13.70
CA ILE D 9 -14.69 -9.36 14.60
C ILE D 9 -15.37 -10.53 13.91
N VAL D 10 -14.74 -11.71 13.99
CA VAL D 10 -15.25 -12.94 13.39
C VAL D 10 -15.68 -13.85 14.52
N SER D 11 -16.99 -13.99 14.72
CA SER D 11 -17.54 -14.81 15.79
C SER D 11 -17.64 -16.26 15.35
N LEU D 12 -17.12 -17.16 16.18
CA LEU D 12 -17.14 -18.59 15.91
C LEU D 12 -17.86 -19.32 17.04
N PRO D 13 -18.51 -20.45 16.75
CA PRO D 13 -19.16 -21.23 17.81
C PRO D 13 -18.19 -22.19 18.48
N GLU D 14 -18.45 -22.44 19.76
CA GLU D 14 -17.71 -23.47 20.47
C GLU D 14 -17.92 -24.83 19.80
N VAL D 15 -16.88 -25.65 19.82
CA VAL D 15 -16.94 -26.98 19.22
C VAL D 15 -16.31 -27.98 20.19
N GLU D 16 -16.91 -29.16 20.28
CA GLU D 16 -16.32 -30.26 21.02
C GLU D 16 -15.22 -30.87 20.17
N VAL D 17 -13.98 -30.85 20.68
CA VAL D 17 -12.83 -31.40 19.98
C VAL D 17 -12.42 -32.68 20.69
N LYS D 18 -12.40 -33.78 19.95
CA LYS D 18 -11.93 -35.06 20.47
C LYS D 18 -10.43 -35.16 20.33
N SER D 19 -9.77 -35.68 21.36
CA SER D 19 -8.32 -35.87 21.31
C SER D 19 -7.94 -37.07 20.44
N GLY D 20 -8.85 -38.01 20.22
CA GLY D 20 -8.54 -39.25 19.53
C GLY D 20 -7.91 -40.31 20.40
N GLU D 21 -7.74 -40.05 21.69
CA GLU D 21 -7.13 -40.98 22.62
C GLU D 21 -8.13 -41.55 23.63
N GLU D 22 -9.43 -41.33 23.40
CA GLU D 22 -10.43 -41.71 24.39
C GLU D 22 -10.47 -43.23 24.58
N ASP D 23 -10.30 -43.99 23.50
CA ASP D 23 -10.45 -45.44 23.52
C ASP D 23 -9.10 -46.16 23.64
N GLU D 24 -8.12 -45.53 24.27
CA GLU D 24 -6.77 -46.10 24.37
C GLU D 24 -6.26 -46.01 25.78
N GLU D 25 -5.48 -47.03 26.18
CA GLU D 25 -4.85 -47.08 27.48
C GLU D 25 -3.44 -46.52 27.40
N ILE D 26 -3.01 -45.85 28.46
CA ILE D 26 -1.69 -45.24 28.52
C ILE D 26 -0.74 -46.27 29.12
N LEU D 27 0.18 -46.79 28.30
CA LEU D 27 1.23 -47.69 28.78
C LEU D 27 2.49 -46.95 29.18
N PHE D 28 2.64 -45.70 28.76
CA PHE D 28 3.85 -44.91 29.02
C PHE D 28 3.53 -43.46 28.73
N LYS D 29 3.99 -42.57 29.61
CA LYS D 29 3.80 -41.13 29.41
C LYS D 29 4.90 -40.41 30.18
N GLU D 30 5.88 -39.87 29.45
CA GLU D 30 6.99 -39.17 30.08
C GLU D 30 7.43 -38.03 29.17
N ARG D 31 8.03 -37.01 29.77
CA ARG D 31 8.53 -35.87 29.01
C ARG D 31 9.75 -36.27 28.19
N ALA D 32 9.87 -35.68 27.01
CA ALA D 32 10.93 -36.05 26.08
C ALA D 32 11.15 -34.91 25.09
N LYS D 33 12.32 -34.95 24.46
CA LYS D 33 12.61 -34.13 23.29
C LYS D 33 12.75 -35.06 22.10
N LEU D 34 11.99 -34.79 21.05
CA LEU D 34 12.00 -35.59 19.84
C LEU D 34 12.79 -34.89 18.76
N TYR D 35 13.50 -35.68 17.94
CA TYR D 35 14.27 -35.18 16.82
C TYR D 35 13.93 -35.96 15.57
N ARG D 36 14.05 -35.29 14.43
CA ARG D 36 13.82 -35.92 13.14
C ARG D 36 15.04 -35.72 12.25
N TRP D 37 15.40 -36.76 11.52
CA TRP D 37 16.56 -36.71 10.62
C TRP D 37 16.18 -36.03 9.32
N ASP D 38 16.98 -35.05 8.92
CA ASP D 38 16.81 -34.34 7.64
C ASP D 38 17.92 -34.82 6.71
N ARG D 39 17.56 -35.71 5.77
CA ARG D 39 18.55 -36.29 4.89
C ARG D 39 19.17 -35.28 3.93
N ASP D 40 18.51 -34.14 3.70
CA ASP D 40 19.01 -33.18 2.72
C ASP D 40 20.23 -32.44 3.24
N VAL D 41 20.27 -32.13 4.53
CA VAL D 41 21.39 -31.42 5.15
C VAL D 41 22.13 -32.29 6.16
N SER D 42 21.76 -33.57 6.28
CA SER D 42 22.41 -34.51 7.19
C SER D 42 22.51 -33.95 8.60
N GLN D 43 21.35 -33.58 9.15
CA GLN D 43 21.26 -33.05 10.50
C GLN D 43 20.07 -33.67 11.22
N TRP D 44 20.25 -33.93 12.52
CA TRP D 44 19.11 -34.11 13.39
C TRP D 44 18.53 -32.74 13.73
N LYS D 45 17.24 -32.56 13.47
CA LYS D 45 16.54 -31.32 13.79
C LYS D 45 15.54 -31.57 14.91
N GLU D 46 15.46 -30.64 15.85
CA GLU D 46 14.45 -30.74 16.88
C GLU D 46 13.07 -30.82 16.25
N ARG D 47 12.25 -31.74 16.76
CA ARG D 47 10.92 -31.98 16.24
C ARG D 47 9.82 -31.59 17.22
N GLY D 48 10.10 -31.65 18.51
CA GLY D 48 9.13 -31.23 19.51
C GLY D 48 9.55 -31.61 20.91
N VAL D 49 8.99 -30.92 21.90
CA VAL D 49 9.23 -31.23 23.30
C VAL D 49 7.88 -31.35 23.99
N GLY D 50 7.70 -32.41 24.76
CA GLY D 50 6.42 -32.66 25.40
C GLY D 50 6.35 -34.09 25.90
N ASP D 51 5.12 -34.54 26.14
CA ASP D 51 4.87 -35.89 26.64
C ASP D 51 4.73 -36.86 25.47
N ILE D 52 5.63 -37.82 25.39
CA ILE D 52 5.54 -38.90 24.40
C ILE D 52 4.83 -40.08 25.05
N LYS D 53 3.84 -40.62 24.34
CA LYS D 53 2.98 -41.66 24.89
C LYS D 53 3.05 -42.93 24.07
N ILE D 54 2.92 -44.05 24.75
CA ILE D 54 2.66 -45.34 24.14
C ILE D 54 1.23 -45.71 24.51
N LEU D 55 0.36 -45.79 23.51
CA LEU D 55 -1.07 -45.99 23.72
C LEU D 55 -1.50 -47.33 23.14
N GLN D 56 -2.43 -47.99 23.84
CA GLN D 56 -2.99 -49.27 23.40
C GLN D 56 -4.52 -49.18 23.40
N ASN D 57 -5.13 -49.52 22.27
CA ASN D 57 -6.58 -49.49 22.17
C ASN D 57 -7.19 -50.66 22.92
N TYR D 58 -8.22 -50.38 23.73
CA TYR D 58 -8.83 -51.43 24.54
C TYR D 58 -9.40 -52.55 23.66
N ASP D 59 -10.09 -52.19 22.58
CA ASP D 59 -10.79 -53.18 21.78
C ASP D 59 -9.82 -54.00 20.92
N ASN D 60 -9.15 -53.34 19.97
CA ASN D 60 -8.32 -54.04 19.00
C ASN D 60 -6.88 -54.24 19.45
N LYS D 61 -6.50 -53.70 20.61
CA LYS D 61 -5.17 -53.86 21.18
C LYS D 61 -4.07 -53.32 20.25
N GLN D 62 -4.42 -52.39 19.36
CA GLN D 62 -3.42 -51.74 18.53
C GLN D 62 -2.59 -50.77 19.38
N VAL D 63 -1.29 -50.77 19.16
CA VAL D 63 -0.35 -49.94 19.93
C VAL D 63 0.24 -48.88 19.01
N ARG D 64 0.36 -47.66 19.52
CA ARG D 64 0.94 -46.57 18.75
C ARG D 64 1.73 -45.65 19.67
N ILE D 65 2.62 -44.88 19.06
CA ILE D 65 3.35 -43.81 19.72
C ILE D 65 2.66 -42.49 19.35
N LEU D 66 2.43 -41.65 20.36
CA LEU D 66 1.79 -40.35 20.14
C LEU D 66 2.48 -39.32 21.01
N MET D 67 2.81 -38.18 20.42
CA MET D 67 3.49 -37.10 21.13
C MET D 67 2.92 -35.77 20.69
N ARG D 68 2.76 -34.87 21.65
CA ARG D 68 2.26 -33.53 21.42
C ARG D 68 3.25 -32.50 21.96
N ARG D 69 3.33 -31.36 21.28
N ARG D 69 3.33 -31.36 21.28
CA ARG D 69 4.24 -30.31 21.70
CA ARG D 69 4.23 -30.30 21.69
C ARG D 69 3.63 -29.50 22.83
C ARG D 69 3.63 -29.51 22.84
N ASP D 70 4.50 -28.97 23.69
CA ASP D 70 4.06 -28.12 24.78
C ASP D 70 3.54 -26.79 24.23
N GLN D 71 2.59 -26.20 24.96
CA GLN D 71 2.12 -24.84 24.68
C GLN D 71 1.25 -24.75 23.44
N VAL D 72 1.59 -25.48 22.37
CA VAL D 72 0.76 -25.50 21.17
C VAL D 72 -0.06 -26.79 21.05
N PHE D 73 0.38 -27.88 21.67
CA PHE D 73 -0.39 -29.12 21.73
C PHE D 73 -0.57 -29.77 20.37
N LYS D 74 0.31 -29.47 19.41
CA LYS D 74 0.25 -30.07 18.09
C LYS D 74 1.00 -31.40 18.08
N VAL D 75 0.57 -32.29 17.20
CA VAL D 75 1.16 -33.62 17.11
C VAL D 75 2.51 -33.52 16.40
N CYS D 76 3.52 -34.14 17.01
CA CYS D 76 4.84 -34.25 16.38
C CYS D 76 5.24 -35.71 16.16
N ALA D 77 4.41 -36.67 16.55
CA ALA D 77 4.65 -38.07 16.25
C ALA D 77 3.33 -38.82 16.42
N ASN D 78 3.02 -39.69 15.46
CA ASN D 78 1.82 -40.52 15.55
C ASN D 78 2.00 -41.69 14.57
N HIS D 79 2.35 -42.85 15.11
CA HIS D 79 2.58 -44.02 14.27
C HIS D 79 2.38 -45.29 15.07
N VAL D 80 1.90 -46.33 14.38
CA VAL D 80 1.71 -47.64 15.00
C VAL D 80 3.07 -48.30 15.21
N ILE D 81 3.21 -49.04 16.31
CA ILE D 81 4.41 -49.82 16.56
C ILE D 81 4.30 -51.15 15.84
N THR D 82 5.33 -51.50 15.08
CA THR D 82 5.34 -52.73 14.29
C THR D 82 6.46 -53.64 14.77
N LYS D 83 6.41 -54.89 14.30
CA LYS D 83 7.43 -55.86 14.70
C LYS D 83 8.77 -55.58 14.01
N THR D 84 8.75 -54.97 12.83
CA THR D 84 9.99 -54.73 12.10
C THR D 84 10.74 -53.49 12.57
N MET D 85 10.16 -52.70 13.46
CA MET D 85 10.87 -51.55 14.00
C MET D 85 11.99 -51.99 14.92
N GLU D 86 13.09 -51.25 14.88
CA GLU D 86 14.25 -51.51 15.73
C GLU D 86 14.58 -50.22 16.48
N LEU D 87 14.39 -50.24 17.80
CA LEU D 87 14.68 -49.09 18.65
C LEU D 87 16.10 -49.27 19.18
N LYS D 88 17.06 -48.56 18.58
CA LYS D 88 18.47 -48.74 18.89
C LYS D 88 19.06 -47.48 19.52
N PRO D 89 20.03 -47.61 20.43
CA PRO D 89 20.65 -46.41 21.01
C PRO D 89 21.39 -45.60 19.96
N LEU D 90 21.45 -44.29 20.20
CA LEU D 90 22.26 -43.37 19.40
C LEU D 90 23.59 -43.20 20.11
N ASN D 91 24.61 -43.92 19.64
CA ASN D 91 25.86 -44.02 20.37
C ASN D 91 26.60 -42.68 20.42
N VAL D 92 26.38 -41.81 19.45
CA VAL D 92 27.06 -40.51 19.44
C VAL D 92 26.37 -39.48 20.32
N SER D 93 25.31 -39.86 21.03
CA SER D 93 24.63 -38.98 21.97
C SER D 93 24.28 -39.78 23.22
N ASN D 94 23.83 -39.07 24.25
CA ASN D 94 23.51 -39.68 25.53
C ASN D 94 22.00 -39.79 25.70
N ASN D 95 21.55 -40.91 26.27
CA ASN D 95 20.15 -41.11 26.62
C ASN D 95 19.24 -40.89 25.41
N ALA D 96 19.72 -41.29 24.24
CA ALA D 96 18.98 -41.09 23.00
C ALA D 96 18.75 -42.42 22.31
N LEU D 97 17.52 -42.63 21.83
CA LEU D 97 17.13 -43.82 21.09
C LEU D 97 16.65 -43.41 19.70
N VAL D 98 16.91 -44.29 18.73
CA VAL D 98 16.60 -44.00 17.34
C VAL D 98 15.77 -45.14 16.76
N TRP D 99 14.87 -44.79 15.84
CA TRP D 99 14.10 -45.81 15.13
C TRP D 99 13.47 -45.17 13.90
N THR D 100 12.97 -46.03 13.02
CA THR D 100 12.32 -45.61 11.79
C THR D 100 10.83 -45.94 11.86
N ALA D 101 10.01 -45.04 11.32
CA ALA D 101 8.58 -45.24 11.38
C ALA D 101 7.91 -44.46 10.25
N SER D 102 6.75 -44.96 9.83
CA SER D 102 5.86 -44.21 8.96
C SER D 102 4.97 -43.34 9.84
N ASP D 103 5.23 -42.04 9.87
CA ASP D 103 4.62 -41.13 10.82
C ASP D 103 3.50 -40.33 10.17
N TYR D 104 2.53 -39.91 11.01
CA TYR D 104 1.33 -39.22 10.54
C TYR D 104 1.11 -37.89 11.26
N ALA D 105 2.16 -37.32 11.86
CA ALA D 105 1.99 -36.04 12.55
C ALA D 105 1.39 -34.99 11.64
N ASP D 106 1.87 -34.89 10.40
CA ASP D 106 1.41 -33.89 9.45
C ASP D 106 0.14 -34.30 8.71
N GLY D 107 -0.51 -35.40 9.11
CA GLY D 107 -1.74 -35.82 8.49
C GLY D 107 -1.57 -36.79 7.34
N GLU D 108 -0.34 -37.04 6.88
CA GLU D 108 -0.09 -37.98 5.81
C GLU D 108 1.14 -38.82 6.17
N ALA D 109 1.21 -40.01 5.59
CA ALA D 109 2.29 -40.93 5.90
C ALA D 109 3.61 -40.40 5.37
N LYS D 110 4.60 -40.31 6.26
CA LYS D 110 5.95 -39.89 5.89
C LYS D 110 6.93 -40.78 6.63
N VAL D 111 7.77 -41.51 5.89
CA VAL D 111 8.84 -42.29 6.52
C VAL D 111 9.85 -41.34 7.13
N GLU D 112 10.25 -41.60 8.37
CA GLU D 112 11.12 -40.71 9.10
C GLU D 112 12.04 -41.50 10.01
N GLN D 113 13.27 -41.03 10.15
CA GLN D 113 14.16 -41.51 11.19
C GLN D 113 14.05 -40.57 12.37
N LEU D 114 13.63 -41.12 13.52
CA LEU D 114 13.33 -40.33 14.70
C LEU D 114 14.32 -40.64 15.81
N ALA D 115 14.57 -39.64 16.65
CA ALA D 115 15.38 -39.80 17.84
C ALA D 115 14.66 -39.16 19.02
N VAL D 116 14.65 -39.85 20.15
CA VAL D 116 14.00 -39.38 21.36
C VAL D 116 15.04 -39.32 22.48
N ARG D 117 14.94 -38.30 23.31
CA ARG D 117 15.88 -38.06 24.41
C ARG D 117 15.08 -37.74 25.66
N PHE D 118 15.36 -38.46 26.75
CA PHE D 118 14.65 -38.31 28.00
C PHE D 118 15.54 -37.65 29.05
N LYS D 119 14.92 -37.29 30.18
CA LYS D 119 15.65 -36.75 31.31
C LYS D 119 16.76 -37.70 31.74
N THR D 120 16.38 -38.92 32.14
CA THR D 120 17.27 -39.86 32.78
C THR D 120 17.44 -41.11 31.92
N LYS D 121 18.58 -41.79 32.12
CA LYS D 121 18.78 -43.10 31.52
C LYS D 121 17.71 -44.08 31.98
N GLU D 122 17.18 -43.89 33.18
CA GLU D 122 16.17 -44.82 33.71
C GLU D 122 14.87 -44.72 32.91
N VAL D 123 14.42 -43.51 32.60
CA VAL D 123 13.20 -43.35 31.82
C VAL D 123 13.41 -43.90 30.41
N ALA D 124 14.56 -43.60 29.80
CA ALA D 124 14.85 -44.12 28.47
C ALA D 124 14.81 -45.65 28.46
N ASP D 125 15.45 -46.27 29.46
CA ASP D 125 15.43 -47.73 29.54
C ASP D 125 14.01 -48.25 29.73
N CYS D 126 13.16 -47.50 30.42
CA CYS D 126 11.77 -47.92 30.59
C CYS D 126 11.00 -47.78 29.26
N PHE D 127 11.21 -46.67 28.55
CA PHE D 127 10.59 -46.51 27.24
C PHE D 127 10.98 -47.65 26.31
N LYS D 128 12.27 -47.97 26.26
CA LYS D 128 12.75 -49.06 25.41
C LYS D 128 12.12 -50.38 25.81
N LYS D 129 12.01 -50.64 27.12
CA LYS D 129 11.43 -51.91 27.57
C LYS D 129 9.95 -51.99 27.21
N THR D 130 9.17 -50.94 27.52
CA THR D 130 7.76 -50.94 27.15
C THR D 130 7.59 -51.06 25.65
N PHE D 131 8.39 -50.32 24.88
CA PHE D 131 8.34 -50.40 23.43
C PHE D 131 8.54 -51.85 22.95
N GLU D 132 9.58 -52.52 23.46
CA GLU D 132 9.88 -53.87 22.99
C GLU D 132 8.88 -54.88 23.52
N GLU D 133 8.30 -54.63 24.70
CA GLU D 133 7.27 -55.54 25.21
C GLU D 133 6.04 -55.54 24.30
N CYS D 134 5.65 -54.36 23.81
CA CYS D 134 4.54 -54.30 22.87
C CYS D 134 4.85 -55.07 21.60
N GLN D 135 6.07 -54.91 21.07
CA GLN D 135 6.47 -55.69 19.91
C GLN D 135 6.38 -57.19 20.17
N GLN D 136 6.80 -57.61 21.37
CA GLN D 136 6.78 -59.03 21.70
C GLN D 136 5.38 -59.60 21.60
N ASN D 137 4.36 -58.80 21.91
CA ASN D 137 2.97 -59.26 21.91
C ASN D 137 2.23 -58.86 20.63
N LEU D 138 2.95 -58.61 19.54
CA LEU D 138 2.31 -58.33 18.26
C LEU D 138 2.09 -59.64 17.50
N GLU E 7 37.94 39.35 9.83
CA GLU E 7 38.08 40.15 11.04
C GLU E 7 37.42 41.52 10.87
N PRO E 8 36.17 41.66 11.33
CA PRO E 8 35.47 42.94 11.14
C PRO E 8 36.20 44.09 11.80
N GLN E 9 36.38 45.17 11.05
CA GLN E 9 37.10 46.32 11.58
C GLN E 9 36.24 47.12 12.57
N VAL E 10 34.96 47.31 12.25
CA VAL E 10 34.09 48.17 13.04
C VAL E 10 32.73 47.52 13.23
N GLN E 11 32.01 48.00 14.25
CA GLN E 11 30.68 47.52 14.59
C GLN E 11 29.78 48.70 14.85
N PHE E 12 28.52 48.59 14.42
CA PHE E 12 27.53 49.63 14.62
C PHE E 12 26.24 49.02 15.17
N LYS E 13 25.64 49.68 16.15
CA LYS E 13 24.36 49.25 16.71
C LYS E 13 23.24 49.83 15.86
N LEU E 14 22.41 48.96 15.31
CA LEU E 14 21.30 49.34 14.45
C LEU E 14 20.02 48.81 15.07
N VAL E 15 19.11 49.71 15.43
CA VAL E 15 17.81 49.34 15.99
C VAL E 15 16.80 49.34 14.85
N LEU E 16 16.13 48.20 14.67
CA LEU E 16 15.13 48.01 13.63
C LEU E 16 13.75 48.04 14.29
N VAL E 17 12.92 49.00 13.88
CA VAL E 17 11.63 49.22 14.52
C VAL E 17 10.55 49.34 13.46
N GLY E 18 9.31 49.15 13.90
CA GLY E 18 8.16 49.20 13.02
C GLY E 18 7.03 48.35 13.57
N ASP E 19 5.86 48.54 12.97
CA ASP E 19 4.67 47.80 13.42
C ASP E 19 4.87 46.30 13.26
N GLY E 20 4.16 45.54 14.09
CA GLY E 20 4.21 44.09 13.99
C GLY E 20 3.65 43.60 12.67
N GLY E 21 4.36 42.66 12.05
CA GLY E 21 3.96 42.11 10.77
C GLY E 21 4.46 42.86 9.56
N THR E 22 5.31 43.87 9.76
CA THR E 22 5.83 44.64 8.63
C THR E 22 6.97 43.94 7.91
N GLY E 23 7.59 42.95 8.53
CA GLY E 23 8.64 42.18 7.91
C GLY E 23 10.03 42.38 8.47
N LYS E 24 10.15 42.92 9.68
CA LYS E 24 11.47 43.23 10.24
C LYS E 24 12.31 41.96 10.38
N THR E 25 11.77 40.94 11.04
CA THR E 25 12.52 39.70 11.24
C THR E 25 12.80 38.99 9.92
N THR E 26 11.82 38.97 9.01
CA THR E 26 12.04 38.35 7.71
C THR E 26 13.15 39.06 6.95
N PHE E 27 13.14 40.39 6.96
CA PHE E 27 14.20 41.17 6.32
C PHE E 27 15.57 40.77 6.89
N VAL E 28 15.67 40.66 8.21
CA VAL E 28 16.95 40.33 8.83
C VAL E 28 17.36 38.91 8.47
N LYS E 29 16.43 37.95 8.62
CA LYS E 29 16.74 36.57 8.30
C LYS E 29 17.19 36.43 6.85
N ARG E 30 16.59 37.20 5.94
CA ARG E 30 17.01 37.15 4.54
C ARG E 30 18.49 37.50 4.41
N HIS E 31 18.95 38.52 5.15
CA HIS E 31 20.36 38.88 5.09
C HIS E 31 21.23 37.84 5.79
N LEU E 32 20.80 37.35 6.95
CA LEU E 32 21.62 36.41 7.71
C LEU E 32 21.86 35.13 6.93
N THR E 33 20.78 34.47 6.49
CA THR E 33 20.87 33.13 5.94
C THR E 33 20.45 33.03 4.48
N GLY E 34 19.80 34.04 3.92
CA GLY E 34 19.29 33.97 2.58
C GLY E 34 17.88 33.41 2.46
N GLU E 35 17.27 32.98 3.57
CA GLU E 35 15.96 32.37 3.53
C GLU E 35 14.86 33.42 3.46
N PHE E 36 13.65 32.96 3.14
CA PHE E 36 12.44 33.77 3.22
C PHE E 36 11.45 33.03 4.11
N GLU E 37 11.31 33.48 5.35
CA GLU E 37 10.39 32.85 6.28
C GLU E 37 8.97 33.36 6.01
N LYS E 38 8.06 32.42 5.72
CA LYS E 38 6.67 32.79 5.44
C LYS E 38 5.80 32.83 6.68
N LYS E 39 6.18 32.11 7.74
CA LYS E 39 5.39 32.07 8.95
C LYS E 39 5.68 33.29 9.81
N TYR E 40 4.63 33.98 10.24
CA TYR E 40 4.75 35.14 11.12
C TYR E 40 4.79 34.65 12.56
N VAL E 41 5.96 34.73 13.19
CA VAL E 41 6.14 34.47 14.61
C VAL E 41 6.63 35.77 15.23
N ALA E 42 5.79 36.39 16.06
CA ALA E 42 6.12 37.68 16.62
C ALA E 42 7.41 37.61 17.42
N THR E 43 8.25 38.63 17.25
CA THR E 43 9.45 38.74 18.05
C THR E 43 9.10 39.17 19.47
N LEU E 44 9.77 38.58 20.45
CA LEU E 44 9.50 38.84 21.86
C LEU E 44 10.60 39.73 22.42
N GLY E 45 10.27 41.00 22.65
CA GLY E 45 11.23 41.95 23.17
C GLY E 45 12.19 42.43 22.11
N VAL E 46 13.29 41.69 21.91
CA VAL E 46 14.28 42.05 20.92
C VAL E 46 15.18 40.85 20.69
N GLU E 47 15.69 40.73 19.46
CA GLU E 47 16.73 39.77 19.11
C GLU E 47 17.83 40.51 18.38
N VAL E 48 19.08 40.21 18.75
CA VAL E 48 20.25 40.87 18.19
C VAL E 48 20.94 39.90 17.26
N HIS E 49 21.08 40.28 15.99
CA HIS E 49 21.72 39.46 14.98
C HIS E 49 22.86 40.26 14.35
N PRO E 50 24.07 39.68 14.23
CA PRO E 50 25.15 40.40 13.56
C PRO E 50 25.17 40.18 12.06
N LEU E 51 25.22 41.28 11.30
CA LEU E 51 25.34 41.24 9.85
C LEU E 51 26.67 41.87 9.45
N VAL E 52 27.47 41.13 8.69
CA VAL E 52 28.77 41.61 8.21
C VAL E 52 28.67 41.83 6.72
N PHE E 53 29.16 42.98 6.26
CA PHE E 53 29.28 43.31 4.85
C PHE E 53 30.72 43.66 4.53
N HIS E 54 31.22 43.12 3.42
CA HIS E 54 32.56 43.45 2.93
C HIS E 54 32.46 44.62 1.97
N THR E 55 33.30 45.64 2.18
CA THR E 55 33.32 46.84 1.37
C THR E 55 34.73 47.09 0.84
N ASN E 56 34.84 48.10 -0.01
CA ASN E 56 36.16 48.53 -0.49
C ASN E 56 36.98 49.19 0.60
N ARG E 57 36.38 49.45 1.77
CA ARG E 57 37.11 49.95 2.94
C ARG E 57 37.06 48.94 4.08
N GLY E 58 37.02 47.65 3.74
CA GLY E 58 37.10 46.60 4.72
C GLY E 58 35.74 46.10 5.17
N PRO E 59 35.73 45.03 5.96
CA PRO E 59 34.46 44.49 6.47
C PRO E 59 33.85 45.39 7.53
N ILE E 60 32.52 45.41 7.54
CA ILE E 60 31.74 46.23 8.47
C ILE E 60 30.65 45.35 9.06
N LYS E 61 30.41 45.49 10.36
CA LYS E 61 29.42 44.69 11.07
C LYS E 61 28.29 45.59 11.59
N PHE E 62 27.06 45.19 11.31
CA PHE E 62 25.88 45.81 11.90
C PHE E 62 25.29 44.85 12.93
N ASN E 63 25.25 45.27 14.19
CA ASN E 63 24.56 44.53 15.23
C ASN E 63 23.10 44.98 15.21
N VAL E 64 22.24 44.21 14.56
CA VAL E 64 20.87 44.60 14.29
C VAL E 64 19.99 44.21 15.47
N TRP E 65 19.41 45.21 16.13
CA TRP E 65 18.48 44.99 17.23
C TRP E 65 17.08 44.91 16.63
N ASP E 66 16.64 43.68 16.37
CA ASP E 66 15.31 43.42 15.81
C ASP E 66 14.29 43.49 16.94
N THR E 67 13.60 44.62 17.04
CA THR E 67 12.67 44.84 18.15
C THR E 67 11.28 44.32 17.80
N ALA E 68 10.46 44.18 18.84
CA ALA E 68 9.09 43.69 18.69
C ALA E 68 8.16 44.83 18.33
N GLY E 69 7.32 44.60 17.33
CA GLY E 69 6.37 45.61 16.89
C GLY E 69 5.01 45.47 17.54
N GLN E 70 4.72 44.29 18.08
CA GLN E 70 3.44 44.06 18.74
C GLN E 70 3.45 44.70 20.13
N GLU E 71 2.42 45.48 20.42
CA GLU E 71 2.36 46.19 21.70
C GLU E 71 2.53 45.23 22.88
N LYS E 72 1.88 44.06 22.81
CA LYS E 72 1.89 43.15 23.95
C LYS E 72 3.24 42.47 24.15
N PHE E 73 4.11 42.47 23.12
CA PHE E 73 5.43 41.86 23.21
C PHE E 73 6.54 42.92 23.17
N GLY E 74 6.23 44.17 23.52
CA GLY E 74 7.18 45.25 23.32
C GLY E 74 8.47 45.06 24.11
N GLY E 75 8.34 44.77 25.40
CA GLY E 75 9.49 44.68 26.26
C GLY E 75 9.98 46.05 26.71
N LEU E 76 11.30 46.24 26.75
CA LEU E 76 11.84 47.53 27.14
C LEU E 76 11.36 48.65 26.21
N ARG E 77 11.09 48.31 24.95
CA ARG E 77 10.61 49.28 23.97
C ARG E 77 11.68 50.35 23.74
N ASP E 78 11.49 51.54 24.31
CA ASP E 78 12.47 52.61 24.09
C ASP E 78 13.81 52.34 24.76
N GLY E 79 13.89 51.34 25.64
CA GLY E 79 15.15 51.01 26.28
C GLY E 79 16.15 50.37 25.34
N TYR E 80 15.68 49.76 24.26
CA TYR E 80 16.58 49.14 23.28
C TYR E 80 17.28 50.15 22.39
N TYR E 81 16.86 51.43 22.41
CA TYR E 81 17.43 52.44 21.53
C TYR E 81 18.72 53.03 22.06
N ILE E 82 19.08 52.77 23.32
CA ILE E 82 20.22 53.45 23.92
C ILE E 82 21.50 53.11 23.17
N GLN E 83 22.31 54.14 22.93
CA GLN E 83 23.59 54.00 22.22
C GLN E 83 23.42 53.47 20.81
N ALA E 84 22.23 53.65 20.23
CA ALA E 84 22.00 53.25 18.84
C ALA E 84 22.65 54.26 17.91
N GLN E 85 23.47 53.77 16.98
CA GLN E 85 24.17 54.61 16.03
C GLN E 85 23.44 54.75 14.71
N CYS E 86 22.41 53.93 14.46
CA CYS E 86 21.61 54.05 13.26
C CYS E 86 20.33 53.25 13.47
N ALA E 87 19.38 53.42 12.57
CA ALA E 87 18.09 52.77 12.72
C ALA E 87 17.43 52.59 11.35
N ILE E 88 16.54 51.60 11.29
CA ILE E 88 15.63 51.40 10.17
C ILE E 88 14.22 51.45 10.72
N ILE E 89 13.35 52.22 10.07
CA ILE E 89 11.92 52.23 10.36
C ILE E 89 11.23 51.56 9.19
N MET E 90 10.44 50.52 9.48
CA MET E 90 9.81 49.72 8.45
C MET E 90 8.30 49.80 8.57
N PHE E 91 7.62 49.82 7.43
CA PHE E 91 6.17 49.73 7.36
C PHE E 91 5.81 48.82 6.19
N ASP E 92 4.51 48.63 6.00
CA ASP E 92 3.98 47.73 4.99
C ASP E 92 3.16 48.53 3.99
N VAL E 93 3.53 48.47 2.71
CA VAL E 93 2.87 49.26 1.68
C VAL E 93 1.50 48.68 1.37
N THR E 94 1.16 47.54 2.00
CA THR E 94 -0.16 46.94 1.88
C THR E 94 -1.01 47.15 3.14
N SER E 95 -0.60 48.07 4.02
CA SER E 95 -1.33 48.32 5.26
C SER E 95 -1.09 49.78 5.65
N ARG E 96 -2.01 50.66 5.27
CA ARG E 96 -1.81 52.09 5.50
C ARG E 96 -1.61 52.41 6.97
N VAL E 97 -2.17 51.59 7.87
CA VAL E 97 -2.03 51.88 9.30
C VAL E 97 -0.56 51.80 9.71
N THR E 98 0.19 50.88 9.12
CA THR E 98 1.61 50.77 9.46
C THR E 98 2.37 52.03 9.06
N TYR E 99 2.00 52.63 7.93
CA TYR E 99 2.59 53.90 7.54
C TYR E 99 2.07 55.04 8.41
N LYS E 100 0.82 54.94 8.87
CA LYS E 100 0.26 55.96 9.75
C LYS E 100 1.01 56.04 11.07
N ASN E 101 1.61 54.94 11.51
CA ASN E 101 2.34 54.90 12.77
C ASN E 101 3.81 55.21 12.61
N VAL E 102 4.30 55.39 11.38
CA VAL E 102 5.71 55.71 11.17
C VAL E 102 6.13 56.92 11.99
N PRO E 103 5.38 58.03 12.02
CA PRO E 103 5.82 59.16 12.86
C PRO E 103 6.01 58.80 14.32
N ASN E 104 5.12 57.98 14.90
CA ASN E 104 5.26 57.61 16.30
C ASN E 104 6.57 56.88 16.54
N TRP E 105 6.96 55.98 15.63
CA TRP E 105 8.25 55.30 15.76
C TRP E 105 9.40 56.29 15.67
N HIS E 106 9.35 57.18 14.68
CA HIS E 106 10.42 58.17 14.53
C HIS E 106 10.54 59.04 15.78
N ARG E 107 9.40 59.44 16.34
CA ARG E 107 9.42 60.27 17.55
C ARG E 107 10.12 59.55 18.69
N ASP E 108 9.76 58.29 18.93
CA ASP E 108 10.40 57.52 19.99
C ASP E 108 11.90 57.41 19.77
N LEU E 109 12.33 57.26 18.52
CA LEU E 109 13.75 57.12 18.23
C LEU E 109 14.50 58.41 18.54
N VAL E 110 14.11 59.50 17.89
CA VAL E 110 14.85 60.75 18.01
C VAL E 110 14.89 61.25 19.45
N ARG E 111 13.93 60.85 20.28
CA ARG E 111 13.97 61.23 21.69
C ARG E 111 15.17 60.63 22.39
N VAL E 112 15.62 59.45 21.96
CA VAL E 112 16.70 58.73 22.64
C VAL E 112 18.02 58.94 21.91
N CYS E 113 17.97 59.20 20.60
CA CYS E 113 19.17 59.23 19.78
C CYS E 113 19.41 60.55 19.04
N GLU E 114 18.39 61.39 18.87
CA GLU E 114 18.49 62.67 18.18
C GLU E 114 19.01 62.40 16.76
N ASN E 115 20.11 62.99 16.33
CA ASN E 115 20.56 62.87 14.94
C ASN E 115 21.37 61.59 14.78
N ILE E 116 20.72 60.55 14.26
CA ILE E 116 21.41 59.35 13.80
C ILE E 116 20.90 59.07 12.40
N PRO E 117 21.70 58.47 11.52
CA PRO E 117 21.17 58.10 10.19
C PRO E 117 20.04 57.09 10.33
N ILE E 118 18.88 57.44 9.77
CA ILE E 118 17.68 56.62 9.84
C ILE E 118 17.20 56.37 8.42
N VAL E 119 16.88 55.11 8.12
CA VAL E 119 16.33 54.72 6.82
C VAL E 119 14.87 54.33 7.02
N LEU E 120 13.99 54.89 6.20
CA LEU E 120 12.60 54.49 6.13
C LEU E 120 12.44 53.48 5.01
N CYS E 121 11.83 52.33 5.31
CA CYS E 121 11.70 51.24 4.35
C CYS E 121 10.24 50.85 4.23
N GLY E 122 9.70 50.94 3.02
CA GLY E 122 8.38 50.42 2.72
C GLY E 122 8.47 49.02 2.15
N ASN E 123 8.11 48.02 2.95
CA ASN E 123 8.32 46.63 2.60
C ASN E 123 7.10 46.06 1.87
N LYS E 124 7.31 44.90 1.25
CA LYS E 124 6.25 44.14 0.60
C LYS E 124 5.76 44.82 -0.67
N VAL E 125 6.67 45.47 -1.40
CA VAL E 125 6.29 46.05 -2.68
C VAL E 125 6.14 44.99 -3.77
N ASP E 126 6.44 43.73 -3.47
CA ASP E 126 6.19 42.64 -4.40
C ASP E 126 4.71 42.35 -4.58
N ILE E 127 3.87 42.82 -3.67
CA ILE E 127 2.44 42.54 -3.73
C ILE E 127 1.78 43.53 -4.69
N LYS E 128 0.96 43.01 -5.60
CA LYS E 128 0.34 43.86 -6.61
C LYS E 128 -0.62 44.85 -5.97
N ASP E 129 -1.46 44.38 -5.04
CA ASP E 129 -2.48 45.22 -4.42
C ASP E 129 -1.80 46.13 -3.39
N ARG E 130 -1.14 47.17 -3.90
CA ARG E 130 -0.41 48.11 -3.07
C ARG E 130 -1.35 49.22 -2.60
N LYS E 131 -1.40 49.43 -1.29
CA LYS E 131 -2.28 50.43 -0.70
C LYS E 131 -1.59 51.77 -0.54
N VAL E 132 -0.37 51.78 -0.01
CA VAL E 132 0.39 53.00 0.20
C VAL E 132 1.16 53.28 -1.09
N LYS E 133 0.65 54.21 -1.89
CA LYS E 133 1.27 54.53 -3.16
C LYS E 133 2.57 55.32 -2.95
N ALA E 134 3.45 55.24 -3.95
CA ALA E 134 4.69 56.01 -3.89
C ALA E 134 4.43 57.49 -3.73
N LYS E 135 3.27 57.98 -4.19
CA LYS E 135 2.93 59.38 -4.00
C LYS E 135 2.53 59.67 -2.57
N SER E 136 1.86 58.71 -1.90
CA SER E 136 1.44 58.91 -0.52
C SER E 136 2.60 58.96 0.45
N ILE E 137 3.74 58.38 0.09
CA ILE E 137 4.90 58.33 0.98
C ILE E 137 5.60 59.68 0.93
N VAL E 138 5.47 60.45 2.01
CA VAL E 138 6.04 61.79 2.10
C VAL E 138 6.76 62.02 3.42
N PHE E 139 6.77 61.04 4.33
CA PHE E 139 7.34 61.28 5.65
C PHE E 139 8.86 61.42 5.61
N HIS E 140 9.52 60.84 4.60
CA HIS E 140 10.97 60.95 4.53
C HIS E 140 11.38 62.38 4.17
N ARG E 141 10.61 63.04 3.30
CA ARG E 141 10.85 64.46 3.06
C ARG E 141 10.47 65.32 4.26
N LYS E 142 9.61 64.80 5.15
CA LYS E 142 9.17 65.58 6.30
C LYS E 142 10.27 65.69 7.35
N LYS E 143 11.05 64.63 7.55
CA LYS E 143 12.01 64.57 8.64
C LYS E 143 13.44 64.31 8.15
N ASN E 144 13.73 64.55 6.87
CA ASN E 144 15.07 64.37 6.33
C ASN E 144 15.56 62.93 6.53
N LEU E 145 14.85 62.00 5.92
CA LEU E 145 15.17 60.58 5.99
C LEU E 145 15.36 60.03 4.59
N GLN E 146 16.13 58.95 4.50
CA GLN E 146 16.34 58.24 3.24
C GLN E 146 15.29 57.13 3.13
N TYR E 147 14.49 57.17 2.08
CA TYR E 147 13.44 56.17 1.86
C TYR E 147 13.83 55.21 0.75
N TYR E 148 13.45 53.95 0.93
CA TYR E 148 13.64 52.91 -0.08
C TYR E 148 12.41 52.02 -0.10
N ASP E 149 11.85 51.83 -1.29
CA ASP E 149 10.96 50.70 -1.51
C ASP E 149 11.79 49.43 -1.43
N ILE E 150 11.32 48.45 -0.64
CA ILE E 150 12.04 47.20 -0.48
C ILE E 150 11.04 46.05 -0.48
N SER E 151 11.57 44.86 -0.75
CA SER E 151 10.79 43.62 -0.65
C SER E 151 11.73 42.53 -0.17
N ALA E 152 11.52 42.05 1.06
CA ALA E 152 12.29 40.93 1.55
C ALA E 152 12.04 39.68 0.73
N LYS E 153 10.86 39.56 0.12
CA LYS E 153 10.53 38.37 -0.65
C LYS E 153 11.27 38.33 -1.97
N SER E 154 11.23 39.43 -2.73
CA SER E 154 11.87 39.48 -4.04
C SER E 154 13.29 40.04 -3.98
N ASN E 155 13.76 40.47 -2.80
CA ASN E 155 15.09 41.06 -2.59
C ASN E 155 15.25 42.42 -3.26
N TYR E 156 14.16 43.03 -3.72
CA TYR E 156 14.25 44.34 -4.34
C TYR E 156 14.79 45.36 -3.33
N ASN E 157 15.90 46.00 -3.68
CA ASN E 157 16.54 47.03 -2.86
C ASN E 157 16.90 46.55 -1.45
N PHE E 158 16.97 45.23 -1.25
CA PHE E 158 17.14 44.72 0.12
C PHE E 158 18.50 45.07 0.71
N GLU E 159 19.48 45.47 -0.11
CA GLU E 159 20.77 45.91 0.39
C GLU E 159 20.89 47.42 0.54
N LYS E 160 19.99 48.19 -0.09
CA LYS E 160 20.14 49.64 -0.10
C LYS E 160 20.16 50.25 1.31
N PRO E 161 19.32 49.82 2.26
CA PRO E 161 19.38 50.45 3.59
C PRO E 161 20.76 50.34 4.23
N PHE E 162 21.41 49.18 4.11
CA PHE E 162 22.70 49.00 4.75
C PHE E 162 23.81 49.74 4.01
N LEU E 163 23.72 49.83 2.68
CA LEU E 163 24.73 50.56 1.91
C LEU E 163 24.69 52.05 2.25
N TRP E 164 23.48 52.63 2.29
CA TRP E 164 23.35 54.05 2.60
C TRP E 164 23.82 54.34 4.02
N LEU E 165 23.35 53.55 4.99
CA LEU E 165 23.81 53.70 6.36
C LEU E 165 25.33 53.59 6.45
N ALA E 166 25.91 52.62 5.73
CA ALA E 166 27.35 52.47 5.76
C ALA E 166 28.04 53.70 5.20
N ARG E 167 27.51 54.27 4.12
CA ARG E 167 28.10 55.48 3.55
C ARG E 167 27.97 56.66 4.50
N LYS E 168 26.83 56.79 5.16
CA LYS E 168 26.65 57.85 6.14
C LYS E 168 27.61 57.68 7.31
N LEU E 169 27.64 56.49 7.91
CA LEU E 169 28.44 56.28 9.10
C LEU E 169 29.93 56.34 8.81
N ILE E 170 30.35 55.89 7.62
CA ILE E 170 31.77 55.87 7.28
C ILE E 170 32.21 57.16 6.61
N GLY E 171 31.29 58.01 6.16
CA GLY E 171 31.66 59.24 5.50
C GLY E 171 32.28 59.06 4.15
N ASP E 172 31.85 58.03 3.40
CA ASP E 172 32.39 57.74 2.07
C ASP E 172 31.24 57.64 1.09
N PRO E 173 30.97 58.68 0.30
CA PRO E 173 29.90 58.59 -0.70
C PRO E 173 30.13 57.51 -1.75
N ASN E 174 31.38 57.06 -1.93
CA ASN E 174 31.71 56.10 -2.96
C ASN E 174 31.87 54.69 -2.42
N LEU E 175 31.53 54.45 -1.15
CA LEU E 175 31.64 53.11 -0.59
C LEU E 175 30.80 52.11 -1.37
N GLU E 176 31.37 50.95 -1.64
CA GLU E 176 30.69 49.88 -2.37
C GLU E 176 30.77 48.59 -1.55
N PHE E 177 29.81 47.70 -1.80
CA PHE E 177 29.92 46.31 -1.37
C PHE E 177 30.74 45.55 -2.40
N VAL E 178 31.65 44.70 -1.92
CA VAL E 178 32.56 43.95 -2.78
C VAL E 178 32.52 42.49 -2.39
N ALA E 179 33.07 41.65 -3.26
CA ALA E 179 33.07 40.20 -3.05
C ALA E 179 33.91 39.85 -1.82
N MET E 180 33.28 39.19 -0.85
CA MET E 180 34.03 38.70 0.29
C MET E 180 34.98 37.60 -0.16
N PRO E 181 36.18 37.50 0.43
CA PRO E 181 37.10 36.43 0.03
C PRO E 181 36.45 35.06 0.17
N ALA E 182 36.81 34.16 -0.75
CA ALA E 182 36.28 32.79 -0.77
C ALA E 182 37.42 31.87 -1.22
N LEU E 183 38.21 31.42 -0.26
CA LEU E 183 39.34 30.55 -0.58
C LEU E 183 38.87 29.14 -0.89
N ALA E 184 39.54 28.50 -1.82
CA ALA E 184 39.20 27.13 -2.18
C ALA E 184 39.36 26.23 -0.97
N PRO E 185 38.34 25.48 -0.58
CA PRO E 185 38.46 24.60 0.59
C PRO E 185 39.28 23.37 0.27
N PRO E 186 39.74 22.64 1.28
CA PRO E 186 40.55 21.45 1.03
C PRO E 186 39.70 20.27 0.57
N GLU E 187 40.36 19.35 -0.13
CA GLU E 187 39.74 18.08 -0.51
C GLU E 187 39.95 17.11 0.64
N VAL E 188 38.90 16.85 1.40
CA VAL E 188 38.98 15.98 2.57
C VAL E 188 38.56 14.58 2.17
N VAL E 189 39.11 13.59 2.85
CA VAL E 189 38.72 12.19 2.65
C VAL E 189 37.39 11.98 3.36
N MET E 190 36.34 11.73 2.59
CA MET E 190 35.00 11.60 3.16
C MET E 190 34.85 10.28 3.90
N ASP E 191 34.12 10.32 5.01
CA ASP E 191 33.89 9.14 5.83
C ASP E 191 32.85 8.24 5.17
N PRO E 192 33.21 7.04 4.72
CA PRO E 192 32.20 6.14 4.14
C PRO E 192 31.15 5.71 5.14
N ALA E 193 31.39 5.89 6.45
CA ALA E 193 30.39 5.53 7.44
C ALA E 193 29.21 6.50 7.40
N LEU E 194 29.50 7.80 7.45
CA LEU E 194 28.44 8.81 7.37
C LEU E 194 27.80 8.90 5.99
N ALA E 195 28.36 8.21 4.99
CA ALA E 195 27.78 8.26 3.65
C ALA E 195 26.34 7.76 3.65
N ALA E 196 26.06 6.69 4.40
CA ALA E 196 24.70 6.15 4.43
C ALA E 196 23.75 7.09 5.14
N GLN E 197 24.22 7.85 6.12
CA GLN E 197 23.37 8.82 6.80
C GLN E 197 23.09 10.02 5.90
N TYR E 198 24.09 10.45 5.12
CA TYR E 198 23.87 11.52 4.15
C TYR E 198 22.86 11.10 3.09
N GLU E 199 22.72 9.79 2.86
CA GLU E 199 21.80 9.32 1.83
C GLU E 199 20.37 9.29 2.32
N HIS E 200 20.15 9.06 3.62
CA HIS E 200 18.78 9.03 4.13
C HIS E 200 18.19 10.43 4.18
N ASP E 201 18.89 11.38 4.82
CA ASP E 201 18.42 12.75 4.84
C ASP E 201 18.12 13.25 3.43
N LEU E 202 18.87 12.78 2.43
CA LEU E 202 18.60 13.16 1.06
C LEU E 202 17.27 12.59 0.58
N GLU E 203 16.92 11.38 1.01
CA GLU E 203 15.69 10.75 0.55
C GLU E 203 14.47 11.54 1.00
N VAL E 204 14.41 11.91 2.27
CA VAL E 204 13.28 12.69 2.77
C VAL E 204 13.21 14.03 2.04
N ALA E 205 14.38 14.62 1.77
CA ALA E 205 14.40 15.91 1.08
C ALA E 205 13.97 15.78 -0.38
N GLN E 206 14.13 14.60 -0.97
CA GLN E 206 13.71 14.36 -2.35
C GLN E 206 12.20 14.22 -2.48
N THR E 207 11.47 14.05 -1.38
CA THR E 207 10.03 13.99 -1.41
C THR E 207 9.38 15.36 -1.22
N THR E 208 10.16 16.37 -0.85
CA THR E 208 9.63 17.68 -0.46
C THR E 208 10.01 18.71 -1.52
N ALA E 209 9.00 19.44 -2.01
CA ALA E 209 9.20 20.39 -3.09
C ALA E 209 9.83 21.68 -2.57
N LEU E 210 10.44 22.42 -3.50
CA LEU E 210 11.01 23.70 -3.16
C LEU E 210 9.90 24.70 -2.83
N PRO E 211 10.20 25.72 -2.02
CA PRO E 211 9.16 26.69 -1.64
C PRO E 211 8.33 27.23 -2.80
N ASP E 212 8.91 27.41 -3.97
CA ASP E 212 8.15 27.86 -5.14
C ASP E 212 8.13 26.79 -6.22
N GLY F 1 17.17 66.29 11.91
CA GLY F 1 16.53 67.37 11.20
C GLY F 1 17.51 68.24 10.44
N PRO F 2 17.00 69.17 9.62
CA PRO F 2 17.88 70.03 8.83
C PRO F 2 18.70 70.97 9.71
N GLY F 3 19.73 71.55 9.11
CA GLY F 3 20.60 72.49 9.78
C GLY F 3 21.96 71.88 10.09
N SER F 4 22.83 72.72 10.64
CA SER F 4 24.18 72.29 10.95
C SER F 4 24.23 71.56 12.29
N HIS F 5 25.02 70.50 12.34
CA HIS F 5 25.20 69.71 13.54
C HIS F 5 26.44 68.85 13.36
N PHE F 6 26.99 68.38 14.47
CA PHE F 6 28.18 67.54 14.47
C PHE F 6 27.76 66.08 14.53
N GLU F 7 28.22 65.30 13.55
CA GLU F 7 27.91 63.87 13.48
C GLU F 7 29.16 63.03 13.71
N PRO F 8 29.04 61.89 14.37
CA PRO F 8 30.18 60.97 14.46
C PRO F 8 30.42 60.23 13.15
N ILE F 9 31.68 60.18 12.73
CA ILE F 9 32.08 59.54 11.49
C ILE F 9 33.25 58.61 11.79
N VAL F 10 33.24 57.43 11.17
CA VAL F 10 34.30 56.44 11.33
C VAL F 10 35.05 56.35 10.01
N SER F 11 36.27 56.88 9.99
CA SER F 11 37.09 56.81 8.79
C SER F 11 37.82 55.47 8.73
N LEU F 12 37.77 54.83 7.58
CA LEU F 12 38.46 53.57 7.35
C LEU F 12 39.37 53.70 6.13
N PRO F 13 40.46 52.93 6.09
CA PRO F 13 41.35 52.98 4.92
C PRO F 13 40.85 52.09 3.81
N GLU F 14 41.14 52.50 2.58
CA GLU F 14 40.84 51.66 1.42
C GLU F 14 41.74 50.43 1.44
N VAL F 15 41.14 49.27 1.17
CA VAL F 15 41.84 47.99 1.21
C VAL F 15 41.56 47.24 -0.07
N GLU F 16 42.50 46.37 -0.45
CA GLU F 16 42.34 45.49 -1.59
C GLU F 16 41.80 44.16 -1.08
N VAL F 17 40.57 43.82 -1.46
CA VAL F 17 39.94 42.57 -1.07
C VAL F 17 40.09 41.60 -2.24
N LYS F 18 40.87 40.54 -2.04
CA LYS F 18 41.01 39.51 -3.05
C LYS F 18 39.80 38.59 -3.00
N SER F 19 39.31 38.22 -4.19
CA SER F 19 38.13 37.36 -4.25
C SER F 19 38.46 35.93 -3.83
N GLY F 20 39.69 35.47 -4.10
CA GLY F 20 40.05 34.08 -3.92
C GLY F 20 39.85 33.23 -5.15
N GLU F 21 39.43 33.83 -6.27
CA GLU F 21 39.17 33.11 -7.52
C GLU F 21 40.21 33.45 -8.59
N GLU F 22 41.24 34.22 -8.26
CA GLU F 22 42.16 34.72 -9.27
C GLU F 22 42.81 33.58 -10.05
N ASP F 23 43.15 32.49 -9.36
CA ASP F 23 43.94 31.41 -9.95
C ASP F 23 43.07 30.25 -10.44
N GLU F 24 41.83 30.52 -10.85
CA GLU F 24 40.91 29.48 -11.25
C GLU F 24 40.22 29.83 -12.56
N GLU F 25 39.97 28.80 -13.36
CA GLU F 25 39.27 28.94 -14.63
C GLU F 25 37.77 28.74 -14.40
N ILE F 26 36.97 29.51 -15.12
CA ILE F 26 35.51 29.41 -15.02
C ILE F 26 35.02 28.41 -16.06
N LEU F 27 34.58 27.24 -15.59
CA LEU F 27 34.02 26.22 -16.46
C LEU F 27 32.51 26.33 -16.62
N PHE F 28 31.87 27.17 -15.80
CA PHE F 28 30.42 27.32 -15.81
C PHE F 28 30.05 28.56 -15.01
N LYS F 29 29.11 29.34 -15.54
CA LYS F 29 28.62 30.53 -14.83
C LYS F 29 27.21 30.82 -15.33
N GLU F 30 26.22 30.57 -14.49
CA GLU F 30 24.83 30.83 -14.83
C GLU F 30 24.09 31.26 -13.57
N ARG F 31 23.03 32.05 -13.77
CA ARG F 31 22.20 32.46 -12.65
C ARG F 31 21.40 31.27 -12.12
N ALA F 32 21.08 31.33 -10.83
CA ALA F 32 20.45 30.20 -10.17
C ALA F 32 19.90 30.65 -8.83
N LYS F 33 18.93 29.88 -8.33
CA LYS F 33 18.48 29.96 -6.95
C LYS F 33 19.00 28.72 -6.22
N LEU F 34 19.59 28.94 -5.04
CA LEU F 34 20.11 27.86 -4.23
C LEU F 34 19.21 27.66 -3.01
N TYR F 35 19.04 26.41 -2.61
CA TYR F 35 18.26 26.06 -1.44
C TYR F 35 19.07 25.10 -0.57
N ARG F 36 18.74 25.08 0.72
CA ARG F 36 19.40 24.22 1.68
C ARG F 36 18.36 23.47 2.49
N TRP F 37 18.57 22.17 2.68
CA TRP F 37 17.64 21.34 3.41
C TRP F 37 17.81 21.57 4.91
N ASP F 38 16.72 21.93 5.58
CA ASP F 38 16.69 22.11 7.03
C ASP F 38 16.00 20.89 7.63
N ARG F 39 16.80 19.95 8.14
CA ARG F 39 16.27 18.71 8.68
C ARG F 39 15.39 18.91 9.90
N ASP F 40 15.53 20.04 10.61
CA ASP F 40 14.75 20.24 11.82
C ASP F 40 13.27 20.44 11.50
N VAL F 41 12.96 21.18 10.43
CA VAL F 41 11.58 21.50 10.08
C VAL F 41 11.17 20.83 8.77
N SER F 42 12.02 19.99 8.18
CA SER F 42 11.74 19.31 6.93
C SER F 42 11.29 20.31 5.86
N GLN F 43 12.19 21.24 5.52
CA GLN F 43 11.91 22.26 4.54
C GLN F 43 13.16 22.56 3.72
N TRP F 44 12.97 22.73 2.42
CA TRP F 44 13.95 23.41 1.60
C TRP F 44 13.84 24.91 1.86
N LYS F 45 14.92 25.52 2.35
CA LYS F 45 14.96 26.95 2.61
C LYS F 45 15.83 27.63 1.57
N GLU F 46 15.37 28.79 1.09
CA GLU F 46 16.16 29.54 0.13
C GLU F 46 17.50 29.91 0.75
N ARG F 47 18.57 29.71 -0.01
CA ARG F 47 19.93 29.95 0.47
C ARG F 47 20.60 31.12 -0.22
N GLY F 48 20.24 31.42 -1.47
CA GLY F 48 20.81 32.55 -2.16
C GLY F 48 20.45 32.56 -3.64
N VAL F 49 20.51 33.74 -4.26
CA VAL F 49 20.24 33.90 -5.69
C VAL F 49 21.39 34.68 -6.29
N GLY F 50 21.98 34.13 -7.36
CA GLY F 50 23.11 34.78 -7.99
C GLY F 50 23.78 33.84 -8.98
N ASP F 51 25.02 34.16 -9.32
CA ASP F 51 25.79 33.36 -10.27
C ASP F 51 26.47 32.22 -9.52
N ILE F 52 26.07 30.99 -9.82
CA ILE F 52 26.77 29.80 -9.35
C ILE F 52 27.84 29.47 -10.37
N LYS F 53 29.00 29.02 -9.88
CA LYS F 53 30.17 28.80 -10.71
C LYS F 53 30.78 27.43 -10.47
N ILE F 54 31.34 26.86 -11.53
CA ILE F 54 32.24 25.71 -11.43
C ILE F 54 33.62 26.21 -11.81
N LEU F 55 34.55 26.16 -10.86
CA LEU F 55 35.90 26.69 -11.03
C LEU F 55 36.90 25.55 -11.01
N GLN F 56 38.00 25.71 -11.76
CA GLN F 56 39.10 24.76 -11.76
C GLN F 56 40.43 25.49 -11.62
N ASN F 57 41.21 25.08 -10.63
CA ASN F 57 42.54 25.66 -10.43
C ASN F 57 43.44 25.32 -11.60
N TYR F 58 44.07 26.34 -12.20
CA TYR F 58 44.93 26.10 -13.34
C TYR F 58 46.03 25.10 -13.02
N ASP F 59 46.64 25.23 -11.84
CA ASP F 59 47.87 24.50 -11.54
C ASP F 59 47.62 23.12 -10.92
N ASN F 60 46.79 23.05 -9.89
CA ASN F 60 46.54 21.77 -9.22
C ASN F 60 45.25 21.09 -9.67
N LYS F 61 44.53 21.68 -10.63
CA LYS F 61 43.37 21.06 -11.27
C LYS F 61 42.24 20.76 -10.30
N GLN F 62 42.25 21.36 -9.12
CA GLN F 62 41.16 21.17 -8.18
C GLN F 62 39.92 21.90 -8.66
N VAL F 63 38.77 21.23 -8.59
CA VAL F 63 37.51 21.78 -9.04
C VAL F 63 36.62 22.02 -7.82
N ARG F 64 35.88 23.13 -7.84
CA ARG F 64 34.96 23.44 -6.75
C ARG F 64 33.74 24.14 -7.29
N ILE F 65 32.72 24.23 -6.45
CA ILE F 65 31.53 25.03 -6.70
C ILE F 65 31.60 26.29 -5.84
N LEU F 66 31.26 27.43 -6.42
CA LEU F 66 31.24 28.68 -5.70
C LEU F 66 30.05 29.50 -6.17
N MET F 67 29.33 30.09 -5.22
CA MET F 67 28.18 30.93 -5.52
C MET F 67 28.14 32.10 -4.57
N ARG F 68 27.87 33.28 -5.11
CA ARG F 68 27.76 34.51 -4.33
C ARG F 68 26.39 35.13 -4.55
N ARG F 69 25.81 35.66 -3.49
N ARG F 69 25.81 35.66 -3.49
CA ARG F 69 24.49 36.29 -3.60
CA ARG F 69 24.50 36.30 -3.59
C ARG F 69 24.60 37.63 -4.30
C ARG F 69 24.62 37.63 -4.32
N ASP F 70 23.56 37.98 -5.04
CA ASP F 70 23.54 39.23 -5.78
C ASP F 70 23.55 40.41 -4.81
N GLN F 71 24.07 41.54 -5.30
CA GLN F 71 24.02 42.81 -4.57
C GLN F 71 24.92 42.83 -3.34
N VAL F 72 24.86 41.78 -2.51
CA VAL F 72 25.73 41.70 -1.34
C VAL F 72 26.99 40.87 -1.59
N PHE F 73 26.99 40.03 -2.62
CA PHE F 73 28.19 39.30 -3.03
C PHE F 73 28.71 38.34 -1.97
N LYS F 74 27.88 38.01 -0.99
CA LYS F 74 28.29 37.06 0.05
C LYS F 74 28.23 35.64 -0.47
N VAL F 75 29.15 34.81 0.02
CA VAL F 75 29.21 33.42 -0.39
C VAL F 75 28.01 32.68 0.18
N CYS F 76 27.36 31.87 -0.65
CA CYS F 76 26.32 30.97 -0.19
C CYS F 76 26.59 29.52 -0.57
N ALA F 77 27.71 29.23 -1.23
CA ALA F 77 28.12 27.86 -1.48
C ALA F 77 29.61 27.87 -1.83
N ASN F 78 30.37 26.98 -1.18
CA ASN F 78 31.81 26.86 -1.47
C ASN F 78 32.24 25.47 -1.03
N HIS F 79 32.38 24.56 -1.99
CA HIS F 79 32.73 23.19 -1.69
C HIS F 79 33.39 22.55 -2.90
N VAL F 80 34.35 21.66 -2.64
CA VAL F 80 35.02 20.94 -3.69
C VAL F 80 34.06 19.92 -4.31
N ILE F 81 34.31 19.58 -5.56
CA ILE F 81 33.60 18.49 -6.23
C ILE F 81 34.40 17.21 -6.05
N THR F 82 33.74 16.14 -5.65
CA THR F 82 34.37 14.86 -5.38
C THR F 82 33.76 13.78 -6.26
N LYS F 83 34.49 12.67 -6.42
CA LYS F 83 33.99 11.56 -7.22
C LYS F 83 32.74 10.93 -6.61
N THR F 84 32.60 11.01 -5.28
CA THR F 84 31.50 10.33 -4.60
C THR F 84 30.21 11.13 -4.63
N MET F 85 30.27 12.42 -4.93
CA MET F 85 29.06 13.24 -4.97
C MET F 85 28.14 12.76 -6.10
N GLU F 86 26.84 12.77 -5.82
CA GLU F 86 25.82 12.37 -6.77
C GLU F 86 24.88 13.54 -6.98
N LEU F 87 24.78 14.01 -8.22
CA LEU F 87 23.88 15.11 -8.59
C LEU F 87 22.63 14.49 -9.19
N LYS F 88 21.51 14.58 -8.44
CA LYS F 88 20.28 13.93 -8.83
C LYS F 88 19.17 14.94 -9.09
N PRO F 89 18.22 14.63 -9.96
CA PRO F 89 17.08 15.52 -10.14
C PRO F 89 16.13 15.47 -8.95
N LEU F 90 15.47 16.60 -8.71
CA LEU F 90 14.43 16.72 -7.69
C LEU F 90 13.10 16.52 -8.40
N ASN F 91 12.54 15.31 -8.28
CA ASN F 91 11.38 14.94 -9.08
C ASN F 91 10.15 15.77 -8.73
N VAL F 92 10.08 16.28 -7.49
CA VAL F 92 8.91 17.03 -7.06
C VAL F 92 8.98 18.51 -7.42
N SER F 93 10.06 18.96 -8.05
CA SER F 93 10.20 20.33 -8.51
C SER F 93 10.75 20.33 -9.94
N ASN F 94 10.63 21.48 -10.59
CA ASN F 94 11.00 21.62 -11.99
C ASN F 94 12.37 22.25 -12.12
N ASN F 95 13.17 21.73 -13.05
CA ASN F 95 14.47 22.31 -13.38
C ASN F 95 15.35 22.45 -12.14
N ALA F 96 15.36 21.42 -11.30
CA ALA F 96 16.08 21.46 -10.04
C ALA F 96 16.94 20.21 -9.88
N LEU F 97 18.10 20.39 -9.25
CA LEU F 97 19.05 19.31 -9.00
C LEU F 97 19.47 19.35 -7.53
N VAL F 98 19.77 18.18 -6.98
CA VAL F 98 20.04 18.02 -5.56
C VAL F 98 21.32 17.22 -5.37
N TRP F 99 22.09 17.58 -4.34
CA TRP F 99 23.31 16.85 -4.02
C TRP F 99 23.76 17.24 -2.61
N THR F 100 24.69 16.46 -2.08
CA THR F 100 25.23 16.66 -0.74
C THR F 100 26.70 17.07 -0.85
N ALA F 101 27.13 17.97 0.05
CA ALA F 101 28.48 18.51 -0.02
C ALA F 101 28.91 18.98 1.36
N SER F 102 30.23 19.04 1.54
CA SER F 102 30.83 19.69 2.71
C SER F 102 31.07 21.13 2.33
N ASP F 103 30.20 22.02 2.80
CA ASP F 103 30.17 23.40 2.36
C ASP F 103 30.90 24.31 3.35
N TYR F 104 31.52 25.36 2.81
CA TYR F 104 32.32 26.30 3.61
C TYR F 104 31.82 27.73 3.49
N ALA F 105 30.58 27.93 3.03
CA ALA F 105 30.07 29.29 2.87
C ALA F 105 30.13 30.08 4.17
N ASP F 106 30.05 29.41 5.31
CA ASP F 106 30.10 30.05 6.61
C ASP F 106 31.50 30.02 7.22
N GLY F 107 32.52 29.69 6.43
CA GLY F 107 33.89 29.67 6.91
C GLY F 107 34.34 28.36 7.51
N GLU F 108 33.42 27.43 7.75
CA GLU F 108 33.75 26.16 8.39
C GLU F 108 32.96 25.05 7.71
N ALA F 109 33.54 23.86 7.69
CA ALA F 109 32.91 22.73 6.99
C ALA F 109 31.58 22.37 7.63
N LYS F 110 30.54 22.28 6.80
CA LYS F 110 29.22 21.84 7.25
C LYS F 110 28.61 20.99 6.15
N VAL F 111 28.26 19.75 6.49
CA VAL F 111 27.56 18.89 5.54
C VAL F 111 26.16 19.45 5.32
N GLU F 112 25.76 19.56 4.06
CA GLU F 112 24.48 20.15 3.70
C GLU F 112 23.93 19.48 2.47
N GLN F 113 22.61 19.26 2.46
CA GLN F 113 21.90 18.85 1.26
C GLN F 113 21.43 20.10 0.53
N LEU F 114 21.93 20.30 -0.68
CA LEU F 114 21.66 21.49 -1.45
C LEU F 114 20.77 21.17 -2.64
N ALA F 115 20.00 22.16 -3.07
CA ALA F 115 19.23 22.10 -4.30
C ALA F 115 19.47 23.38 -5.08
N VAL F 116 19.54 23.27 -6.40
CA VAL F 116 19.79 24.40 -7.28
C VAL F 116 18.71 24.40 -8.36
N ARG F 117 18.15 25.56 -8.64
CA ARG F 117 17.13 25.75 -9.65
C ARG F 117 17.62 26.78 -10.66
N PHE F 118 17.55 26.44 -11.94
CA PHE F 118 18.01 27.31 -13.01
C PHE F 118 16.82 27.87 -13.78
N LYS F 119 17.13 28.79 -14.70
CA LYS F 119 16.08 29.42 -15.50
C LYS F 119 15.42 28.41 -16.42
N THR F 120 16.21 27.61 -17.13
CA THR F 120 15.72 26.65 -18.09
C THR F 120 16.16 25.25 -17.71
N LYS F 121 15.50 24.25 -18.30
CA LYS F 121 15.98 22.88 -18.18
C LYS F 121 17.24 22.66 -19.01
N GLU F 122 17.46 23.49 -20.04
CA GLU F 122 18.68 23.40 -20.82
C GLU F 122 19.90 23.70 -19.95
N VAL F 123 19.85 24.81 -19.21
CA VAL F 123 20.98 25.18 -18.36
C VAL F 123 21.22 24.11 -17.30
N ALA F 124 20.14 23.61 -16.69
CA ALA F 124 20.29 22.57 -15.67
C ALA F 124 21.01 21.35 -16.22
N ASP F 125 20.63 20.90 -17.42
CA ASP F 125 21.30 19.77 -18.04
C ASP F 125 22.76 20.08 -18.35
N CYS F 126 23.06 21.34 -18.69
CA CYS F 126 24.45 21.72 -18.93
C CYS F 126 25.25 21.72 -17.63
N PHE F 127 24.65 22.20 -16.54
CA PHE F 127 25.31 22.15 -15.24
C PHE F 127 25.60 20.71 -14.85
N LYS F 128 24.62 19.82 -15.03
CA LYS F 128 24.82 18.42 -14.68
C LYS F 128 25.91 17.78 -15.53
N LYS F 129 25.98 18.14 -16.81
CA LYS F 129 27.00 17.55 -17.67
C LYS F 129 28.38 18.06 -17.32
N THR F 130 28.51 19.36 -17.06
CA THR F 130 29.79 19.91 -16.64
C THR F 130 30.21 19.35 -15.28
N PHE F 131 29.26 19.24 -14.35
CA PHE F 131 29.56 18.69 -13.04
C PHE F 131 30.10 17.26 -13.14
N GLU F 132 29.50 16.44 -14.00
CA GLU F 132 29.90 15.05 -14.11
C GLU F 132 31.20 14.88 -14.89
N GLU F 133 31.43 15.72 -15.90
CA GLU F 133 32.71 15.68 -16.61
C GLU F 133 33.87 15.97 -15.67
N CYS F 134 33.70 16.96 -14.78
CA CYS F 134 34.73 17.24 -13.79
C CYS F 134 34.98 16.01 -12.92
N GLN F 135 33.93 15.28 -12.56
CA GLN F 135 34.10 14.07 -11.76
C GLN F 135 34.86 13.00 -12.54
N GLN F 136 34.60 12.89 -13.84
CA GLN F 136 35.25 11.85 -14.63
C GLN F 136 36.75 12.06 -14.73
N ASN F 137 37.22 13.31 -14.62
CA ASN F 137 38.62 13.63 -14.75
C ASN F 137 39.33 13.85 -13.42
N LEU F 138 38.71 13.46 -12.31
CA LEU F 138 39.35 13.53 -11.01
C LEU F 138 40.30 12.35 -10.83
N GLU G 7 -17.51 9.63 38.46
CA GLU G 7 -16.34 10.29 37.91
C GLU G 7 -15.65 9.49 36.79
N PRO G 8 -15.55 8.17 36.94
CA PRO G 8 -14.87 7.37 35.91
C PRO G 8 -15.38 7.70 34.52
N GLN G 9 -14.46 8.05 33.63
CA GLN G 9 -14.85 8.52 32.31
C GLN G 9 -15.46 7.40 31.48
N VAL G 10 -14.90 6.19 31.57
CA VAL G 10 -15.38 5.06 30.77
C VAL G 10 -16.65 4.52 31.40
N GLN G 11 -17.78 4.72 30.74
CA GLN G 11 -19.07 4.26 31.19
C GLN G 11 -19.69 3.33 30.15
N PHE G 12 -20.40 2.31 30.63
CA PHE G 12 -21.15 1.41 29.76
C PHE G 12 -22.54 1.19 30.34
N LYS G 13 -23.55 1.24 29.48
CA LYS G 13 -24.92 0.94 29.88
C LYS G 13 -25.13 -0.56 29.81
N LEU G 14 -25.49 -1.16 30.94
CA LEU G 14 -25.70 -2.61 31.05
C LEU G 14 -27.13 -2.84 31.51
N VAL G 15 -27.89 -3.58 30.71
CA VAL G 15 -29.28 -3.92 31.05
C VAL G 15 -29.29 -5.32 31.63
N LEU G 16 -29.92 -5.47 32.79
CA LEU G 16 -30.01 -6.74 33.50
C LEU G 16 -31.45 -7.22 33.44
N VAL G 17 -31.66 -8.38 32.81
CA VAL G 17 -33.01 -8.88 32.55
C VAL G 17 -33.08 -10.34 32.96
N GLY G 18 -34.30 -10.82 33.13
CA GLY G 18 -34.56 -12.19 33.52
C GLY G 18 -35.87 -12.29 34.27
N ASP G 19 -36.37 -13.52 34.38
CA ASP G 19 -37.63 -13.76 35.06
C ASP G 19 -37.59 -13.25 36.50
N GLY G 20 -38.77 -12.97 37.03
CA GLY G 20 -38.85 -12.51 38.41
C GLY G 20 -38.38 -13.58 39.38
N GLY G 21 -37.72 -13.13 40.45
CA GLY G 21 -37.23 -14.02 41.48
C GLY G 21 -35.93 -14.72 41.16
N THR G 22 -35.30 -14.42 40.02
CA THR G 22 -34.08 -15.12 39.63
C THR G 22 -32.83 -14.58 40.33
N GLY G 23 -32.91 -13.42 40.97
CA GLY G 23 -31.82 -12.89 41.75
C GLY G 23 -31.10 -11.69 41.17
N LYS G 24 -31.69 -10.98 40.21
CA LYS G 24 -31.02 -9.85 39.59
C LYS G 24 -30.68 -8.78 40.62
N THR G 25 -31.67 -8.34 41.39
CA THR G 25 -31.43 -7.27 42.36
C THR G 25 -30.48 -7.73 43.46
N THR G 26 -30.63 -8.96 43.94
CA THR G 26 -29.69 -9.48 44.94
C THR G 26 -28.27 -9.46 44.40
N PHE G 27 -28.09 -9.83 43.13
CA PHE G 27 -26.76 -9.88 42.53
C PHE G 27 -26.15 -8.48 42.45
N VAL G 28 -26.96 -7.47 42.10
CA VAL G 28 -26.45 -6.11 42.02
C VAL G 28 -26.15 -5.56 43.40
N LYS G 29 -27.04 -5.82 44.38
CA LYS G 29 -26.80 -5.34 45.74
C LYS G 29 -25.52 -5.94 46.32
N ARG G 30 -25.27 -7.22 46.04
CA ARG G 30 -24.04 -7.84 46.53
C ARG G 30 -22.81 -7.09 46.03
N HIS G 31 -22.80 -6.76 44.73
CA HIS G 31 -21.66 -6.01 44.17
C HIS G 31 -21.60 -4.60 44.76
N LEU G 32 -22.77 -3.98 44.98
CA LEU G 32 -22.79 -2.58 45.37
C LEU G 32 -22.34 -2.40 46.82
N THR G 33 -22.94 -3.15 47.75
CA THR G 33 -22.68 -2.99 49.16
C THR G 33 -22.02 -4.19 49.81
N GLY G 34 -21.96 -5.35 49.14
CA GLY G 34 -21.45 -6.55 49.73
C GLY G 34 -22.48 -7.38 50.49
N GLU G 35 -23.72 -6.92 50.57
CA GLU G 35 -24.74 -7.58 51.36
C GLU G 35 -25.39 -8.71 50.58
N PHE G 36 -26.18 -9.52 51.28
CA PHE G 36 -27.03 -10.53 50.66
C PHE G 36 -28.44 -10.36 51.20
N GLU G 37 -29.30 -9.74 50.42
CA GLU G 37 -30.68 -9.51 50.82
C GLU G 37 -31.48 -10.80 50.61
N LYS G 38 -32.11 -11.30 51.68
CA LYS G 38 -32.88 -12.52 51.63
C LYS G 38 -34.36 -12.30 51.33
N LYS G 39 -34.88 -11.10 51.60
CA LYS G 39 -36.29 -10.82 51.35
C LYS G 39 -36.49 -10.43 49.90
N TYR G 40 -37.45 -11.09 49.25
CA TYR G 40 -37.78 -10.80 47.85
C TYR G 40 -38.73 -9.61 47.81
N VAL G 41 -38.25 -8.48 47.30
CA VAL G 41 -39.07 -7.31 47.02
C VAL G 41 -38.95 -7.05 45.52
N ALA G 42 -40.05 -7.25 44.79
CA ALA G 42 -40.00 -7.11 43.34
C ALA G 42 -39.57 -5.70 42.96
N THR G 43 -38.73 -5.62 41.92
CA THR G 43 -38.32 -4.33 41.38
C THR G 43 -39.45 -3.75 40.54
N LEU G 44 -39.65 -2.44 40.66
CA LEU G 44 -40.71 -1.74 39.94
C LEU G 44 -40.09 -1.00 38.76
N GLY G 45 -40.31 -1.51 37.56
CA GLY G 45 -39.78 -0.88 36.37
C GLY G 45 -38.30 -1.12 36.20
N VAL G 46 -37.49 -0.18 36.68
CA VAL G 46 -36.04 -0.31 36.58
C VAL G 46 -35.42 0.55 37.66
N GLU G 47 -34.26 0.10 38.17
CA GLU G 47 -33.42 0.89 39.06
C GLU G 47 -32.01 0.87 38.49
N VAL G 48 -31.43 2.05 38.31
CA VAL G 48 -30.10 2.19 37.74
C VAL G 48 -29.10 2.36 38.88
N HIS G 49 -28.11 1.46 38.93
CA HIS G 49 -27.08 1.47 39.95
C HIS G 49 -25.71 1.51 39.29
N PRO G 50 -24.84 2.45 39.64
CA PRO G 50 -23.49 2.45 39.09
C PRO G 50 -22.58 1.49 39.83
N LEU G 51 -21.81 0.72 39.07
CA LEU G 51 -20.79 -0.18 39.61
C LEU G 51 -19.47 0.15 38.94
N VAL G 52 -18.46 0.44 39.75
CA VAL G 52 -17.12 0.79 39.27
C VAL G 52 -16.19 -0.37 39.56
N PHE G 53 -15.36 -0.73 38.57
CA PHE G 53 -14.32 -1.74 38.74
C PHE G 53 -12.98 -1.15 38.36
N HIS G 54 -11.97 -1.42 39.17
CA HIS G 54 -10.62 -0.95 38.90
C HIS G 54 -9.85 -2.06 38.17
N THR G 55 -9.24 -1.68 37.05
CA THR G 55 -8.53 -2.62 36.20
C THR G 55 -7.12 -2.10 35.94
N ASN G 56 -6.31 -2.94 35.29
CA ASN G 56 -4.98 -2.52 34.87
C ASN G 56 -5.02 -1.50 33.74
N ARG G 57 -6.22 -1.17 33.23
CA ARG G 57 -6.39 -0.13 32.23
C ARG G 57 -7.30 0.98 32.74
N GLY G 58 -7.33 1.18 34.06
CA GLY G 58 -8.08 2.25 34.67
C GLY G 58 -9.44 1.81 35.16
N PRO G 59 -10.13 2.70 35.86
CA PRO G 59 -11.47 2.38 36.36
C PRO G 59 -12.50 2.33 35.24
N ILE G 60 -13.47 1.44 35.42
CA ILE G 60 -14.53 1.21 34.44
C ILE G 60 -15.85 1.16 35.19
N LYS G 61 -16.84 1.94 34.72
CA LYS G 61 -18.13 2.05 35.38
C LYS G 61 -19.21 1.38 34.53
N PHE G 62 -19.93 0.45 35.12
CA PHE G 62 -21.13 -0.12 34.53
C PHE G 62 -22.34 0.54 35.18
N ASN G 63 -23.16 1.20 34.36
CA ASN G 63 -24.45 1.73 34.82
C ASN G 63 -25.48 0.62 34.62
N VAL G 64 -25.77 -0.12 35.69
CA VAL G 64 -26.55 -1.33 35.61
C VAL G 64 -28.03 -0.98 35.69
N TRP G 65 -28.74 -1.18 34.59
CA TRP G 65 -30.19 -1.02 34.56
C TRP G 65 -30.82 -2.34 35.02
N ASP G 66 -31.15 -2.41 36.31
CA ASP G 66 -31.74 -3.59 36.92
C ASP G 66 -33.25 -3.55 36.67
N THR G 67 -33.69 -4.27 35.64
CA THR G 67 -35.08 -4.21 35.23
C THR G 67 -35.94 -5.19 36.02
N ALA G 68 -37.25 -4.99 35.94
CA ALA G 68 -38.20 -5.83 36.63
C ALA G 68 -38.52 -7.06 35.79
N GLY G 69 -38.61 -8.22 36.47
CA GLY G 69 -38.89 -9.47 35.79
C GLY G 69 -40.35 -9.87 35.87
N GLN G 70 -41.09 -9.30 36.82
CA GLN G 70 -42.51 -9.61 36.95
C GLN G 70 -43.30 -8.90 35.87
N GLU G 71 -44.23 -9.63 35.24
CA GLU G 71 -45.06 -9.05 34.20
C GLU G 71 -45.84 -7.84 34.71
N LYS G 72 -46.33 -7.91 35.94
CA LYS G 72 -47.13 -6.83 36.51
C LYS G 72 -46.29 -5.59 36.82
N PHE G 73 -44.98 -5.74 36.95
CA PHE G 73 -44.09 -4.63 37.34
C PHE G 73 -43.09 -4.29 36.24
N GLY G 74 -43.31 -4.78 35.02
CA GLY G 74 -42.31 -4.65 33.99
C GLY G 74 -41.99 -3.22 33.61
N GLY G 75 -42.97 -2.32 33.71
CA GLY G 75 -42.74 -0.95 33.32
C GLY G 75 -42.64 -0.82 31.82
N LEU G 76 -41.59 -0.15 31.34
CA LEU G 76 -41.40 0.06 29.91
C LEU G 76 -40.88 -1.18 29.19
N ARG G 77 -40.37 -2.17 29.94
CA ARG G 77 -39.93 -3.44 29.37
C ARG G 77 -38.80 -3.17 28.37
N ASP G 78 -38.96 -3.46 27.08
CA ASP G 78 -37.86 -3.31 26.13
C ASP G 78 -37.53 -1.85 25.84
N GLY G 79 -38.33 -0.90 26.33
CA GLY G 79 -37.95 0.49 26.22
C GLY G 79 -36.69 0.80 26.99
N TYR G 80 -36.40 0.04 28.04
CA TYR G 80 -35.19 0.22 28.82
C TYR G 80 -33.93 -0.19 28.06
N TYR G 81 -34.07 -0.91 26.94
CA TYR G 81 -32.91 -1.48 26.26
C TYR G 81 -32.24 -0.50 25.31
N ILE G 82 -32.85 0.65 25.03
CA ILE G 82 -32.32 1.55 24.01
C ILE G 82 -30.92 1.99 24.36
N GLN G 83 -30.01 1.90 23.39
CA GLN G 83 -28.61 2.32 23.53
C GLN G 83 -27.87 1.52 24.59
N ALA G 84 -28.35 0.33 24.92
CA ALA G 84 -27.58 -0.55 25.79
C ALA G 84 -26.33 -1.02 25.07
N GLN G 85 -25.22 -1.07 25.81
CA GLN G 85 -23.95 -1.52 25.25
C GLN G 85 -23.58 -2.94 25.67
N CYS G 86 -24.27 -3.49 26.67
CA CYS G 86 -24.04 -4.85 27.11
C CYS G 86 -25.26 -5.29 27.92
N ALA G 87 -25.33 -6.58 28.22
CA ALA G 87 -26.49 -7.10 28.92
C ALA G 87 -26.11 -8.35 29.68
N ILE G 88 -26.87 -8.63 30.74
CA ILE G 88 -26.83 -9.90 31.45
C ILE G 88 -28.24 -10.47 31.46
N ILE G 89 -28.37 -11.72 31.03
CA ILE G 89 -29.61 -12.47 31.15
C ILE G 89 -29.43 -13.45 32.30
N MET G 90 -30.32 -13.39 33.28
CA MET G 90 -30.23 -14.24 34.46
C MET G 90 -31.42 -15.19 34.51
N PHE G 91 -31.17 -16.41 34.97
CA PHE G 91 -32.22 -17.37 35.26
C PHE G 91 -31.83 -18.12 36.53
N ASP G 92 -32.70 -19.02 36.96
CA ASP G 92 -32.55 -19.75 38.21
C ASP G 92 -32.42 -21.23 37.88
N VAL G 93 -31.32 -21.86 38.33
CA VAL G 93 -31.05 -23.25 38.02
C VAL G 93 -31.95 -24.16 38.82
N THR G 94 -32.75 -23.60 39.73
CA THR G 94 -33.74 -24.35 40.48
C THR G 94 -35.15 -24.15 39.94
N SER G 95 -35.30 -23.48 38.80
CA SER G 95 -36.61 -23.19 38.21
C SER G 95 -36.47 -23.29 36.70
N ARG G 96 -36.83 -24.47 36.17
CA ARG G 96 -36.59 -24.73 34.74
C ARG G 96 -37.33 -23.73 33.86
N VAL G 97 -38.45 -23.19 34.33
CA VAL G 97 -39.21 -22.23 33.52
C VAL G 97 -38.38 -20.98 33.25
N THR G 98 -37.60 -20.53 34.25
CA THR G 98 -36.79 -19.34 34.05
C THR G 98 -35.75 -19.55 32.95
N TYR G 99 -35.26 -20.79 32.80
CA TYR G 99 -34.36 -21.09 31.69
C TYR G 99 -35.11 -21.23 30.37
N LYS G 100 -36.38 -21.65 30.44
CA LYS G 100 -37.18 -21.77 29.22
C LYS G 100 -37.47 -20.41 28.59
N ASN G 101 -37.51 -19.36 29.41
CA ASN G 101 -37.74 -18.01 28.92
C ASN G 101 -36.47 -17.31 28.49
N VAL G 102 -35.30 -17.92 28.70
CA VAL G 102 -34.06 -17.28 28.29
C VAL G 102 -34.08 -16.86 26.82
N PRO G 103 -34.55 -17.70 25.88
CA PRO G 103 -34.59 -17.25 24.48
C PRO G 103 -35.49 -16.06 24.24
N ASN G 104 -36.57 -15.92 25.03
CA ASN G 104 -37.45 -14.77 24.87
C ASN G 104 -36.75 -13.48 25.30
N TRP G 105 -36.05 -13.51 26.44
CA TRP G 105 -35.28 -12.34 26.85
C TRP G 105 -34.21 -12.00 25.82
N HIS G 106 -33.53 -13.02 25.30
CA HIS G 106 -32.48 -12.78 24.30
C HIS G 106 -33.07 -12.19 23.03
N ARG G 107 -34.20 -12.73 22.56
CA ARG G 107 -34.83 -12.20 21.37
C ARG G 107 -35.17 -10.72 21.55
N ASP G 108 -35.77 -10.37 22.68
CA ASP G 108 -36.12 -8.98 22.94
C ASP G 108 -34.89 -8.10 22.95
N LEU G 109 -33.79 -8.58 23.52
CA LEU G 109 -32.58 -7.77 23.59
C LEU G 109 -32.00 -7.52 22.20
N VAL G 110 -31.81 -8.59 21.41
CA VAL G 110 -31.16 -8.43 20.13
C VAL G 110 -32.06 -7.67 19.15
N ARG G 111 -33.37 -7.72 19.34
CA ARG G 111 -34.26 -6.92 18.50
C ARG G 111 -33.91 -5.44 18.57
N VAL G 112 -33.44 -4.97 19.74
CA VAL G 112 -33.17 -3.56 19.96
C VAL G 112 -31.69 -3.23 19.82
N CYS G 113 -30.82 -4.15 20.25
CA CYS G 113 -29.39 -3.86 20.38
C CYS G 113 -28.50 -4.61 19.40
N GLU G 114 -29.01 -5.67 18.77
CA GLU G 114 -28.28 -6.39 17.73
C GLU G 114 -27.01 -6.98 18.32
N ASN G 115 -25.82 -6.62 17.85
CA ASN G 115 -24.57 -7.26 18.28
C ASN G 115 -24.00 -6.51 19.48
N ILE G 116 -24.44 -6.89 20.67
CA ILE G 116 -23.83 -6.39 21.90
C ILE G 116 -23.35 -7.59 22.71
N PRO G 117 -22.28 -7.47 23.49
CA PRO G 117 -21.87 -8.58 24.35
C PRO G 117 -22.92 -8.88 25.41
N ILE G 118 -23.33 -10.14 25.50
CA ILE G 118 -24.35 -10.58 26.43
C ILE G 118 -23.82 -11.76 27.23
N VAL G 119 -24.06 -11.75 28.54
CA VAL G 119 -23.69 -12.85 29.42
C VAL G 119 -24.95 -13.55 29.89
N LEU G 120 -24.93 -14.87 29.86
CA LEU G 120 -26.01 -15.69 30.41
C LEU G 120 -25.55 -16.24 31.74
N CYS G 121 -26.34 -16.01 32.78
CA CYS G 121 -25.97 -16.36 34.15
C CYS G 121 -27.05 -17.26 34.74
N GLY G 122 -26.65 -18.47 35.14
CA GLY G 122 -27.50 -19.33 35.93
C GLY G 122 -27.22 -19.16 37.41
N ASN G 123 -28.14 -18.50 38.11
CA ASN G 123 -27.95 -18.13 39.49
C ASN G 123 -28.47 -19.22 40.43
N LYS G 124 -28.10 -19.09 41.71
CA LYS G 124 -28.58 -19.95 42.80
C LYS G 124 -28.00 -21.37 42.72
N VAL G 125 -26.77 -21.51 42.23
CA VAL G 125 -26.13 -22.81 42.13
C VAL G 125 -25.71 -23.29 43.51
N ASP G 126 -25.90 -22.46 44.53
CA ASP G 126 -25.62 -22.89 45.90
C ASP G 126 -26.66 -23.87 46.42
N ILE G 127 -27.81 -23.99 45.77
CA ILE G 127 -28.88 -24.85 46.23
C ILE G 127 -28.65 -26.27 45.74
N LYS G 128 -28.70 -27.22 46.66
CA LYS G 128 -28.42 -28.61 46.31
C LYS G 128 -29.39 -29.13 45.25
N ASP G 129 -30.68 -28.88 45.45
CA ASP G 129 -31.72 -29.40 44.55
C ASP G 129 -31.71 -28.55 43.27
N ARG G 130 -30.71 -28.82 42.43
CA ARG G 130 -30.56 -28.11 41.17
C ARG G 130 -31.37 -28.81 40.09
N LYS G 131 -32.22 -28.05 39.39
CA LYS G 131 -33.12 -28.60 38.39
C LYS G 131 -32.63 -28.43 36.96
N VAL G 132 -31.94 -27.33 36.66
CA VAL G 132 -31.36 -27.09 35.34
C VAL G 132 -29.88 -27.48 35.45
N LYS G 133 -29.56 -28.71 35.04
CA LYS G 133 -28.20 -29.19 35.17
C LYS G 133 -27.29 -28.56 34.12
N ALA G 134 -25.99 -28.56 34.42
CA ALA G 134 -25.02 -27.98 33.51
C ALA G 134 -25.11 -28.60 32.12
N LYS G 135 -25.55 -29.86 32.03
CA LYS G 135 -25.72 -30.49 30.73
C LYS G 135 -26.94 -29.93 29.99
N SER G 136 -27.98 -29.56 30.73
CA SER G 136 -29.19 -29.03 30.11
C SER G 136 -29.04 -27.61 29.59
N ILE G 137 -27.94 -26.93 29.92
CA ILE G 137 -27.72 -25.55 29.50
C ILE G 137 -26.83 -25.57 28.26
N VAL G 138 -27.43 -25.27 27.11
CA VAL G 138 -26.68 -25.25 25.85
C VAL G 138 -27.14 -24.07 24.98
N PHE G 139 -27.98 -23.20 25.53
CA PHE G 139 -28.47 -22.08 24.73
C PHE G 139 -27.36 -21.08 24.44
N HIS G 140 -26.36 -20.96 25.32
CA HIS G 140 -25.23 -20.09 25.03
C HIS G 140 -24.47 -20.57 23.80
N ARG G 141 -24.38 -21.89 23.61
CA ARG G 141 -23.73 -22.43 22.43
C ARG G 141 -24.57 -22.19 21.18
N LYS G 142 -25.89 -22.15 21.32
CA LYS G 142 -26.78 -21.93 20.18
C LYS G 142 -26.80 -20.48 19.71
N LYS G 143 -26.24 -19.55 20.48
CA LYS G 143 -26.28 -18.14 20.11
C LYS G 143 -24.94 -17.43 20.30
N ASN G 144 -23.86 -18.17 20.56
CA ASN G 144 -22.55 -17.59 20.83
C ASN G 144 -22.64 -16.54 21.93
N LEU G 145 -23.10 -16.98 23.10
CA LEU G 145 -23.04 -16.20 24.32
C LEU G 145 -22.04 -16.82 25.27
N GLN G 146 -21.56 -16.02 26.21
CA GLN G 146 -20.76 -16.51 27.32
C GLN G 146 -21.69 -16.92 28.46
N TYR G 147 -21.45 -18.10 29.02
CA TYR G 147 -22.26 -18.59 30.13
C TYR G 147 -21.41 -18.74 31.38
N TYR G 148 -22.01 -18.46 32.53
CA TYR G 148 -21.37 -18.68 33.82
C TYR G 148 -22.41 -19.18 34.81
N ASP G 149 -22.08 -20.27 35.50
CA ASP G 149 -22.73 -20.55 36.77
C ASP G 149 -22.36 -19.46 37.76
N ILE G 150 -23.34 -18.96 38.50
CA ILE G 150 -23.08 -17.97 39.53
C ILE G 150 -23.98 -18.23 40.74
N SER G 151 -23.57 -17.68 41.87
CA SER G 151 -24.39 -17.64 43.08
C SER G 151 -24.13 -16.31 43.78
N ALA G 152 -25.15 -15.45 43.85
CA ALA G 152 -25.03 -14.24 44.63
C ALA G 152 -24.89 -14.53 46.11
N LYS G 153 -25.36 -15.70 46.57
CA LYS G 153 -25.30 -16.03 47.99
C LYS G 153 -23.90 -16.47 48.41
N SER G 154 -23.25 -17.33 47.60
CA SER G 154 -21.91 -17.79 47.90
C SER G 154 -20.83 -17.01 47.16
N ASN G 155 -21.21 -16.07 46.29
CA ASN G 155 -20.30 -15.28 45.47
C ASN G 155 -19.56 -16.11 44.43
N TYR G 156 -19.98 -17.35 44.20
CA TYR G 156 -19.32 -18.17 43.19
C TYR G 156 -19.44 -17.51 41.82
N ASN G 157 -18.28 -17.18 41.23
CA ASN G 157 -18.18 -16.57 39.89
C ASN G 157 -18.88 -15.22 39.79
N PHE G 158 -19.23 -14.59 40.91
CA PHE G 158 -20.09 -13.42 40.85
C PHE G 158 -19.42 -12.25 40.14
N GLU G 159 -18.10 -12.28 39.96
CA GLU G 159 -17.41 -11.23 39.22
C GLU G 159 -17.17 -11.58 37.76
N LYS G 160 -17.23 -12.85 37.38
CA LYS G 160 -16.92 -13.24 36.01
C LYS G 160 -17.74 -12.50 34.96
N PRO G 161 -19.05 -12.31 35.12
CA PRO G 161 -19.80 -11.61 34.07
C PRO G 161 -19.27 -10.22 33.77
N PHE G 162 -18.90 -9.45 34.80
CA PHE G 162 -18.37 -8.11 34.58
C PHE G 162 -16.96 -8.15 34.01
N LEU G 163 -16.16 -9.13 34.42
CA LEU G 163 -14.81 -9.26 33.87
C LEU G 163 -14.86 -9.59 32.39
N TRP G 164 -15.74 -10.50 32.00
CA TRP G 164 -15.85 -10.87 30.59
C TRP G 164 -16.38 -9.70 29.76
N LEU G 165 -17.45 -9.05 30.25
CA LEU G 165 -17.98 -7.89 29.53
C LEU G 165 -16.91 -6.83 29.36
N ALA G 166 -16.12 -6.57 30.40
CA ALA G 166 -15.07 -5.56 30.29
C ALA G 166 -14.05 -5.94 29.23
N ARG G 167 -13.61 -7.20 29.23
CA ARG G 167 -12.65 -7.65 28.22
C ARG G 167 -13.22 -7.50 26.81
N LYS G 168 -14.50 -7.80 26.64
CA LYS G 168 -15.14 -7.64 25.34
C LYS G 168 -15.22 -6.17 24.94
N LEU G 169 -15.78 -5.33 25.81
CA LEU G 169 -16.00 -3.94 25.47
C LEU G 169 -14.69 -3.19 25.26
N ILE G 170 -13.63 -3.59 25.97
CA ILE G 170 -12.35 -2.90 25.85
C ILE G 170 -11.43 -3.53 24.82
N GLY G 171 -11.73 -4.75 24.37
CA GLY G 171 -10.88 -5.40 23.39
C GLY G 171 -9.57 -5.91 23.93
N ASP G 172 -9.48 -6.16 25.23
CA ASP G 172 -8.25 -6.61 25.87
C ASP G 172 -8.47 -7.96 26.52
N PRO G 173 -8.03 -9.06 25.90
CA PRO G 173 -8.15 -10.37 26.55
C PRO G 173 -7.43 -10.45 27.90
N ASN G 174 -6.42 -9.61 28.12
CA ASN G 174 -5.59 -9.68 29.32
C ASN G 174 -6.03 -8.73 30.41
N LEU G 175 -7.18 -8.07 30.25
CA LEU G 175 -7.66 -7.16 31.30
C LEU G 175 -7.90 -7.92 32.59
N GLU G 176 -7.47 -7.32 33.70
CA GLU G 176 -7.64 -7.91 35.03
C GLU G 176 -8.24 -6.87 35.96
N PHE G 177 -8.99 -7.34 36.96
CA PHE G 177 -9.39 -6.49 38.07
C PHE G 177 -8.22 -6.39 39.03
N VAL G 178 -7.89 -5.17 39.45
CA VAL G 178 -6.78 -4.92 40.35
C VAL G 178 -7.29 -4.24 41.61
N ALA G 179 -6.46 -4.26 42.65
CA ALA G 179 -6.81 -3.62 43.90
C ALA G 179 -7.06 -2.13 43.69
N MET G 180 -8.21 -1.65 44.12
CA MET G 180 -8.50 -0.23 43.98
C MET G 180 -7.64 0.55 44.97
N PRO G 181 -7.11 1.70 44.57
CA PRO G 181 -6.31 2.50 45.51
C PRO G 181 -7.06 2.74 46.81
N ALA G 182 -6.35 2.60 47.93
CA ALA G 182 -6.89 2.80 49.27
C ALA G 182 -5.90 3.64 50.07
N LEU G 183 -5.95 4.94 49.86
CA LEU G 183 -5.06 5.85 50.58
C LEU G 183 -5.42 5.84 52.06
N ALA G 184 -4.41 5.92 52.91
CA ALA G 184 -4.65 6.01 54.34
C ALA G 184 -5.58 7.19 54.62
N PRO G 185 -6.68 6.99 55.33
CA PRO G 185 -7.64 8.08 55.51
C PRO G 185 -7.16 9.08 56.55
N PRO G 186 -7.75 10.26 56.59
CA PRO G 186 -7.36 11.25 57.60
C PRO G 186 -7.93 10.90 58.96
N GLU G 187 -7.30 11.47 59.99
CA GLU G 187 -7.77 11.30 61.37
C GLU G 187 -8.94 12.24 61.60
N VAL G 188 -10.15 11.73 61.43
CA VAL G 188 -11.37 12.50 61.62
C VAL G 188 -11.82 12.37 63.06
N VAL G 189 -12.19 13.49 63.67
CA VAL G 189 -12.81 13.48 64.98
C VAL G 189 -14.30 13.23 64.79
N MET G 190 -14.84 12.25 65.51
CA MET G 190 -16.26 11.94 65.42
C MET G 190 -17.09 13.08 66.00
N ASP G 191 -18.24 13.33 65.39
CA ASP G 191 -19.12 14.43 65.78
C ASP G 191 -19.65 14.21 67.19
N PRO G 192 -19.27 15.05 68.16
CA PRO G 192 -19.82 14.88 69.52
C PRO G 192 -21.32 15.06 69.60
N ALA G 193 -21.91 15.81 68.66
CA ALA G 193 -23.35 16.00 68.67
C ALA G 193 -24.10 14.68 68.48
N LEU G 194 -23.61 13.85 67.55
CA LEU G 194 -24.25 12.57 67.23
C LEU G 194 -23.72 11.42 68.07
N ALA G 195 -22.92 11.71 69.11
CA ALA G 195 -22.30 10.64 69.87
C ALA G 195 -23.34 9.78 70.57
N ALA G 196 -24.42 10.39 71.05
CA ALA G 196 -25.46 9.61 71.73
C ALA G 196 -26.19 8.71 70.74
N GLN G 197 -26.42 9.19 69.52
CA GLN G 197 -27.04 8.36 68.50
C GLN G 197 -26.15 7.17 68.15
N TYR G 198 -24.84 7.41 68.06
CA TYR G 198 -23.91 6.32 67.76
C TYR G 198 -23.95 5.26 68.85
N GLU G 199 -24.11 5.68 70.10
CA GLU G 199 -24.07 4.72 71.21
C GLU G 199 -25.35 3.92 71.33
N HIS G 200 -26.51 4.51 71.00
CA HIS G 200 -27.75 3.75 71.02
C HIS G 200 -27.72 2.66 69.95
N ASP G 201 -27.33 3.02 68.72
CA ASP G 201 -27.22 2.03 67.66
C ASP G 201 -26.35 0.86 68.11
N LEU G 202 -25.27 1.14 68.84
CA LEU G 202 -24.38 0.08 69.29
C LEU G 202 -25.08 -0.81 70.32
N GLU G 203 -25.91 -0.23 71.17
CA GLU G 203 -26.66 -1.03 72.14
C GLU G 203 -27.61 -2.00 71.44
N VAL G 204 -28.36 -1.50 70.45
CA VAL G 204 -29.26 -2.37 69.71
C VAL G 204 -28.48 -3.40 68.91
N ALA G 205 -27.35 -2.99 68.30
CA ALA G 205 -26.58 -3.92 67.48
C ALA G 205 -25.96 -5.02 68.32
N GLN G 206 -25.66 -4.76 69.59
CA GLN G 206 -25.09 -5.80 70.45
C GLN G 206 -26.10 -6.86 70.83
N THR G 207 -27.39 -6.59 70.69
CA THR G 207 -28.44 -7.57 70.99
C THR G 207 -28.85 -8.39 69.78
N THR G 208 -28.45 -7.98 68.57
CA THR G 208 -28.92 -8.61 67.35
C THR G 208 -27.83 -9.49 66.77
N ALA G 209 -28.17 -10.75 66.49
CA ALA G 209 -27.19 -11.69 65.99
C ALA G 209 -26.87 -11.42 64.51
N LEU G 210 -25.76 -11.98 64.07
CA LEU G 210 -25.37 -11.90 62.67
C LEU G 210 -26.22 -12.86 61.85
N PRO G 211 -26.35 -12.62 60.55
CA PRO G 211 -27.23 -13.47 59.74
C PRO G 211 -26.87 -14.94 59.76
N ASP G 212 -25.58 -15.27 59.74
CA ASP G 212 -25.14 -16.67 59.79
C ASP G 212 -24.40 -16.96 61.10
N GLY H 1 -24.92 -12.98 16.67
CA GLY H 1 -24.80 -14.12 15.78
C GLY H 1 -23.37 -14.37 15.35
N PRO H 2 -23.08 -15.59 14.90
CA PRO H 2 -21.73 -15.91 14.43
C PRO H 2 -21.46 -15.32 13.05
N GLY H 3 -20.18 -15.21 12.73
CA GLY H 3 -19.73 -14.69 11.46
C GLY H 3 -19.01 -13.36 11.63
N SER H 4 -18.65 -12.78 10.48
CA SER H 4 -17.92 -11.52 10.46
C SER H 4 -18.85 -10.34 10.68
N HIS H 5 -18.39 -9.38 11.49
CA HIS H 5 -19.15 -8.16 11.75
C HIS H 5 -18.24 -7.21 12.52
N PHE H 6 -18.66 -5.96 12.63
CA PHE H 6 -17.91 -4.92 13.30
C PHE H 6 -18.50 -4.64 14.68
N GLU H 7 -17.62 -4.48 15.67
CA GLU H 7 -18.04 -4.24 17.04
C GLU H 7 -17.41 -2.95 17.57
N PRO H 8 -18.14 -2.17 18.36
CA PRO H 8 -17.53 -0.99 18.99
C PRO H 8 -16.61 -1.40 20.12
N ILE H 9 -15.37 -0.90 20.07
CA ILE H 9 -14.33 -1.27 21.02
C ILE H 9 -13.69 0.01 21.55
N VAL H 10 -13.52 0.09 22.87
CA VAL H 10 -12.93 1.24 23.53
C VAL H 10 -11.54 0.84 23.98
N SER H 11 -10.51 1.37 23.31
CA SER H 11 -9.13 1.09 23.67
C SER H 11 -8.68 2.02 24.79
N LEU H 12 -8.08 1.44 25.82
CA LEU H 12 -7.57 2.19 26.95
C LEU H 12 -6.09 1.88 27.14
N PRO H 13 -5.32 2.83 27.67
CA PRO H 13 -3.91 2.56 27.94
C PRO H 13 -3.70 1.86 29.28
N GLU H 14 -2.64 1.07 29.35
CA GLU H 14 -2.25 0.49 30.63
C GLU H 14 -1.86 1.59 31.59
N VAL H 15 -2.17 1.39 32.87
CA VAL H 15 -1.88 2.37 33.91
C VAL H 15 -1.35 1.64 35.13
N GLU H 16 -0.40 2.26 35.81
CA GLU H 16 0.06 1.80 37.11
C GLU H 16 -0.96 2.19 38.17
N VAL H 17 -1.46 1.21 38.92
CA VAL H 17 -2.43 1.44 39.98
C VAL H 17 -1.73 1.11 41.30
N LYS H 18 -1.53 2.13 42.13
CA LYS H 18 -0.92 1.93 43.44
C LYS H 18 -1.98 1.51 44.45
N SER H 19 -1.68 0.47 45.22
CA SER H 19 -2.62 -0.01 46.22
C SER H 19 -2.82 1.02 47.34
N GLY H 20 -1.83 1.87 47.58
CA GLY H 20 -1.85 2.75 48.73
C GLY H 20 -1.28 2.13 49.99
N GLU H 21 -0.77 0.91 49.91
CA GLU H 21 -0.25 0.19 51.06
C GLU H 21 1.27 0.02 51.01
N GLU H 22 1.93 0.56 49.99
CA GLU H 22 3.35 0.29 49.79
C GLU H 22 4.19 0.73 50.98
N ASP H 23 3.80 1.80 51.67
CA ASP H 23 4.62 2.39 52.72
C ASP H 23 4.23 1.91 54.12
N GLU H 24 3.54 0.78 54.22
CA GLU H 24 3.02 0.31 55.50
C GLU H 24 3.46 -1.12 55.78
N GLU H 25 3.63 -1.42 57.07
CA GLU H 25 3.97 -2.76 57.52
C GLU H 25 2.69 -3.52 57.86
N ILE H 26 2.68 -4.81 57.55
CA ILE H 26 1.54 -5.67 57.84
C ILE H 26 1.72 -6.25 59.24
N LEU H 27 0.92 -5.78 60.19
CA LEU H 27 0.93 -6.34 61.54
C LEU H 27 -0.04 -7.50 61.70
N PHE H 28 -1.00 -7.64 60.78
CA PHE H 28 -2.01 -8.68 60.87
C PHE H 28 -2.69 -8.81 59.51
N LYS H 29 -2.83 -10.05 59.03
CA LYS H 29 -3.51 -10.31 57.77
C LYS H 29 -4.15 -11.69 57.85
N GLU H 30 -5.47 -11.73 58.00
CA GLU H 30 -6.20 -12.99 58.10
C GLU H 30 -7.55 -12.83 57.40
N ARG H 31 -8.11 -13.97 56.99
CA ARG H 31 -9.42 -13.97 56.34
C ARG H 31 -10.52 -13.69 57.37
N ALA H 32 -11.57 -13.03 56.90
CA ALA H 32 -12.65 -12.62 57.79
C ALA H 32 -13.90 -12.32 56.97
N LYS H 33 -15.04 -12.36 57.65
CA LYS H 33 -16.29 -11.82 57.13
C LYS H 33 -16.62 -10.56 57.92
N LEU H 34 -16.89 -9.47 57.21
CA LEU H 34 -17.18 -8.18 57.81
C LEU H 34 -18.66 -7.88 57.67
N TYR H 35 -19.24 -7.27 58.70
CA TYR H 35 -20.65 -6.90 58.71
C TYR H 35 -20.78 -5.45 59.14
N ARG H 36 -21.82 -4.79 58.63
CA ARG H 36 -22.11 -3.40 58.94
C ARG H 36 -23.52 -3.30 59.49
N TRP H 37 -23.69 -2.46 60.51
CA TRP H 37 -24.99 -2.30 61.15
C TRP H 37 -25.84 -1.33 60.36
N ASP H 38 -27.06 -1.75 60.01
CA ASP H 38 -28.02 -0.92 59.30
C ASP H 38 -29.11 -0.53 60.28
N ARG H 39 -29.03 0.69 60.80
CA ARG H 39 -29.99 1.15 61.80
C ARG H 39 -31.41 1.29 61.23
N ASP H 40 -31.54 1.46 59.92
CA ASP H 40 -32.87 1.68 59.35
C ASP H 40 -33.74 0.43 59.45
N VAL H 41 -33.14 -0.75 59.33
CA VAL H 41 -33.85 -2.02 59.45
C VAL H 41 -33.38 -2.84 60.65
N SER H 42 -32.48 -2.30 61.46
CA SER H 42 -31.98 -2.98 62.66
C SER H 42 -31.49 -4.39 62.33
N GLN H 43 -30.58 -4.47 61.36
CA GLN H 43 -30.00 -5.73 60.93
C GLN H 43 -28.50 -5.57 60.74
N TRP H 44 -27.76 -6.63 61.06
CA TRP H 44 -26.40 -6.78 60.59
C TRP H 44 -26.44 -7.25 59.14
N LYS H 45 -25.81 -6.50 58.25
CA LYS H 45 -25.72 -6.86 56.84
C LYS H 45 -24.29 -7.23 56.49
N GLU H 46 -24.13 -8.25 55.66
CA GLU H 46 -22.81 -8.61 55.18
C GLU H 46 -22.19 -7.45 54.42
N ARG H 47 -20.92 -7.19 54.71
CA ARG H 47 -20.21 -6.06 54.12
C ARG H 47 -19.08 -6.48 53.21
N GLY H 48 -18.45 -7.63 53.47
CA GLY H 48 -17.41 -8.13 52.61
C GLY H 48 -16.75 -9.37 53.16
N VAL H 49 -16.04 -10.11 52.31
CA VAL H 49 -15.27 -11.28 52.71
C VAL H 49 -13.91 -11.21 52.03
N GLY H 50 -12.86 -11.39 52.81
CA GLY H 50 -11.51 -11.29 52.29
C GLY H 50 -10.51 -11.16 53.42
N ASP H 51 -9.35 -10.61 53.09
CA ASP H 51 -8.28 -10.42 54.07
C ASP H 51 -8.42 -9.06 54.72
N ILE H 52 -8.60 -9.05 56.03
CA ILE H 52 -8.61 -7.82 56.82
C ILE H 52 -7.22 -7.63 57.39
N LYS H 53 -6.69 -6.41 57.26
CA LYS H 53 -5.31 -6.12 57.62
C LYS H 53 -5.25 -5.03 58.68
N ILE H 54 -4.23 -5.12 59.52
CA ILE H 54 -3.81 -4.04 60.40
C ILE H 54 -2.46 -3.55 59.86
N LEU H 55 -2.44 -2.31 59.37
CA LEU H 55 -1.27 -1.75 58.71
C LEU H 55 -0.69 -0.61 59.55
N GLN H 56 0.64 -0.55 59.62
CA GLN H 56 1.32 0.52 60.31
C GLN H 56 2.32 1.19 59.36
N ASN H 57 2.26 2.52 59.31
CA ASN H 57 3.17 3.28 58.45
C ASN H 57 4.58 3.23 59.03
N TYR H 58 5.55 2.83 58.19
CA TYR H 58 6.93 2.70 58.65
C TYR H 58 7.42 3.98 59.32
N ASP H 59 7.17 5.13 58.70
CA ASP H 59 7.78 6.38 59.14
C ASP H 59 7.02 7.02 60.29
N ASN H 60 5.74 7.33 60.08
CA ASN H 60 4.96 8.09 61.06
C ASN H 60 4.20 7.20 62.04
N LYS H 61 4.24 5.89 61.87
CA LYS H 61 3.71 4.93 62.84
C LYS H 61 2.18 4.98 62.94
N GLN H 62 1.50 5.60 61.98
CA GLN H 62 0.05 5.59 62.01
C GLN H 62 -0.48 4.20 61.67
N VAL H 63 -1.53 3.78 62.38
CA VAL H 63 -2.10 2.45 62.23
C VAL H 63 -3.51 2.58 61.68
N ARG H 64 -3.90 1.63 60.82
CA ARG H 64 -5.25 1.62 60.29
C ARG H 64 -5.68 0.18 60.06
N ILE H 65 -6.98 0.00 59.86
CA ILE H 65 -7.57 -1.24 59.41
C ILE H 65 -7.90 -1.11 57.93
N LEU H 66 -7.55 -2.12 57.14
CA LEU H 66 -7.87 -2.12 55.72
C LEU H 66 -8.35 -3.51 55.33
N MET H 67 -9.42 -3.57 54.54
CA MET H 67 -9.98 -4.83 54.10
C MET H 67 -10.51 -4.67 52.68
N ARG H 68 -10.22 -5.66 51.84
CA ARG H 68 -10.67 -5.70 50.46
C ARG H 68 -11.47 -6.98 50.21
N ARG H 69 -12.46 -6.88 49.34
N ARG H 69 -12.46 -6.88 49.33
CA ARG H 69 -13.30 -8.03 49.02
CA ARG H 69 -13.29 -8.02 49.00
C ARG H 69 -12.58 -8.94 48.02
C ARG H 69 -12.55 -8.94 48.04
N ASP H 70 -12.77 -10.25 48.20
CA ASP H 70 -12.18 -11.21 47.29
C ASP H 70 -12.73 -11.03 45.88
N GLN H 71 -11.95 -11.44 44.89
CA GLN H 71 -12.39 -11.52 43.49
C GLN H 71 -12.54 -10.13 42.85
N VAL H 72 -13.09 -9.16 43.57
CA VAL H 72 -13.23 -7.80 43.06
C VAL H 72 -12.23 -6.83 43.68
N PHE H 73 -11.70 -7.12 44.86
CA PHE H 73 -10.62 -6.35 45.48
C PHE H 73 -11.03 -4.94 45.85
N LYS H 74 -12.33 -4.70 46.06
CA LYS H 74 -12.80 -3.40 46.48
C LYS H 74 -12.69 -3.23 47.99
N VAL H 75 -12.48 -1.99 48.42
CA VAL H 75 -12.36 -1.69 49.84
C VAL H 75 -13.73 -1.78 50.49
N CYS H 76 -13.81 -2.54 51.58
CA CYS H 76 -15.00 -2.58 52.41
C CYS H 76 -14.73 -2.09 53.82
N ALA H 77 -13.50 -1.70 54.14
CA ALA H 77 -13.17 -1.09 55.42
C ALA H 77 -11.85 -0.35 55.29
N ASN H 78 -11.82 0.90 55.75
CA ASN H 78 -10.59 1.70 55.73
C ASN H 78 -10.74 2.82 56.75
N HIS H 79 -10.13 2.64 57.92
CA HIS H 79 -10.24 3.64 58.98
C HIS H 79 -9.03 3.54 59.90
N VAL H 80 -8.63 4.68 60.44
CA VAL H 80 -7.55 4.72 61.41
C VAL H 80 -8.02 4.13 62.74
N ILE H 81 -7.10 3.48 63.44
CA ILE H 81 -7.36 2.98 64.78
C ILE H 81 -7.07 4.09 65.78
N THR H 82 -8.03 4.38 66.65
CA THR H 82 -7.94 5.47 67.62
C THR H 82 -8.01 4.93 69.03
N LYS H 83 -7.56 5.75 69.98
CA LYS H 83 -7.59 5.36 71.38
C LYS H 83 -9.01 5.15 71.89
N THR H 84 -9.96 5.94 71.39
CA THR H 84 -11.32 5.89 71.92
C THR H 84 -12.07 4.63 71.52
N MET H 85 -11.69 4.00 70.41
CA MET H 85 -12.38 2.81 69.96
C MET H 85 -12.35 1.74 71.04
N GLU H 86 -13.41 0.93 71.09
CA GLU H 86 -13.51 -0.21 71.99
C GLU H 86 -13.89 -1.43 71.18
N LEU H 87 -13.01 -2.42 71.14
CA LEU H 87 -13.26 -3.67 70.42
C LEU H 87 -13.84 -4.67 71.41
N LYS H 88 -15.15 -4.88 71.34
CA LYS H 88 -15.86 -5.74 72.28
C LYS H 88 -16.44 -6.95 71.56
N PRO H 89 -16.63 -8.06 72.27
CA PRO H 89 -17.28 -9.22 71.65
C PRO H 89 -18.76 -8.97 71.41
N LEU H 90 -19.29 -9.66 70.41
CA LEU H 90 -20.73 -9.66 70.15
C LEU H 90 -21.34 -10.81 70.94
N ASN H 91 -22.08 -10.47 72.00
CA ASN H 91 -22.54 -11.50 72.93
C ASN H 91 -23.50 -12.49 72.30
N VAL H 92 -24.17 -12.11 71.21
CA VAL H 92 -25.19 -12.96 70.60
C VAL H 92 -24.66 -13.73 69.40
N SER H 93 -23.35 -13.71 69.17
CA SER H 93 -22.72 -14.51 68.13
C SER H 93 -21.36 -14.97 68.63
N ASN H 94 -20.86 -16.04 68.04
CA ASN H 94 -19.58 -16.63 68.44
C ASN H 94 -18.47 -16.17 67.51
N ASN H 95 -17.29 -15.96 68.08
CA ASN H 95 -16.11 -15.54 67.32
C ASN H 95 -16.39 -14.28 66.53
N ALA H 96 -17.04 -13.30 67.16
CA ALA H 96 -17.41 -12.05 66.53
C ALA H 96 -17.05 -10.88 67.43
N LEU H 97 -16.45 -9.85 66.84
CA LEU H 97 -16.02 -8.66 67.55
C LEU H 97 -16.63 -7.44 66.90
N VAL H 98 -16.96 -6.44 67.71
CA VAL H 98 -17.72 -5.28 67.28
C VAL H 98 -16.99 -4.01 67.69
N TRP H 99 -17.04 -2.98 66.83
CA TRP H 99 -16.48 -1.69 67.17
C TRP H 99 -17.02 -0.64 66.21
N THR H 100 -16.86 0.63 66.60
CA THR H 100 -17.35 1.77 65.85
C THR H 100 -16.18 2.53 65.25
N ALA H 101 -16.35 2.99 64.01
CA ALA H 101 -15.26 3.65 63.29
C ALA H 101 -15.81 4.63 62.27
N SER H 102 -15.00 5.64 61.95
CA SER H 102 -15.28 6.56 60.84
C SER H 102 -14.61 5.98 59.61
N ASP H 103 -15.38 5.27 58.80
CA ASP H 103 -14.83 4.48 57.70
C ASP H 103 -14.85 5.26 56.40
N TYR H 104 -13.89 4.93 55.52
CA TYR H 104 -13.71 5.61 54.24
C TYR H 104 -13.79 4.65 53.07
N ALA H 105 -14.43 3.49 53.23
CA ALA H 105 -14.51 2.53 52.14
C ALA H 105 -15.12 3.15 50.89
N ASP H 106 -16.17 3.96 51.08
CA ASP H 106 -16.90 4.55 49.97
C ASP H 106 -16.35 5.92 49.56
N GLY H 107 -15.12 6.26 49.97
CA GLY H 107 -14.49 7.49 49.55
C GLY H 107 -14.74 8.68 50.45
N GLU H 108 -15.68 8.59 51.38
CA GLU H 108 -15.92 9.66 52.35
C GLU H 108 -16.09 9.04 53.72
N ALA H 109 -16.04 9.89 54.75
CA ALA H 109 -16.15 9.44 56.13
C ALA H 109 -17.60 9.09 56.46
N LYS H 110 -17.80 7.88 56.97
CA LYS H 110 -19.12 7.44 57.43
C LYS H 110 -18.94 6.68 58.74
N VAL H 111 -19.61 7.16 59.79
CA VAL H 111 -19.59 6.45 61.06
C VAL H 111 -20.40 5.16 60.92
N GLU H 112 -19.78 4.04 61.30
CA GLU H 112 -20.39 2.73 61.11
C GLU H 112 -20.05 1.84 62.29
N GLN H 113 -21.03 1.02 62.70
CA GLN H 113 -20.79 -0.07 63.63
C GLN H 113 -20.46 -1.31 62.81
N LEU H 114 -19.26 -1.85 63.02
CA LEU H 114 -18.75 -2.97 62.25
C LEU H 114 -18.63 -4.20 63.13
N ALA H 115 -18.77 -5.37 62.51
CA ALA H 115 -18.56 -6.65 63.17
C ALA H 115 -17.72 -7.53 62.26
N VAL H 116 -16.75 -8.22 62.86
CA VAL H 116 -15.83 -9.08 62.11
C VAL H 116 -15.92 -10.49 62.69
N ARG H 117 -15.81 -11.48 61.80
CA ARG H 117 -15.96 -12.89 62.17
C ARG H 117 -14.84 -13.66 61.48
N PHE H 118 -14.02 -14.35 62.28
CA PHE H 118 -12.88 -15.10 61.78
C PHE H 118 -13.17 -16.59 61.81
N LYS H 119 -12.28 -17.35 61.18
CA LYS H 119 -12.40 -18.81 61.20
C LYS H 119 -12.45 -19.33 62.63
N THR H 120 -11.39 -19.08 63.40
CA THR H 120 -11.23 -19.65 64.73
C THR H 120 -11.25 -18.55 65.79
N LYS H 121 -11.51 -18.94 67.03
CA LYS H 121 -11.37 -18.01 68.13
C LYS H 121 -9.93 -17.59 68.32
N GLU H 122 -8.98 -18.47 67.99
CA GLU H 122 -7.57 -18.11 68.05
C GLU H 122 -7.28 -16.87 67.22
N VAL H 123 -7.67 -16.87 65.95
CA VAL H 123 -7.40 -15.72 65.09
C VAL H 123 -8.08 -14.48 65.65
N ALA H 124 -9.34 -14.61 66.08
CA ALA H 124 -10.04 -13.47 66.65
C ALA H 124 -9.29 -12.90 67.84
N ASP H 125 -8.82 -13.76 68.73
CA ASP H 125 -8.08 -13.29 69.90
C ASP H 125 -6.77 -12.61 69.50
N CYS H 126 -6.11 -13.12 68.45
CA CYS H 126 -4.91 -12.45 67.96
C CYS H 126 -5.24 -11.08 67.39
N PHE H 127 -6.34 -10.98 66.66
CA PHE H 127 -6.77 -9.69 66.13
C PHE H 127 -7.06 -8.71 67.26
N LYS H 128 -7.82 -9.15 68.26
CA LYS H 128 -8.14 -8.27 69.39
C LYS H 128 -6.88 -7.86 70.14
N LYS H 129 -5.94 -8.79 70.30
CA LYS H 129 -4.67 -8.47 70.96
C LYS H 129 -3.91 -7.43 70.17
N THR H 130 -3.65 -7.69 68.89
CA THR H 130 -2.93 -6.74 68.05
C THR H 130 -3.64 -5.39 68.03
N PHE H 131 -4.97 -5.40 67.91
CA PHE H 131 -5.73 -4.16 67.89
C PHE H 131 -5.48 -3.34 69.16
N GLU H 132 -5.50 -4.02 70.32
CA GLU H 132 -5.35 -3.30 71.59
C GLU H 132 -3.91 -2.91 71.88
N GLU H 133 -2.94 -3.66 71.35
CA GLU H 133 -1.55 -3.26 71.48
C GLU H 133 -1.24 -2.01 70.67
N CYS H 134 -1.90 -1.85 69.51
CA CYS H 134 -1.73 -0.63 68.74
C CYS H 134 -2.29 0.57 69.49
N GLN H 135 -3.46 0.42 70.11
CA GLN H 135 -4.01 1.50 70.92
C GLN H 135 -3.06 1.86 72.07
N GLN H 136 -2.43 0.87 72.68
CA GLN H 136 -1.50 1.13 73.77
C GLN H 136 -0.32 1.98 73.32
N ASN H 137 0.10 1.84 72.05
CA ASN H 137 1.26 2.54 71.53
C ASN H 137 0.90 3.83 70.80
N LEU H 138 -0.36 4.25 70.85
CA LEU H 138 -0.75 5.53 70.27
C LEU H 138 -0.34 6.67 71.20
N GLN I 9 23.49 10.17 -57.05
CA GLN I 9 23.21 10.98 -58.23
C GLN I 9 22.63 10.13 -59.36
N VAL I 10 23.09 8.88 -59.43
CA VAL I 10 22.56 7.92 -60.40
C VAL I 10 21.29 7.31 -59.82
N GLN I 11 20.16 7.55 -60.50
CA GLN I 11 18.86 7.08 -60.05
C GLN I 11 18.16 6.31 -61.15
N PHE I 12 17.44 5.26 -60.77
CA PHE I 12 16.64 4.47 -61.70
C PHE I 12 15.26 4.25 -61.09
N LYS I 13 14.22 4.50 -61.88
CA LYS I 13 12.86 4.21 -61.45
C LYS I 13 12.57 2.73 -61.64
N LEU I 14 12.27 2.02 -60.56
CA LEU I 14 11.96 0.61 -60.58
C LEU I 14 10.52 0.42 -60.16
N VAL I 15 9.72 -0.21 -61.01
CA VAL I 15 8.33 -0.54 -60.72
C VAL I 15 8.25 -2.00 -60.30
N LEU I 16 7.59 -2.25 -59.18
CA LEU I 16 7.46 -3.59 -58.61
C LEU I 16 6.00 -3.99 -58.70
N VAL I 17 5.72 -5.11 -59.37
CA VAL I 17 4.36 -5.52 -59.68
C VAL I 17 4.19 -7.01 -59.44
N GLY I 18 2.94 -7.40 -59.28
CA GLY I 18 2.59 -8.80 -59.02
C GLY I 18 1.33 -8.89 -58.20
N ASP I 19 0.78 -10.10 -58.15
CA ASP I 19 -0.46 -10.34 -57.42
C ASP I 19 -0.30 -9.97 -55.95
N GLY I 20 -1.43 -9.70 -55.30
CA GLY I 20 -1.41 -9.36 -53.90
C GLY I 20 -1.05 -10.57 -53.05
N GLY I 21 -0.23 -10.32 -52.02
CA GLY I 21 0.22 -11.37 -51.13
C GLY I 21 1.50 -12.05 -51.56
N THR I 22 2.06 -11.70 -52.72
CA THR I 22 3.27 -12.35 -53.22
C THR I 22 4.53 -11.92 -52.47
N GLY I 23 4.48 -10.84 -51.71
CA GLY I 23 5.60 -10.41 -50.90
C GLY I 23 6.36 -9.20 -51.40
N LYS I 24 5.74 -8.34 -52.22
CA LYS I 24 6.46 -7.19 -52.77
C LYS I 24 6.90 -6.24 -51.67
N THR I 25 5.96 -5.81 -50.82
CA THR I 25 6.29 -4.86 -49.77
C THR I 25 7.24 -5.46 -48.74
N THR I 26 7.02 -6.73 -48.40
CA THR I 26 7.94 -7.41 -47.47
C THR I 26 9.35 -7.44 -48.06
N PHE I 27 9.46 -7.71 -49.35
CA PHE I 27 10.77 -7.75 -49.99
C PHE I 27 11.46 -6.40 -49.93
N VAL I 28 10.71 -5.31 -50.13
CA VAL I 28 11.30 -3.98 -50.10
C VAL I 28 11.67 -3.61 -48.66
N LYS I 29 10.77 -3.86 -47.71
CA LYS I 29 11.08 -3.52 -46.32
C LYS I 29 12.32 -4.24 -45.83
N ARG I 30 12.55 -5.47 -46.30
CA ARG I 30 13.78 -6.17 -45.93
C ARG I 30 15.02 -5.41 -46.38
N HIS I 31 14.98 -4.83 -47.58
CA HIS I 31 16.13 -4.05 -48.05
C HIS I 31 16.23 -2.71 -47.33
N LEU I 32 15.09 -2.08 -47.05
CA LEU I 32 15.10 -0.77 -46.41
C LEU I 32 15.64 -0.87 -44.99
N THR I 33 14.99 -1.69 -44.16
CA THR I 33 15.28 -1.72 -42.73
C THR I 33 15.87 -3.05 -42.24
N GLY I 34 15.88 -4.08 -43.08
CA GLY I 34 16.33 -5.39 -42.65
C GLY I 34 15.28 -6.21 -41.93
N GLU I 35 14.07 -5.69 -41.74
CA GLU I 35 13.03 -6.40 -41.01
C GLU I 35 12.30 -7.37 -41.92
N PHE I 36 11.59 -8.30 -41.30
CA PHE I 36 10.68 -9.21 -41.99
C PHE I 36 9.29 -9.02 -41.41
N GLU I 37 8.45 -8.29 -42.14
CA GLU I 37 7.09 -8.02 -41.71
C GLU I 37 6.22 -9.25 -41.99
N LYS I 38 5.62 -9.81 -40.95
CA LYS I 38 4.78 -10.98 -41.10
C LYS I 38 3.32 -10.66 -41.37
N LYS I 39 2.87 -9.47 -41.02
CA LYS I 39 1.47 -9.09 -41.21
C LYS I 39 1.26 -8.54 -42.61
N TYR I 40 0.18 -8.99 -43.25
CA TYR I 40 -0.15 -8.57 -44.61
C TYR I 40 -1.09 -7.37 -44.53
N VAL I 41 -0.56 -6.19 -44.82
CA VAL I 41 -1.35 -4.98 -44.98
C VAL I 41 -1.22 -4.56 -46.44
N ALA I 42 -2.33 -4.69 -47.18
CA ALA I 42 -2.29 -4.45 -48.62
C ALA I 42 -1.85 -3.03 -48.92
N THR I 43 -0.88 -2.90 -49.83
CA THR I 43 -0.46 -1.60 -50.29
C THR I 43 -1.60 -0.92 -51.05
N LEU I 44 -1.76 0.38 -50.82
CA LEU I 44 -2.84 1.16 -51.40
C LEU I 44 -2.25 2.02 -52.52
N GLY I 45 -2.49 1.61 -53.76
CA GLY I 45 -1.97 2.34 -54.91
C GLY I 45 -0.51 2.06 -55.15
N VAL I 46 0.36 2.89 -54.56
CA VAL I 46 1.79 2.72 -54.72
C VAL I 46 2.49 3.41 -53.56
N GLU I 47 3.64 2.86 -53.16
CA GLU I 47 4.55 3.51 -52.23
C GLU I 47 5.94 3.51 -52.86
N VAL I 48 6.60 4.66 -52.81
CA VAL I 48 7.91 4.85 -53.43
C VAL I 48 8.96 4.87 -52.34
N HIS I 49 9.92 3.93 -52.42
CA HIS I 49 10.96 3.79 -51.43
C HIS I 49 12.33 3.87 -52.10
N PRO I 50 13.23 4.75 -51.64
CA PRO I 50 14.59 4.78 -52.21
C PRO I 50 15.48 3.70 -51.60
N LEU I 51 16.16 2.95 -52.46
CA LEU I 51 17.15 1.96 -52.04
C LEU I 51 18.48 2.32 -52.67
N VAL I 52 19.51 2.45 -51.84
CA VAL I 52 20.86 2.76 -52.29
C VAL I 52 21.72 1.52 -52.13
N PHE I 53 22.46 1.17 -53.17
CA PHE I 53 23.46 0.12 -53.13
C PHE I 53 24.81 0.71 -53.50
N HIS I 54 25.84 0.32 -52.77
CA HIS I 54 27.21 0.75 -53.05
C HIS I 54 27.89 -0.29 -53.94
N THR I 55 28.56 0.17 -54.99
CA THR I 55 29.19 -0.70 -55.96
C THR I 55 30.62 -0.22 -56.22
N ASN I 56 31.37 -1.05 -56.93
CA ASN I 56 32.72 -0.67 -57.35
C ASN I 56 32.71 0.46 -58.37
N ARG I 57 31.54 0.89 -58.85
CA ARG I 57 31.41 2.04 -59.72
C ARG I 57 30.55 3.13 -59.07
N GLY I 58 30.57 3.18 -57.74
CA GLY I 58 29.88 4.23 -57.01
C GLY I 58 28.52 3.78 -56.51
N PRO I 59 27.86 4.64 -55.73
CA PRO I 59 26.52 4.30 -55.26
C PRO I 59 25.48 4.38 -56.36
N ILE I 60 24.46 3.54 -56.26
CA ILE I 60 23.37 3.47 -57.20
C ILE I 60 22.06 3.46 -56.41
N LYS I 61 21.15 4.36 -56.76
CA LYS I 61 19.86 4.47 -56.10
C LYS I 61 18.76 3.92 -56.99
N PHE I 62 17.97 3.00 -56.46
CA PHE I 62 16.75 2.54 -57.09
C PHE I 62 15.56 3.19 -56.39
N ASN I 63 14.79 3.98 -57.11
CA ASN I 63 13.53 4.52 -56.61
C ASN I 63 12.46 3.45 -56.89
N VAL I 64 12.17 2.64 -55.87
CA VAL I 64 11.30 1.48 -56.04
C VAL I 64 9.85 1.92 -55.89
N TRP I 65 9.07 1.74 -56.95
CA TRP I 65 7.63 2.00 -56.91
C TRP I 65 6.93 0.69 -56.58
N ASP I 66 6.58 0.52 -55.31
CA ASP I 66 5.94 -0.70 -54.82
C ASP I 66 4.44 -0.54 -55.02
N THR I 67 3.90 -1.21 -56.03
CA THR I 67 2.52 -1.04 -56.43
C THR I 67 1.62 -2.07 -55.77
N ALA I 68 0.31 -1.78 -55.77
CA ALA I 68 -0.66 -2.66 -55.14
C ALA I 68 -1.03 -3.81 -56.06
N GLY I 69 -1.09 -5.01 -55.48
CA GLY I 69 -1.42 -6.20 -56.24
C GLY I 69 -2.90 -6.52 -56.26
N GLN I 70 -3.65 -5.98 -55.30
CA GLN I 70 -5.08 -6.24 -55.22
C GLN I 70 -5.83 -5.37 -56.22
N GLU I 71 -6.78 -5.97 -56.94
CA GLU I 71 -7.59 -5.22 -57.89
C GLU I 71 -8.22 -4.00 -57.23
N LYS I 72 -8.83 -4.19 -56.06
CA LYS I 72 -9.56 -3.11 -55.41
C LYS I 72 -8.66 -1.97 -54.97
N PHE I 73 -7.37 -2.22 -54.78
CA PHE I 73 -6.41 -1.21 -54.32
C PHE I 73 -5.44 -0.81 -55.42
N GLY I 74 -5.76 -1.08 -56.68
CA GLY I 74 -4.78 -0.91 -57.75
C GLY I 74 -4.34 0.53 -57.92
N GLY I 75 -5.24 1.48 -57.74
CA GLY I 75 -4.88 2.87 -57.96
C GLY I 75 -4.77 3.18 -59.44
N LEU I 76 -3.65 3.81 -59.83
CA LEU I 76 -3.43 4.14 -61.23
C LEU I 76 -3.01 2.91 -62.04
N ARG I 77 -2.39 1.92 -61.40
CA ARG I 77 -1.93 0.72 -62.08
C ARG I 77 -0.94 1.04 -63.19
N ASP I 78 -1.41 1.08 -64.44
CA ASP I 78 -0.50 1.35 -65.55
C ASP I 78 0.12 2.74 -65.46
N GLY I 79 -0.58 3.68 -64.83
CA GLY I 79 -0.05 5.03 -64.72
C GLY I 79 1.27 5.09 -63.98
N TYR I 80 1.52 4.12 -63.10
CA TYR I 80 2.77 4.08 -62.36
C TYR I 80 3.94 3.64 -63.22
N TYR I 81 3.68 3.01 -64.36
CA TYR I 81 4.75 2.46 -65.19
C TYR I 81 5.42 3.51 -66.07
N ILE I 82 4.89 4.74 -66.12
CA ILE I 82 5.43 5.76 -66.99
C ILE I 82 6.87 6.07 -66.59
N GLN I 83 7.77 6.07 -67.57
CA GLN I 83 9.18 6.40 -67.38
C GLN I 83 9.90 5.40 -66.48
N ALA I 84 9.40 4.17 -66.40
CA ALA I 84 10.08 3.12 -65.64
C ALA I 84 11.30 2.64 -66.42
N GLN I 85 12.45 2.59 -65.75
CA GLN I 85 13.68 2.14 -66.36
C GLN I 85 13.98 0.67 -66.09
N CYS I 86 13.19 0.01 -65.25
CA CYS I 86 13.34 -1.41 -64.96
C CYS I 86 12.15 -1.83 -64.11
N ALA I 87 11.97 -3.14 -63.97
CA ALA I 87 10.82 -3.67 -63.26
C ALA I 87 11.14 -5.02 -62.65
N ILE I 88 10.40 -5.37 -61.61
CA ILE I 88 10.41 -6.71 -61.04
C ILE I 88 8.97 -7.23 -61.04
N ILE I 89 8.80 -8.46 -61.53
CA ILE I 89 7.52 -9.15 -61.49
C ILE I 89 7.65 -10.28 -60.49
N MET I 90 6.86 -10.21 -59.41
CA MET I 90 6.94 -11.17 -58.33
C MET I 90 5.70 -12.06 -58.33
N PHE I 91 5.91 -13.34 -58.07
CA PHE I 91 4.82 -14.28 -57.86
C PHE I 91 5.20 -15.15 -56.67
N ASP I 92 4.29 -16.06 -56.30
CA ASP I 92 4.45 -16.88 -55.10
C ASP I 92 4.50 -18.34 -55.53
N VAL I 93 5.60 -19.02 -55.20
CA VAL I 93 5.77 -20.42 -55.56
C VAL I 93 4.86 -21.36 -54.78
N THR I 94 4.14 -20.83 -53.79
CA THR I 94 3.15 -21.62 -53.05
C THR I 94 1.73 -21.36 -53.52
N SER I 95 1.54 -20.55 -54.57
CA SER I 95 0.21 -20.20 -55.07
C SER I 95 0.29 -20.20 -56.59
N ARG I 96 -0.21 -21.29 -57.21
CA ARG I 96 -0.07 -21.44 -58.65
C ARG I 96 -0.81 -20.34 -59.43
N VAL I 97 -1.80 -19.70 -58.82
CA VAL I 97 -2.55 -18.67 -59.54
C VAL I 97 -1.69 -17.43 -59.75
N THR I 98 -0.78 -17.14 -58.82
CA THR I 98 0.07 -15.96 -58.97
C THR I 98 1.04 -16.12 -60.12
N TYR I 99 1.54 -17.34 -60.35
CA TYR I 99 2.38 -17.57 -61.51
C TYR I 99 1.57 -17.56 -62.80
N LYS I 100 0.30 -17.92 -62.73
CA LYS I 100 -0.54 -17.92 -63.93
C LYS I 100 -0.87 -16.50 -64.38
N ASN I 101 -0.86 -15.54 -63.46
CA ASN I 101 -1.10 -14.14 -63.80
C ASN I 101 0.16 -13.39 -64.18
N VAL I 102 1.31 -14.07 -64.18
CA VAL I 102 2.56 -13.39 -64.56
C VAL I 102 2.49 -12.83 -65.97
N PRO I 103 2.02 -13.57 -66.98
CA PRO I 103 1.95 -12.99 -68.33
C PRO I 103 1.10 -11.72 -68.40
N ASN I 104 0.06 -11.62 -67.59
CA ASN I 104 -0.75 -10.41 -67.58
C ASN I 104 0.04 -9.22 -67.07
N TRP I 105 0.80 -9.40 -65.99
CA TRP I 105 1.63 -8.31 -65.48
C TRP I 105 2.69 -7.92 -66.50
N HIS I 106 3.37 -8.90 -67.09
CA HIS I 106 4.39 -8.59 -68.08
C HIS I 106 3.79 -7.86 -69.27
N ARG I 107 2.61 -8.28 -69.73
CA ARG I 107 1.96 -7.61 -70.84
C ARG I 107 1.71 -6.14 -70.50
N ASP I 108 1.16 -5.88 -69.31
CA ASP I 108 0.86 -4.51 -68.92
C ASP I 108 2.13 -3.66 -68.85
N LEU I 109 3.25 -4.26 -68.45
CA LEU I 109 4.50 -3.51 -68.36
C LEU I 109 5.01 -3.13 -69.74
N VAL I 110 5.13 -4.12 -70.64
CA VAL I 110 5.75 -3.85 -71.94
C VAL I 110 4.88 -2.93 -72.78
N ARG I 111 3.56 -2.93 -72.55
CA ARG I 111 2.69 -1.98 -73.23
C ARG I 111 3.22 -0.56 -73.10
N VAL I 112 3.76 -0.23 -71.94
CA VAL I 112 4.20 1.13 -71.63
C VAL I 112 5.71 1.29 -71.84
N CYS I 113 6.50 0.35 -71.33
CA CYS I 113 7.95 0.51 -71.29
C CYS I 113 8.67 -0.24 -72.39
N GLU I 114 8.12 -1.36 -72.86
CA GLU I 114 8.70 -2.17 -73.94
C GLU I 114 10.04 -2.70 -73.44
N ASN I 115 11.17 -2.34 -74.07
CA ASN I 115 12.46 -2.96 -73.77
C ASN I 115 13.08 -2.31 -72.53
N ILE I 116 12.66 -2.80 -71.37
CA ILE I 116 13.30 -2.45 -70.11
C ILE I 116 13.80 -3.74 -69.48
N PRO I 117 14.90 -3.71 -68.72
CA PRO I 117 15.31 -4.93 -68.00
C PRO I 117 14.26 -5.29 -66.95
N ILE I 118 13.82 -6.55 -66.99
CA ILE I 118 12.79 -7.06 -66.10
C ILE I 118 13.30 -8.35 -65.46
N VAL I 119 13.05 -8.48 -64.16
CA VAL I 119 13.41 -9.69 -63.40
C VAL I 119 12.12 -10.35 -62.94
N LEU I 120 12.02 -11.65 -63.17
CA LEU I 120 10.92 -12.46 -62.66
C LEU I 120 11.39 -13.15 -61.39
N CYS I 121 10.66 -12.93 -60.30
CA CYS I 121 11.05 -13.44 -58.99
C CYS I 121 9.97 -14.35 -58.44
N GLY I 122 10.35 -15.59 -58.16
CA GLY I 122 9.48 -16.50 -57.44
C GLY I 122 9.78 -16.46 -55.96
N ASN I 123 8.90 -15.84 -55.19
CA ASN I 123 9.14 -15.59 -53.77
C ASN I 123 8.59 -16.73 -52.92
N LYS I 124 9.07 -16.78 -51.67
CA LYS I 124 8.59 -17.72 -50.66
C LYS I 124 9.08 -19.15 -50.91
N VAL I 125 10.31 -19.30 -51.42
CA VAL I 125 10.90 -20.63 -51.67
C VAL I 125 11.33 -21.23 -50.35
N ASP I 126 11.23 -20.47 -49.26
CA ASP I 126 11.56 -21.03 -47.96
C ASP I 126 10.52 -22.06 -47.50
N ILE I 127 9.33 -22.04 -48.07
CA ILE I 127 8.25 -22.92 -47.64
C ILE I 127 8.46 -24.31 -48.24
N LYS I 128 8.26 -25.33 -47.40
CA LYS I 128 8.45 -26.71 -47.85
C LYS I 128 7.42 -27.11 -48.89
N ASP I 129 6.14 -26.81 -48.64
CA ASP I 129 5.06 -27.20 -49.53
C ASP I 129 5.03 -26.29 -50.75
N ARG I 130 6.06 -26.44 -51.58
CA ARG I 130 6.17 -25.64 -52.79
C ARG I 130 5.23 -26.20 -53.86
N LYS I 131 4.43 -25.32 -54.45
CA LYS I 131 3.44 -25.70 -55.46
C LYS I 131 3.92 -25.47 -56.88
N VAL I 132 4.59 -24.35 -57.15
CA VAL I 132 5.12 -24.06 -58.48
C VAL I 132 6.54 -24.63 -58.53
N LYS I 133 6.66 -25.84 -59.06
CA LYS I 133 7.96 -26.51 -59.13
C LYS I 133 8.89 -25.78 -60.08
N ALA I 134 10.19 -25.91 -59.82
CA ALA I 134 11.18 -25.25 -60.66
C ALA I 134 11.07 -25.65 -62.12
N LYS I 135 10.50 -26.83 -62.40
CA LYS I 135 10.28 -27.24 -63.79
C LYS I 135 9.09 -26.51 -64.40
N SER I 136 8.09 -26.17 -63.60
CA SER I 136 6.89 -25.51 -64.10
C SER I 136 7.14 -24.07 -64.52
N ILE I 137 8.25 -23.48 -64.08
CA ILE I 137 8.55 -22.08 -64.34
C ILE I 137 9.32 -21.99 -65.66
N VAL I 138 8.65 -21.52 -66.71
CA VAL I 138 9.26 -21.44 -68.04
C VAL I 138 8.83 -20.16 -68.75
N PHE I 139 8.17 -19.25 -68.04
CA PHE I 139 7.74 -18.02 -68.69
C PHE I 139 8.92 -17.08 -68.96
N HIS I 140 9.96 -17.12 -68.12
CA HIS I 140 11.13 -16.30 -68.36
C HIS I 140 11.83 -16.70 -69.65
N ARG I 141 11.82 -17.98 -70.01
CA ARG I 141 12.40 -18.41 -71.27
C ARG I 141 11.54 -17.97 -72.44
N LYS I 142 10.22 -17.90 -72.26
CA LYS I 142 9.34 -17.47 -73.34
C LYS I 142 9.57 -16.01 -73.72
N LYS I 143 9.91 -15.16 -72.75
CA LYS I 143 9.99 -13.72 -72.97
C LYS I 143 11.39 -13.14 -72.75
N ASN I 144 12.41 -13.99 -72.66
CA ASN I 144 13.79 -13.52 -72.46
C ASN I 144 13.87 -12.62 -71.23
N LEU I 145 13.53 -13.19 -70.08
CA LEU I 145 13.64 -12.50 -68.80
C LEU I 145 14.64 -13.24 -67.91
N GLN I 146 15.17 -12.54 -66.94
CA GLN I 146 16.03 -13.12 -65.93
C GLN I 146 15.17 -13.60 -64.77
N TYR I 147 15.31 -14.87 -64.39
CA TYR I 147 14.57 -15.44 -63.29
C TYR I 147 15.49 -15.72 -62.11
N TYR I 148 14.95 -15.52 -60.90
CA TYR I 148 15.62 -15.90 -59.67
C TYR I 148 14.58 -16.45 -58.70
N ASP I 149 14.89 -17.59 -58.08
CA ASP I 149 14.18 -17.99 -56.88
C ASP I 149 14.63 -17.10 -55.73
N ILE I 150 13.67 -16.56 -54.98
CA ILE I 150 13.99 -15.66 -53.88
C ILE I 150 13.11 -15.96 -52.68
N SER I 151 13.56 -15.49 -51.53
CA SER I 151 12.79 -15.59 -50.28
C SER I 151 13.12 -14.37 -49.45
N ALA I 152 12.14 -13.50 -49.24
CA ALA I 152 12.34 -12.36 -48.35
C ALA I 152 12.55 -12.81 -46.91
N LYS I 153 12.03 -13.99 -46.55
CA LYS I 153 12.13 -14.47 -45.17
C LYS I 153 13.51 -15.04 -44.89
N SER I 154 14.03 -15.89 -45.77
CA SER I 154 15.34 -16.48 -45.60
C SER I 154 16.45 -15.69 -46.30
N ASN I 155 16.10 -14.60 -46.98
CA ASN I 155 17.04 -13.76 -47.72
C ASN I 155 17.72 -14.48 -48.87
N TYR I 156 17.20 -15.64 -49.27
CA TYR I 156 17.79 -16.39 -50.38
C TYR I 156 17.71 -15.56 -51.66
N ASN I 157 18.87 -15.31 -52.27
CA ASN I 157 18.98 -14.58 -53.54
C ASN I 157 18.31 -13.21 -53.49
N PHE I 158 18.08 -12.66 -52.29
CA PHE I 158 17.28 -11.44 -52.21
C PHE I 158 18.00 -10.22 -52.75
N GLU I 159 19.31 -10.32 -53.06
CA GLU I 159 20.04 -9.24 -53.69
C GLU I 159 20.23 -9.44 -55.19
N LYS I 160 20.03 -10.66 -55.69
CA LYS I 160 20.26 -10.92 -57.11
C LYS I 160 19.44 -10.01 -58.02
N PRO I 161 18.15 -9.77 -57.77
CA PRO I 161 17.40 -8.93 -58.72
C PRO I 161 18.00 -7.54 -58.91
N PHE I 162 18.47 -6.92 -57.83
CA PHE I 162 19.06 -5.59 -57.95
C PHE I 162 20.44 -5.65 -58.60
N LEU I 163 21.21 -6.70 -58.31
CA LEU I 163 22.53 -6.82 -58.90
C LEU I 163 22.45 -7.01 -60.41
N TRP I 164 21.54 -7.87 -60.87
CA TRP I 164 21.38 -8.08 -62.30
C TRP I 164 20.88 -6.80 -62.99
N LEU I 165 19.91 -6.12 -62.37
CA LEU I 165 19.41 -4.89 -62.96
C LEU I 165 20.50 -3.83 -63.03
N ALA I 166 21.31 -3.71 -61.97
CA ALA I 166 22.39 -2.72 -61.97
C ALA I 166 23.41 -3.02 -63.07
N ARG I 167 23.72 -4.30 -63.26
CA ARG I 167 24.66 -4.66 -64.33
C ARG I 167 24.08 -4.37 -65.71
N LYS I 168 22.77 -4.56 -65.87
CA LYS I 168 22.12 -4.26 -67.14
C LYS I 168 22.09 -2.77 -67.40
N LEU I 169 21.65 -1.99 -66.41
CA LEU I 169 21.50 -0.55 -66.60
C LEU I 169 22.84 0.15 -66.74
N ILE I 170 23.89 -0.40 -66.13
CA ILE I 170 25.21 0.24 -66.14
C ILE I 170 26.11 -0.32 -67.23
N GLY I 171 25.77 -1.45 -67.84
CA GLY I 171 26.59 -2.01 -68.89
C GLY I 171 27.91 -2.57 -68.41
N ASP I 172 27.95 -3.09 -67.18
CA ASP I 172 29.16 -3.66 -66.60
C ASP I 172 28.82 -5.05 -66.07
N PRO I 173 29.14 -6.11 -66.82
CA PRO I 173 28.87 -7.47 -66.32
C PRO I 173 29.59 -7.77 -65.02
N ASN I 174 30.67 -7.05 -64.70
CA ASN I 174 31.49 -7.33 -63.53
C ASN I 174 31.14 -6.45 -62.34
N LEU I 175 30.04 -5.71 -62.40
CA LEU I 175 29.65 -4.85 -61.27
C LEU I 175 29.42 -5.69 -60.02
N GLU I 176 29.92 -5.20 -58.89
CA GLU I 176 29.79 -5.88 -57.61
C GLU I 176 29.25 -4.92 -56.56
N PHE I 177 28.41 -5.44 -55.67
CA PHE I 177 28.10 -4.72 -54.43
C PHE I 177 29.31 -4.77 -53.52
N VAL I 178 29.67 -3.63 -52.94
CA VAL I 178 30.82 -3.53 -52.06
C VAL I 178 30.38 -2.94 -50.73
N ALA I 179 31.20 -3.14 -49.71
CA ALA I 179 30.94 -2.59 -48.40
C ALA I 179 30.80 -1.06 -48.48
N MET I 180 29.66 -0.55 -48.05
CA MET I 180 29.46 0.89 -48.03
C MET I 180 30.41 1.52 -47.03
N PRO I 181 30.88 2.75 -47.29
CA PRO I 181 31.73 3.43 -46.31
C PRO I 181 31.05 3.51 -44.94
N ALA I 182 31.76 3.05 -43.92
CA ALA I 182 31.29 3.08 -42.53
C ALA I 182 32.35 3.82 -41.70
N LEU I 183 32.32 5.14 -41.79
CA LEU I 183 33.27 5.95 -41.05
C LEU I 183 32.81 6.11 -39.60
N ALA I 184 33.75 6.43 -38.74
CA ALA I 184 33.45 6.55 -37.32
C ALA I 184 32.34 7.56 -37.10
N PRO I 185 31.36 7.26 -36.24
CA PRO I 185 30.23 8.17 -36.06
C PRO I 185 30.64 9.39 -35.27
N PRO I 186 29.87 10.48 -35.35
CA PRO I 186 30.18 11.67 -34.56
C PRO I 186 29.95 11.44 -33.08
N GLU I 187 30.50 12.35 -32.27
CA GLU I 187 30.34 12.26 -30.83
C GLU I 187 28.87 12.33 -30.46
N VAL I 188 28.49 11.58 -29.42
CA VAL I 188 27.09 11.41 -29.06
C VAL I 188 26.71 12.45 -28.02
N VAL I 189 25.61 13.16 -28.30
CA VAL I 189 24.99 14.07 -27.34
C VAL I 189 23.75 13.36 -26.81
N MET I 190 23.85 12.72 -25.65
CA MET I 190 22.68 12.13 -25.03
C MET I 190 21.63 13.22 -24.78
N ASP I 191 20.40 12.95 -25.22
CA ASP I 191 19.31 13.89 -24.99
C ASP I 191 18.73 13.63 -23.61
N PRO I 192 19.08 14.44 -22.59
CA PRO I 192 18.60 14.14 -21.24
C PRO I 192 17.09 14.23 -21.12
N ALA I 193 16.42 14.98 -22.00
CA ALA I 193 14.97 15.07 -21.95
C ALA I 193 14.31 13.72 -22.24
N LEU I 194 14.80 13.01 -23.25
CA LEU I 194 14.25 11.73 -23.66
C LEU I 194 14.81 10.55 -22.87
N ALA I 195 15.55 10.81 -21.80
CA ALA I 195 16.20 9.73 -21.07
C ALA I 195 15.17 8.79 -20.46
N ALA I 196 14.13 9.33 -19.83
CA ALA I 196 13.15 8.48 -19.18
C ALA I 196 12.36 7.65 -20.18
N GLN I 197 12.18 8.16 -21.41
CA GLN I 197 11.53 7.38 -22.45
C GLN I 197 12.39 6.20 -22.86
N TYR I 198 13.71 6.42 -23.01
CA TYR I 198 14.61 5.32 -23.35
C TYR I 198 14.60 4.23 -22.30
N GLU I 199 14.44 4.61 -21.02
CA GLU I 199 14.44 3.62 -19.95
C GLU I 199 13.18 2.76 -19.98
N HIS I 200 12.03 3.37 -20.25
CA HIS I 200 10.78 2.61 -20.29
C HIS I 200 10.77 1.64 -21.46
N ASP I 201 11.17 2.11 -22.65
CA ASP I 201 11.21 1.24 -23.81
C ASP I 201 12.09 0.02 -23.57
N LEU I 202 13.16 0.18 -22.77
CA LEU I 202 14.03 -0.95 -22.47
C LEU I 202 13.34 -1.94 -21.54
N GLU I 203 12.50 -1.45 -20.62
CA GLU I 203 11.83 -2.35 -19.69
C GLU I 203 10.76 -3.18 -20.37
N VAL I 204 10.09 -2.63 -21.38
CA VAL I 204 9.12 -3.42 -22.15
C VAL I 204 9.85 -4.40 -23.06
N ALA I 205 10.94 -3.96 -23.69
CA ALA I 205 11.64 -4.81 -24.65
C ALA I 205 12.26 -6.03 -23.98
N GLN I 206 12.64 -5.92 -22.71
CA GLN I 206 13.21 -7.05 -21.99
C GLN I 206 12.17 -8.09 -21.60
N THR I 207 10.88 -7.82 -21.81
CA THR I 207 9.82 -8.78 -21.57
C THR I 207 9.30 -9.41 -22.85
N THR I 208 9.80 -8.99 -24.00
CA THR I 208 9.26 -9.42 -25.29
C THR I 208 10.29 -10.27 -26.01
N ALA I 209 9.87 -11.47 -26.40
CA ALA I 209 10.78 -12.40 -27.06
C ALA I 209 11.11 -11.94 -28.47
N LEU I 210 12.22 -12.46 -29.00
CA LEU I 210 12.59 -12.19 -30.37
C LEU I 210 11.65 -12.93 -31.32
N PRO I 211 11.45 -12.41 -32.54
CA PRO I 211 10.48 -13.05 -33.44
C PRO I 211 10.75 -14.53 -33.71
N ASP I 212 12.00 -14.93 -33.81
CA ASP I 212 12.34 -16.34 -34.05
C ASP I 212 13.06 -16.93 -32.84
N GLY J 1 11.52 -8.21 -76.19
CA GLY J 1 11.57 -9.30 -77.15
C GLY J 1 12.98 -9.57 -77.66
N PRO J 2 13.16 -10.68 -78.37
CA PRO J 2 14.49 -11.00 -78.92
C PRO J 2 14.83 -10.11 -80.10
N GLY J 3 16.10 -10.18 -80.50
CA GLY J 3 16.59 -9.44 -81.65
C GLY J 3 17.37 -8.20 -81.26
N SER J 4 17.79 -7.47 -82.28
CA SER J 4 18.56 -6.25 -82.08
C SER J 4 17.67 -5.09 -81.70
N HIS J 5 18.15 -4.24 -80.80
CA HIS J 5 17.41 -3.08 -80.34
C HIS J 5 18.36 -2.19 -79.54
N PHE J 6 17.97 -0.92 -79.39
CA PHE J 6 18.78 0.05 -78.67
C PHE J 6 18.35 0.12 -77.21
N GLU J 7 19.30 -0.03 -76.30
CA GLU J 7 19.05 0.05 -74.87
C GLU J 7 19.79 1.24 -74.26
N PRO J 8 19.15 1.99 -73.35
CA PRO J 8 19.87 3.08 -72.67
C PRO J 8 20.84 2.52 -71.64
N ILE J 9 22.10 2.96 -71.73
CA ILE J 9 23.17 2.49 -70.86
C ILE J 9 23.81 3.71 -70.22
N VAL J 10 24.00 3.64 -68.89
CA VAL J 10 24.65 4.70 -68.12
C VAL J 10 26.04 4.21 -67.76
N SER J 11 27.06 4.85 -68.33
CA SER J 11 28.45 4.48 -68.08
C SER J 11 28.99 5.25 -66.88
N LEU J 12 29.56 4.52 -65.93
CA LEU J 12 30.11 5.10 -64.71
C LEU J 12 31.58 4.72 -64.56
N PRO J 13 32.38 5.56 -63.92
CA PRO J 13 33.79 5.22 -63.71
C PRO J 13 33.99 4.38 -62.46
N GLU J 14 34.98 3.49 -62.54
CA GLU J 14 35.37 2.74 -61.35
C GLU J 14 35.89 3.69 -60.28
N VAL J 15 35.53 3.42 -59.04
CA VAL J 15 35.96 4.22 -57.91
C VAL J 15 36.55 3.32 -56.85
N GLU J 16 37.50 3.85 -56.09
CA GLU J 16 38.03 3.18 -54.91
C GLU J 16 37.13 3.51 -53.72
N VAL J 17 36.53 2.49 -53.13
CA VAL J 17 35.62 2.65 -52.00
C VAL J 17 36.30 2.13 -50.75
N LYS J 18 36.48 3.00 -49.76
CA LYS J 18 37.08 2.62 -48.49
C LYS J 18 36.01 2.16 -47.52
N SER J 19 36.28 1.05 -46.83
CA SER J 19 35.34 0.53 -45.85
C SER J 19 35.24 1.45 -44.63
N GLY J 20 36.29 2.22 -44.35
CA GLY J 20 36.37 2.98 -43.13
C GLY J 20 36.88 2.21 -41.94
N GLU J 21 37.33 0.97 -42.14
CA GLU J 21 37.83 0.12 -41.08
C GLU J 21 39.34 -0.12 -41.19
N GLU J 22 40.02 0.62 -42.08
CA GLU J 22 41.43 0.35 -42.32
C GLU J 22 42.27 0.61 -41.08
N ASP J 23 41.95 1.66 -40.33
CA ASP J 23 42.76 2.10 -39.19
C ASP J 23 42.31 1.50 -37.87
N GLU J 24 41.66 0.35 -37.88
CA GLU J 24 41.12 -0.25 -36.66
C GLU J 24 41.53 -1.72 -36.57
N GLU J 25 41.59 -2.20 -35.32
CA GLU J 25 41.93 -3.58 -35.03
C GLU J 25 40.66 -4.36 -34.74
N ILE J 26 40.65 -5.64 -35.15
CA ILE J 26 39.47 -6.50 -34.98
C ILE J 26 39.66 -7.26 -33.68
N LEU J 27 38.95 -6.83 -32.63
CA LEU J 27 38.94 -7.53 -31.35
C LEU J 27 37.91 -8.65 -31.31
N PHE J 28 36.90 -8.61 -32.19
CA PHE J 28 35.84 -9.61 -32.20
C PHE J 28 35.18 -9.60 -33.57
N LYS J 29 34.92 -10.79 -34.11
CA LYS J 29 34.24 -10.89 -35.40
C LYS J 29 33.55 -12.25 -35.45
N GLU J 30 32.22 -12.25 -35.31
CA GLU J 30 31.44 -13.48 -35.34
C GLU J 30 30.09 -13.19 -35.96
N ARG J 31 29.55 -14.17 -36.68
CA ARG J 31 28.23 -14.02 -37.27
C ARG J 31 27.20 -13.81 -36.17
N ALA J 32 26.09 -13.17 -36.54
CA ALA J 32 25.07 -12.80 -35.58
C ALA J 32 23.84 -12.29 -36.32
N LYS J 33 22.70 -12.38 -35.66
CA LYS J 33 21.47 -11.71 -36.08
C LYS J 33 21.20 -10.56 -35.13
N LEU J 34 20.92 -9.39 -35.70
CA LEU J 34 20.66 -8.18 -34.94
C LEU J 34 19.19 -7.83 -35.00
N TYR J 35 18.66 -7.31 -33.91
CA TYR J 35 17.26 -6.89 -33.83
C TYR J 35 17.20 -5.49 -33.23
N ARG J 36 16.15 -4.76 -33.60
CA ARG J 36 15.93 -3.41 -33.09
C ARG J 36 14.52 -3.32 -32.53
N TRP J 37 14.39 -2.66 -31.39
CA TRP J 37 13.11 -2.51 -30.74
C TRP J 37 12.30 -1.40 -31.40
N ASP J 38 11.08 -1.71 -31.82
CA ASP J 38 10.15 -0.72 -32.35
C ASP J 38 9.12 -0.41 -31.26
N ARG J 39 9.26 0.77 -30.65
CA ARG J 39 8.37 1.16 -29.57
C ARG J 39 6.95 1.42 -30.04
N ASP J 40 6.75 1.67 -31.33
CA ASP J 40 5.40 1.98 -31.82
C ASP J 40 4.51 0.74 -31.79
N VAL J 41 5.05 -0.42 -32.15
CA VAL J 41 4.31 -1.68 -32.18
C VAL J 41 4.77 -2.64 -31.09
N SER J 42 5.72 -2.24 -30.25
CA SER J 42 6.20 -3.09 -29.15
C SER J 42 6.69 -4.43 -29.67
N GLN J 43 7.59 -4.40 -30.65
CA GLN J 43 8.13 -5.61 -31.25
C GLN J 43 9.62 -5.47 -31.46
N TRP J 44 10.35 -6.57 -31.27
CA TRP J 44 11.69 -6.71 -31.80
C TRP J 44 11.57 -6.98 -33.29
N LYS J 45 12.22 -6.15 -34.10
CA LYS J 45 12.25 -6.34 -35.55
C LYS J 45 13.65 -6.74 -35.99
N GLU J 46 13.73 -7.72 -36.88
CA GLU J 46 15.02 -8.08 -37.46
C GLU J 46 15.66 -6.84 -38.07
N ARG J 47 16.95 -6.68 -37.81
CA ARG J 47 17.70 -5.52 -38.27
C ARG J 47 18.80 -5.86 -39.27
N GLY J 48 19.35 -7.07 -39.20
CA GLY J 48 20.36 -7.49 -40.14
C GLY J 48 21.04 -8.77 -39.68
N VAL J 49 21.63 -9.51 -40.62
CA VAL J 49 22.36 -10.73 -40.31
C VAL J 49 23.71 -10.67 -41.01
N GLY J 50 24.77 -10.95 -40.27
CA GLY J 50 26.11 -10.89 -40.83
C GLY J 50 27.15 -10.89 -39.72
N ASP J 51 28.32 -10.34 -40.04
CA ASP J 51 29.43 -10.28 -39.10
C ASP J 51 29.34 -9.01 -38.26
N ILE J 52 29.23 -9.18 -36.95
CA ILE J 52 29.29 -8.07 -36.00
C ILE J 52 30.71 -7.98 -35.49
N LYS J 53 31.23 -6.76 -35.38
CA LYS J 53 32.62 -6.53 -35.03
C LYS J 53 32.74 -5.56 -33.86
N ILE J 54 33.74 -5.79 -33.02
CA ILE J 54 34.23 -4.81 -32.07
C ILE J 54 35.57 -4.34 -32.60
N LEU J 55 35.64 -3.07 -32.99
CA LEU J 55 36.83 -2.51 -33.61
C LEU J 55 37.48 -1.49 -32.68
N GLN J 56 38.81 -1.40 -32.74
CA GLN J 56 39.56 -0.44 -31.94
C GLN J 56 40.54 0.30 -32.84
N ASN J 57 40.46 1.62 -32.82
CA ASN J 57 41.37 2.46 -33.59
C ASN J 57 42.79 2.32 -33.05
N TYR J 58 43.75 2.07 -33.95
CA TYR J 58 45.13 1.85 -33.51
C TYR J 58 45.69 3.07 -32.78
N ASP J 59 45.30 4.28 -33.18
CA ASP J 59 45.91 5.49 -32.66
C ASP J 59 45.21 6.01 -31.41
N ASN J 60 43.93 6.36 -31.52
CA ASN J 60 43.22 6.99 -30.41
C ASN J 60 42.51 5.99 -29.51
N LYS J 61 42.63 4.69 -29.77
CA LYS J 61 42.12 3.64 -28.90
C LYS J 61 40.60 3.66 -28.78
N GLN J 62 39.91 4.35 -29.69
CA GLN J 62 38.46 4.35 -29.68
C GLN J 62 37.92 2.99 -30.06
N VAL J 63 36.90 2.53 -29.34
CA VAL J 63 36.29 1.23 -29.56
C VAL J 63 34.85 1.44 -30.02
N ARG J 64 34.45 0.74 -31.08
CA ARG J 64 33.10 0.86 -31.60
C ARG J 64 32.59 -0.50 -32.06
N ILE J 65 31.28 -0.59 -32.21
CA ILE J 65 30.61 -1.76 -32.76
C ILE J 65 30.23 -1.46 -34.20
N LEU J 66 30.50 -2.42 -35.09
CA LEU J 66 30.18 -2.26 -36.51
C LEU J 66 29.68 -3.58 -37.06
N MET J 67 28.54 -3.55 -37.74
CA MET J 67 27.95 -4.74 -38.33
C MET J 67 27.46 -4.42 -39.74
N ARG J 68 27.65 -5.37 -40.66
CA ARG J 68 27.22 -5.23 -42.04
C ARG J 68 26.34 -6.40 -42.43
N ARG J 69 25.35 -6.14 -43.28
CA ARG J 69 24.45 -7.18 -43.75
C ARG J 69 25.13 -8.03 -44.81
N ASP J 70 24.78 -9.32 -44.81
CA ASP J 70 25.30 -10.21 -45.84
C ASP J 70 24.77 -9.80 -47.22
N GLN J 71 25.54 -10.16 -48.25
CA GLN J 71 25.11 -10.02 -49.63
C GLN J 71 25.06 -8.57 -50.10
N VAL J 72 24.45 -7.68 -49.31
CA VAL J 72 24.39 -6.27 -49.66
C VAL J 72 25.46 -5.44 -48.95
N PHE J 73 26.02 -5.93 -47.84
CA PHE J 73 27.15 -5.31 -47.16
C PHE J 73 26.82 -3.91 -46.64
N LYS J 74 25.54 -3.62 -46.41
CA LYS J 74 25.16 -2.33 -45.85
C LYS J 74 25.31 -2.36 -44.33
N VAL J 75 25.47 -1.18 -43.75
CA VAL J 75 25.67 -1.06 -42.31
C VAL J 75 24.33 -1.17 -41.62
N CYS J 76 24.28 -1.97 -40.55
CA CYS J 76 23.11 -2.05 -39.69
C CYS J 76 23.42 -1.72 -38.24
N ALA J 77 24.66 -1.34 -37.92
CA ALA J 77 25.02 -0.95 -36.57
C ALA J 77 26.35 -0.24 -36.62
N ASN J 78 26.44 0.94 -35.98
CA ASN J 78 27.66 1.71 -35.94
C ASN J 78 27.56 2.68 -34.76
N HIS J 79 28.22 2.34 -33.65
CA HIS J 79 28.15 3.17 -32.45
C HIS J 79 29.35 2.87 -31.56
N VAL J 80 29.82 3.90 -30.87
CA VAL J 80 30.95 3.78 -29.96
C VAL J 80 30.50 3.17 -28.65
N ILE J 81 31.33 2.30 -28.08
CA ILE J 81 31.04 1.69 -26.79
C ILE J 81 31.37 2.69 -25.68
N THR J 82 30.47 2.83 -24.72
CA THR J 82 30.62 3.78 -23.62
C THR J 82 30.62 3.02 -22.29
N LYS J 83 31.03 3.74 -21.24
CA LYS J 83 31.01 3.15 -19.90
C LYS J 83 29.59 2.93 -19.41
N THR J 84 28.64 3.77 -19.83
CA THR J 84 27.28 3.71 -19.32
C THR J 84 26.44 2.63 -20.00
N MET J 85 26.94 2.00 -21.06
CA MET J 85 26.19 0.92 -21.68
C MET J 85 26.18 -0.31 -20.77
N GLU J 86 25.05 -1.00 -20.76
CA GLU J 86 24.86 -2.21 -19.94
C GLU J 86 24.35 -3.33 -20.84
N LEU J 87 25.21 -4.31 -21.10
CA LEU J 87 24.87 -5.45 -21.94
C LEU J 87 24.27 -6.54 -21.05
N LYS J 88 22.95 -6.72 -21.15
CA LYS J 88 22.23 -7.66 -20.30
C LYS J 88 21.64 -8.79 -21.13
N PRO J 89 21.52 -10.00 -20.56
CA PRO J 89 20.84 -11.08 -21.28
C PRO J 89 19.36 -10.79 -21.44
N LEU J 90 18.80 -11.27 -22.54
CA LEU J 90 17.37 -11.20 -22.79
C LEU J 90 16.74 -12.47 -22.23
N ASN J 91 16.06 -12.33 -21.09
CA ASN J 91 15.60 -13.51 -20.36
C ASN J 91 14.63 -14.36 -21.17
N VAL J 92 13.82 -13.72 -22.03
CA VAL J 92 12.78 -14.44 -22.75
C VAL J 92 13.29 -15.06 -24.05
N SER J 93 14.58 -14.94 -24.34
CA SER J 93 15.16 -15.61 -25.50
C SER J 93 16.50 -16.22 -25.10
N ASN J 94 16.97 -17.16 -25.91
CA ASN J 94 18.20 -17.88 -25.64
C ASN J 94 19.34 -17.27 -26.45
N ASN J 95 20.52 -17.16 -25.82
CA ASN J 95 21.73 -16.70 -26.49
C ASN J 95 21.56 -15.29 -27.05
N ALA J 96 20.84 -14.44 -26.32
CA ALA J 96 20.53 -13.09 -26.77
C ALA J 96 20.97 -12.08 -25.73
N LEU J 97 21.50 -10.96 -26.19
CA LEU J 97 21.98 -9.87 -25.34
C LEU J 97 21.37 -8.56 -25.81
N VAL J 98 21.10 -7.67 -24.84
CA VAL J 98 20.39 -6.43 -25.10
C VAL J 98 21.21 -5.25 -24.59
N TRP J 99 21.17 -4.14 -25.32
CA TRP J 99 21.79 -2.91 -24.85
C TRP J 99 21.24 -1.75 -25.66
N THR J 100 21.53 -0.53 -25.19
CA THR J 100 21.05 0.69 -25.81
C THR J 100 22.25 1.49 -26.31
N ALA J 101 22.07 2.16 -27.45
CA ALA J 101 23.16 2.91 -28.06
C ALA J 101 22.62 3.94 -29.01
N SER J 102 23.38 5.01 -29.21
CA SER J 102 23.09 6.00 -30.25
C SER J 102 23.73 5.49 -31.53
N ASP J 103 22.91 4.95 -32.43
CA ASP J 103 23.39 4.25 -33.61
C ASP J 103 23.44 5.17 -34.82
N TYR J 104 24.36 4.86 -35.73
CA TYR J 104 24.61 5.69 -36.91
C TYR J 104 24.48 4.89 -38.21
N ALA J 105 23.77 3.76 -38.17
CA ALA J 105 23.67 2.92 -39.36
C ALA J 105 23.00 3.64 -40.52
N ASP J 106 22.02 4.50 -40.23
CA ASP J 106 21.26 5.20 -41.25
C ASP J 106 21.85 6.55 -41.61
N GLY J 107 23.08 6.83 -41.20
CA GLY J 107 23.72 8.10 -41.52
C GLY J 107 23.46 9.22 -40.54
N GLU J 108 22.60 9.00 -39.54
CA GLU J 108 22.35 9.99 -38.50
C GLU J 108 22.11 9.26 -37.18
N ALA J 109 22.34 9.99 -36.09
CA ALA J 109 22.21 9.40 -34.76
C ALA J 109 20.77 9.00 -34.49
N LYS J 110 20.60 7.82 -33.90
CA LYS J 110 19.28 7.33 -33.50
C LYS J 110 19.46 6.46 -32.27
N VAL J 111 18.84 6.86 -31.16
CA VAL J 111 18.86 6.02 -29.96
C VAL J 111 18.00 4.78 -30.21
N GLU J 112 18.60 3.61 -30.03
CA GLU J 112 17.94 2.35 -30.33
C GLU J 112 18.25 1.34 -29.25
N GLN J 113 17.23 0.56 -28.88
CA GLN J 113 17.43 -0.65 -28.10
C GLN J 113 17.72 -1.80 -29.06
N LEU J 114 18.90 -2.38 -28.94
CA LEU J 114 19.37 -3.42 -29.84
C LEU J 114 19.46 -4.75 -29.13
N ALA J 115 19.27 -5.82 -29.90
CA ALA J 115 19.44 -7.19 -29.42
C ALA J 115 20.27 -7.97 -30.43
N VAL J 116 21.21 -8.76 -29.93
CA VAL J 116 22.08 -9.57 -30.78
C VAL J 116 21.96 -11.03 -30.35
N ARG J 117 21.95 -11.92 -31.34
CA ARG J 117 21.78 -13.36 -31.13
C ARG J 117 22.84 -14.10 -31.93
N PHE J 118 23.55 -15.00 -31.27
CA PHE J 118 24.65 -15.75 -31.88
C PHE J 118 24.26 -17.22 -32.05
N LYS J 119 25.13 -17.96 -32.73
CA LYS J 119 24.90 -19.38 -32.93
C LYS J 119 24.89 -20.12 -31.60
N THR J 120 25.92 -19.91 -30.78
CA THR J 120 26.10 -20.65 -29.54
C THR J 120 26.12 -19.68 -28.36
N LYS J 121 25.75 -20.21 -27.19
CA LYS J 121 25.92 -19.45 -25.95
C LYS J 121 27.39 -19.18 -25.67
N GLU J 122 28.28 -19.99 -26.23
CA GLU J 122 29.71 -19.78 -26.03
C GLU J 122 30.20 -18.51 -26.74
N VAL J 123 29.76 -18.31 -27.99
CA VAL J 123 30.17 -17.12 -28.71
C VAL J 123 29.51 -15.88 -28.12
N ALA J 124 28.27 -16.01 -27.63
CA ALA J 124 27.62 -14.88 -26.98
C ALA J 124 28.38 -14.46 -25.74
N ASP J 125 28.76 -15.42 -24.89
CA ASP J 125 29.52 -15.09 -23.69
C ASP J 125 30.87 -14.48 -24.04
N CYS J 126 31.45 -14.86 -25.18
CA CYS J 126 32.70 -14.24 -25.61
C CYS J 126 32.47 -12.80 -26.04
N PHE J 127 31.36 -12.53 -26.74
CA PHE J 127 31.04 -11.16 -27.11
C PHE J 127 30.82 -10.30 -25.87
N LYS J 128 30.07 -10.81 -24.89
CA LYS J 128 29.83 -10.06 -23.67
C LYS J 128 31.12 -9.78 -22.92
N LYS J 129 32.03 -10.76 -22.89
CA LYS J 129 33.28 -10.59 -22.18
C LYS J 129 34.16 -9.54 -22.83
N THR J 130 34.34 -9.63 -24.15
CA THR J 130 35.13 -8.63 -24.86
C THR J 130 34.49 -7.25 -24.75
N PHE J 131 33.16 -7.18 -24.85
CA PHE J 131 32.46 -5.91 -24.71
C PHE J 131 32.79 -5.25 -23.37
N GLU J 132 32.73 -6.03 -22.29
CA GLU J 132 32.97 -5.47 -20.96
C GLU J 132 34.44 -5.21 -20.70
N GLU J 133 35.34 -5.97 -21.32
CA GLU J 133 36.76 -5.66 -21.22
C GLU J 133 37.08 -4.31 -21.83
N CYS J 134 36.41 -3.96 -22.92
CA CYS J 134 36.61 -2.66 -23.53
C CYS J 134 36.10 -1.55 -22.62
N GLN J 135 34.96 -1.77 -21.96
CA GLN J 135 34.46 -0.78 -21.01
C GLN J 135 35.43 -0.58 -19.85
N GLN J 136 36.04 -1.67 -19.36
CA GLN J 136 36.98 -1.57 -18.25
C GLN J 136 38.20 -0.74 -18.62
N ASN J 137 38.63 -0.80 -19.88
CA ASN J 137 39.79 -0.05 -20.35
C ASN J 137 39.43 1.36 -20.81
N LEU J 138 38.26 1.86 -20.44
CA LEU J 138 37.89 3.24 -20.75
C LEU J 138 38.33 4.16 -19.60
N PRO K 8 -22.71 -15.26 -10.68
CA PRO K 8 -22.07 -16.57 -10.51
C PRO K 8 -22.08 -17.07 -9.07
N GLN K 9 -21.71 -16.19 -8.13
CA GLN K 9 -21.68 -16.52 -6.72
C GLN K 9 -20.59 -17.54 -6.42
N VAL K 10 -20.66 -18.72 -7.05
CA VAL K 10 -19.60 -19.70 -6.89
C VAL K 10 -18.31 -19.13 -7.45
N GLN K 11 -17.26 -19.14 -6.63
CA GLN K 11 -16.00 -18.50 -6.98
C GLN K 11 -14.84 -19.29 -6.40
N PHE K 12 -13.91 -19.69 -7.26
CA PHE K 12 -12.73 -20.44 -6.85
C PHE K 12 -11.48 -19.73 -7.33
N LYS K 13 -10.44 -19.75 -6.49
CA LYS K 13 -9.14 -19.21 -6.86
C LYS K 13 -8.31 -20.32 -7.49
N LEU K 14 -7.82 -20.07 -8.71
CA LEU K 14 -7.03 -21.03 -9.47
C LEU K 14 -5.70 -20.38 -9.81
N VAL K 15 -4.60 -20.97 -9.33
N VAL K 15 -4.60 -20.97 -9.34
CA VAL K 15 -3.26 -20.48 -9.61
CA VAL K 15 -3.26 -20.47 -9.61
C VAL K 15 -2.67 -21.29 -10.75
C VAL K 15 -2.66 -21.28 -10.74
N LEU K 16 -2.20 -20.60 -11.78
CA LEU K 16 -1.63 -21.22 -12.97
C LEU K 16 -0.11 -21.00 -12.92
N VAL K 17 0.64 -22.10 -12.90
CA VAL K 17 2.08 -22.07 -12.71
C VAL K 17 2.75 -22.94 -13.76
N GLY K 18 4.02 -22.65 -13.99
CA GLY K 18 4.82 -23.38 -14.97
C GLY K 18 5.96 -22.52 -15.48
N ASP K 19 6.91 -23.18 -16.13
CA ASP K 19 8.08 -22.48 -16.66
C ASP K 19 7.66 -21.43 -17.68
N GLY K 20 8.50 -20.41 -17.83
CA GLY K 20 8.20 -19.35 -18.78
C GLY K 20 8.20 -19.87 -20.21
N GLY K 21 7.28 -19.33 -21.01
CA GLY K 21 7.15 -19.73 -22.40
C GLY K 21 6.30 -20.97 -22.62
N THR K 22 5.82 -21.62 -21.56
CA THR K 22 5.04 -22.84 -21.73
C THR K 22 3.65 -22.56 -22.31
N GLY K 23 3.18 -21.32 -22.24
CA GLY K 23 1.91 -20.96 -22.85
C GLY K 23 0.77 -20.72 -21.88
N LYS K 24 1.11 -20.31 -20.65
CA LYS K 24 0.08 -20.10 -19.64
C LYS K 24 -0.82 -18.92 -20.01
N THR K 25 -0.22 -17.77 -20.33
CA THR K 25 -1.01 -16.59 -20.67
C THR K 25 -1.75 -16.78 -21.99
N THR K 26 -1.14 -17.51 -22.94
CA THR K 26 -1.83 -17.82 -24.18
C THR K 26 -3.03 -18.73 -23.93
N PHE K 27 -2.90 -19.65 -22.97
CA PHE K 27 -4.02 -20.53 -22.62
C PHE K 27 -5.16 -19.74 -22.00
N VAL K 28 -4.84 -18.76 -21.14
CA VAL K 28 -5.90 -18.00 -20.48
C VAL K 28 -6.58 -17.06 -21.48
N LYS K 29 -5.80 -16.34 -22.28
CA LYS K 29 -6.38 -15.41 -23.24
C LYS K 29 -7.31 -16.13 -24.21
N ARG K 30 -6.95 -17.36 -24.62
CA ARG K 30 -7.81 -18.12 -25.49
C ARG K 30 -9.19 -18.31 -24.87
N HIS K 31 -9.24 -18.65 -23.58
CA HIS K 31 -10.52 -18.80 -22.91
C HIS K 31 -11.23 -17.46 -22.75
N LEU K 32 -10.46 -16.40 -22.47
CA LEU K 32 -11.06 -15.09 -22.24
C LEU K 32 -11.71 -14.56 -23.50
N THR K 33 -10.92 -14.37 -24.55
CA THR K 33 -11.36 -13.67 -25.75
C THR K 33 -11.47 -14.56 -26.98
N GLY K 34 -10.97 -15.79 -26.93
CA GLY K 34 -10.95 -16.66 -28.09
C GLY K 34 -9.76 -16.45 -29.01
N GLU K 35 -8.87 -15.51 -28.69
CA GLU K 35 -7.74 -15.20 -29.55
C GLU K 35 -6.60 -16.18 -29.32
N PHE K 36 -5.63 -16.16 -30.25
CA PHE K 36 -4.38 -16.88 -30.09
C PHE K 36 -3.23 -15.89 -30.24
N GLU K 37 -2.69 -15.43 -29.12
CA GLU K 37 -1.57 -14.49 -29.13
C GLU K 37 -0.29 -15.23 -29.50
N LYS K 38 0.36 -14.80 -30.57
CA LYS K 38 1.59 -15.43 -31.02
C LYS K 38 2.84 -14.82 -30.39
N LYS K 39 2.78 -13.54 -30.00
CA LYS K 39 3.94 -12.87 -29.43
C LYS K 39 4.10 -13.26 -27.97
N TYR K 40 5.34 -13.58 -27.58
CA TYR K 40 5.65 -13.92 -26.19
C TYR K 40 6.00 -12.63 -25.45
N VAL K 41 5.11 -12.19 -24.56
CA VAL K 41 5.38 -11.10 -23.62
C VAL K 41 5.31 -11.71 -22.22
N ALA K 42 6.46 -11.81 -21.56
CA ALA K 42 6.51 -12.43 -20.25
C ALA K 42 5.57 -11.72 -19.29
N THR K 43 4.87 -12.52 -18.47
CA THR K 43 4.04 -11.96 -17.41
C THR K 43 4.91 -11.48 -16.26
N LEU K 44 4.52 -10.35 -15.68
CA LEU K 44 5.26 -9.72 -14.58
C LEU K 44 4.51 -9.97 -13.28
N GLY K 45 5.02 -10.89 -12.48
CA GLY K 45 4.37 -11.23 -11.22
C GLY K 45 3.17 -12.13 -11.43
N VAL K 46 1.99 -11.53 -11.57
CA VAL K 46 0.76 -12.28 -11.75
C VAL K 46 -0.29 -11.37 -12.38
N GLU K 47 -1.21 -11.98 -13.12
CA GLU K 47 -2.37 -11.29 -13.65
C GLU K 47 -3.60 -12.14 -13.37
N VAL K 48 -4.63 -11.53 -12.79
CA VAL K 48 -5.83 -12.24 -12.37
C VAL K 48 -6.92 -11.97 -13.40
N HIS K 49 -7.43 -13.05 -14.01
CA HIS K 49 -8.48 -12.97 -15.00
C HIS K 49 -9.65 -13.86 -14.57
N PRO K 50 -10.87 -13.34 -14.50
CA PRO K 50 -12.02 -14.20 -14.16
C PRO K 50 -12.52 -14.94 -15.40
N LEU K 51 -12.75 -16.25 -15.24
CA LEU K 51 -13.33 -17.09 -16.27
C LEU K 51 -14.61 -17.70 -15.74
N VAL K 52 -15.71 -17.50 -16.46
CA VAL K 52 -17.01 -18.03 -16.08
C VAL K 52 -17.37 -19.16 -17.05
N PHE K 53 -17.81 -20.30 -16.50
CA PHE K 53 -18.32 -21.41 -17.27
C PHE K 53 -19.73 -21.72 -16.79
N HIS K 54 -20.65 -21.92 -17.73
CA HIS K 54 -22.03 -22.26 -17.40
C HIS K 54 -22.19 -23.77 -17.42
N THR K 55 -22.84 -24.29 -16.38
CA THR K 55 -23.00 -25.72 -16.19
C THR K 55 -24.45 -26.03 -15.85
N ASN K 56 -24.77 -27.32 -15.82
CA ASN K 56 -26.10 -27.78 -15.43
C ASN K 56 -26.42 -27.51 -13.97
N ARG K 57 -25.46 -26.99 -13.19
CA ARG K 57 -25.69 -26.60 -11.81
C ARG K 57 -25.39 -25.12 -11.61
N GLY K 58 -25.52 -24.33 -12.68
CA GLY K 58 -25.34 -22.89 -12.60
C GLY K 58 -23.97 -22.45 -13.05
N PRO K 59 -23.77 -21.14 -13.13
CA PRO K 59 -22.46 -20.60 -13.52
C PRO K 59 -21.42 -20.77 -12.43
N ILE K 60 -20.19 -21.05 -12.86
CA ILE K 60 -19.05 -21.24 -11.96
C ILE K 60 -17.93 -20.33 -12.43
N LYS K 61 -17.34 -19.56 -11.51
CA LYS K 61 -16.29 -18.62 -11.83
C LYS K 61 -14.96 -19.11 -11.28
N PHE K 62 -13.95 -19.16 -12.16
CA PHE K 62 -12.56 -19.38 -11.76
C PHE K 62 -11.84 -18.04 -11.84
N ASN K 63 -11.24 -17.62 -10.74
CA ASN K 63 -10.35 -16.45 -10.73
C ASN K 63 -8.95 -16.97 -10.97
N VAL K 64 -8.48 -16.87 -12.21
CA VAL K 64 -7.25 -17.50 -12.64
C VAL K 64 -6.09 -16.56 -12.33
N TRP K 65 -5.25 -16.96 -11.39
CA TRP K 65 -4.02 -16.24 -11.07
C TRP K 65 -2.93 -16.77 -12.01
N ASP K 66 -2.70 -16.02 -13.09
CA ASP K 66 -1.74 -16.40 -14.12
C ASP K 66 -0.37 -15.86 -13.73
N THR K 67 0.45 -16.71 -13.11
CA THR K 67 1.71 -16.27 -12.53
C THR K 67 2.83 -16.31 -13.57
N ALA K 68 3.93 -15.64 -13.23
CA ALA K 68 5.08 -15.55 -14.11
C ALA K 68 5.97 -16.78 -13.96
N GLY K 69 6.45 -17.29 -15.09
CA GLY K 69 7.33 -18.44 -15.09
C GLY K 69 8.80 -18.08 -15.17
N GLN K 70 9.10 -16.85 -15.60
CA GLN K 70 10.48 -16.40 -15.68
C GLN K 70 10.99 -16.06 -14.29
N GLU K 71 12.16 -16.61 -13.94
CA GLU K 71 12.71 -16.37 -12.61
C GLU K 71 12.88 -14.89 -12.33
N LYS K 72 13.29 -14.12 -13.34
CA LYS K 72 13.51 -12.69 -13.15
C LYS K 72 12.21 -11.92 -12.93
N PHE K 73 11.07 -12.47 -13.34
CA PHE K 73 9.78 -11.80 -13.23
C PHE K 73 8.84 -12.54 -12.28
N GLY K 74 9.39 -13.28 -11.32
CA GLY K 74 8.57 -14.15 -10.49
C GLY K 74 7.66 -13.42 -9.54
N GLY K 75 8.11 -12.28 -9.01
CA GLY K 75 7.28 -11.54 -8.06
C GLY K 75 7.23 -12.24 -6.71
N LEU K 76 6.02 -12.28 -6.13
CA LEU K 76 5.84 -12.95 -4.86
C LEU K 76 6.00 -14.47 -4.98
N ARG K 77 5.81 -15.03 -6.17
CA ARG K 77 5.98 -16.46 -6.40
C ARG K 77 5.03 -17.27 -5.53
N ASP K 78 5.53 -17.84 -4.44
CA ASP K 78 4.67 -18.66 -3.58
C ASP K 78 3.59 -17.83 -2.91
N GLY K 79 3.79 -16.51 -2.76
CA GLY K 79 2.78 -15.69 -2.14
C GLY K 79 1.46 -15.68 -2.89
N TYR K 80 1.51 -15.92 -4.21
CA TYR K 80 0.28 -15.97 -4.99
C TYR K 80 -0.52 -17.24 -4.74
N TYR K 81 0.09 -18.25 -4.11
CA TYR K 81 -0.57 -19.54 -3.94
C TYR K 81 -1.54 -19.56 -2.75
N ILE K 82 -1.41 -18.61 -1.83
CA ILE K 82 -2.16 -18.69 -0.58
C ILE K 82 -3.66 -18.68 -0.88
N GLN K 83 -4.38 -19.57 -0.20
CA GLN K 83 -5.83 -19.69 -0.30
C GLN K 83 -6.29 -20.06 -1.70
N ALA K 84 -5.39 -20.65 -2.50
CA ALA K 84 -5.80 -21.23 -3.77
C ALA K 84 -6.62 -22.49 -3.52
N GLN K 85 -7.70 -22.63 -4.28
CA GLN K 85 -8.58 -23.78 -4.16
C GLN K 85 -8.37 -24.80 -5.26
N CYS K 86 -7.50 -24.52 -6.23
CA CYS K 86 -7.16 -25.43 -7.31
C CYS K 86 -6.00 -24.80 -8.07
N ALA K 87 -5.40 -25.59 -8.97
CA ALA K 87 -4.22 -25.12 -9.68
C ALA K 87 -4.06 -25.88 -10.99
N ILE K 88 -3.29 -25.28 -11.89
CA ILE K 88 -2.87 -25.92 -13.13
C ILE K 88 -1.36 -25.78 -13.23
N ILE K 89 -0.67 -26.91 -13.43
CA ILE K 89 0.75 -26.92 -13.70
C ILE K 89 0.92 -27.19 -15.20
N MET K 90 1.56 -26.27 -15.91
CA MET K 90 1.72 -26.37 -17.35
C MET K 90 3.18 -26.54 -17.71
N PHE K 91 3.43 -27.40 -18.70
CA PHE K 91 4.75 -27.56 -19.29
C PHE K 91 4.59 -27.66 -20.79
N ASP K 92 5.72 -27.64 -21.50
CA ASP K 92 5.76 -27.64 -22.95
C ASP K 92 6.29 -28.99 -23.42
N VAL K 93 5.49 -29.71 -24.20
CA VAL K 93 5.90 -31.03 -24.68
C VAL K 93 7.02 -30.97 -25.70
N THR K 94 7.41 -29.77 -26.14
CA THR K 94 8.54 -29.58 -27.04
C THR K 94 9.80 -29.11 -26.31
N SER K 95 9.75 -29.07 -24.97
CA SER K 95 10.89 -28.61 -24.17
C SER K 95 10.96 -29.49 -22.92
N ARG K 96 11.88 -30.45 -22.92
CA ARG K 96 11.94 -31.42 -21.83
C ARG K 96 12.28 -30.75 -20.51
N VAL K 97 12.99 -29.63 -20.53
CA VAL K 97 13.36 -28.96 -19.28
C VAL K 97 12.12 -28.44 -18.56
N THR K 98 11.07 -28.09 -19.30
CA THR K 98 9.85 -27.60 -18.65
C THR K 98 9.14 -28.73 -17.92
N TYR K 99 9.23 -29.97 -18.41
CA TYR K 99 8.70 -31.11 -17.69
C TYR K 99 9.62 -31.52 -16.54
N LYS K 100 10.92 -31.26 -16.68
CA LYS K 100 11.85 -31.58 -15.60
C LYS K 100 11.57 -30.75 -14.35
N ASN K 101 11.02 -29.54 -14.52
CA ASN K 101 10.71 -28.67 -13.39
C ASN K 101 9.31 -28.85 -12.84
N VAL K 102 8.48 -29.67 -13.49
CA VAL K 102 7.13 -29.91 -12.98
C VAL K 102 7.15 -30.31 -11.51
N PRO K 103 8.00 -31.24 -11.07
CA PRO K 103 8.04 -31.58 -9.64
C PRO K 103 8.29 -30.38 -8.74
N ASN K 104 9.18 -29.46 -9.15
CA ASN K 104 9.45 -28.30 -8.31
C ASN K 104 8.22 -27.42 -8.18
N TRP K 105 7.49 -27.23 -9.27
CA TRP K 105 6.25 -26.45 -9.21
C TRP K 105 5.23 -27.13 -8.31
N HIS K 106 5.08 -28.45 -8.46
CA HIS K 106 4.14 -29.18 -7.62
C HIS K 106 4.55 -29.14 -6.15
N ARG K 107 5.86 -29.20 -5.88
CA ARG K 107 6.35 -29.13 -4.51
C ARG K 107 5.99 -27.80 -3.87
N ASP K 108 6.28 -26.70 -4.56
CA ASP K 108 5.96 -25.38 -4.04
C ASP K 108 4.47 -25.23 -3.80
N LEU K 109 3.64 -25.76 -4.72
CA LEU K 109 2.20 -25.65 -4.58
C LEU K 109 1.70 -26.34 -3.31
N VAL K 110 2.02 -27.63 -3.17
CA VAL K 110 1.47 -28.39 -2.05
C VAL K 110 2.02 -27.92 -0.71
N ARG K 111 3.19 -27.26 -0.70
CA ARG K 111 3.69 -26.70 0.55
C ARG K 111 2.73 -25.67 1.12
N VAL K 112 1.98 -24.97 0.25
CA VAL K 112 1.12 -23.89 0.68
C VAL K 112 -0.35 -24.25 0.63
N CYS K 113 -0.77 -25.17 -0.24
CA CYS K 113 -2.18 -25.45 -0.45
C CYS K 113 -2.58 -26.86 -0.02
N GLU K 114 -1.63 -27.79 0.05
CA GLU K 114 -1.89 -29.16 0.51
C GLU K 114 -2.84 -29.82 -0.48
N ASN K 115 -3.96 -30.39 -0.03
CA ASN K 115 -4.80 -31.25 -0.87
C ASN K 115 -5.80 -30.42 -1.67
N ILE K 116 -5.28 -29.71 -2.66
CA ILE K 116 -6.14 -29.03 -3.63
C ILE K 116 -6.10 -29.80 -4.93
N PRO K 117 -7.18 -29.79 -5.73
CA PRO K 117 -7.13 -30.45 -7.04
C PRO K 117 -6.18 -29.72 -7.98
N ILE K 118 -5.29 -30.47 -8.63
CA ILE K 118 -4.28 -29.94 -9.52
C ILE K 118 -4.34 -30.68 -10.85
N VAL K 119 -4.31 -29.93 -11.95
CA VAL K 119 -4.27 -30.48 -13.30
C VAL K 119 -2.87 -30.26 -13.85
N LEU K 120 -2.28 -31.32 -14.40
CA LEU K 120 -1.01 -31.24 -15.12
C LEU K 120 -1.32 -31.18 -16.61
N CYS K 121 -0.88 -30.10 -17.26
CA CYS K 121 -1.20 -29.84 -18.66
C CYS K 121 0.09 -29.85 -19.48
N GLY K 122 0.14 -30.72 -20.48
CA GLY K 122 1.21 -30.70 -21.45
C GLY K 122 0.78 -29.95 -22.70
N ASN K 123 1.27 -28.72 -22.85
CA ASN K 123 0.78 -27.82 -23.88
C ASN K 123 1.62 -27.95 -25.15
N LYS K 124 1.06 -27.44 -26.25
CA LYS K 124 1.73 -27.36 -27.55
C LYS K 124 1.81 -28.73 -28.23
N VAL K 125 0.80 -29.59 -28.04
CA VAL K 125 0.79 -30.86 -28.73
C VAL K 125 0.44 -30.73 -30.21
N ASP K 126 0.20 -29.51 -30.68
CA ASP K 126 0.01 -29.28 -32.11
C ASP K 126 1.30 -29.43 -32.90
N ILE K 127 2.45 -29.20 -32.24
CA ILE K 127 3.73 -29.34 -32.91
C ILE K 127 4.05 -30.81 -33.13
N LYS K 128 4.53 -31.14 -34.32
CA LYS K 128 4.80 -32.53 -34.65
C LYS K 128 6.16 -33.00 -34.16
N ASP K 129 7.10 -32.08 -33.94
CA ASP K 129 8.39 -32.44 -33.36
C ASP K 129 8.27 -32.44 -31.83
N ARG K 130 7.59 -33.46 -31.33
CA ARG K 130 7.29 -33.58 -29.91
C ARG K 130 8.45 -34.28 -29.19
N LYS K 131 8.96 -33.64 -28.14
CA LYS K 131 10.10 -34.14 -27.38
C LYS K 131 9.68 -34.90 -26.13
N VAL K 132 8.63 -34.46 -25.44
CA VAL K 132 8.11 -35.14 -24.26
C VAL K 132 6.95 -36.00 -24.75
N LYS K 133 7.24 -37.26 -25.05
CA LYS K 133 6.23 -38.17 -25.56
C LYS K 133 5.30 -38.60 -24.44
N ALA K 134 4.09 -39.02 -24.84
CA ALA K 134 3.11 -39.48 -23.87
C ALA K 134 3.63 -40.61 -22.99
N LYS K 135 4.64 -41.35 -23.45
CA LYS K 135 5.19 -42.43 -22.65
C LYS K 135 6.11 -41.90 -21.54
N SER K 136 6.75 -40.76 -21.76
CA SER K 136 7.62 -40.17 -20.74
C SER K 136 6.86 -39.41 -19.66
N ILE K 137 5.55 -39.20 -19.84
CA ILE K 137 4.75 -38.43 -18.90
C ILE K 137 4.18 -39.41 -17.87
N VAL K 138 4.69 -39.34 -16.64
CA VAL K 138 4.33 -40.28 -15.59
C VAL K 138 4.09 -39.56 -14.27
N PHE K 139 4.58 -38.32 -14.17
CA PHE K 139 4.50 -37.61 -12.90
C PHE K 139 3.07 -37.46 -12.40
N HIS K 140 2.08 -37.50 -13.30
CA HIS K 140 0.69 -37.42 -12.86
C HIS K 140 0.25 -38.70 -12.16
N ARG K 141 0.87 -39.84 -12.51
CA ARG K 141 0.66 -41.07 -11.77
C ARG K 141 1.53 -41.15 -10.53
N LYS K 142 2.62 -40.37 -10.48
CA LYS K 142 3.51 -40.35 -9.33
C LYS K 142 2.86 -39.67 -8.13
N LYS K 143 1.94 -38.73 -8.38
CA LYS K 143 1.37 -37.91 -7.32
C LYS K 143 -0.15 -37.91 -7.31
N ASN K 144 -0.79 -38.75 -8.13
CA ASN K 144 -2.24 -38.79 -8.23
C ASN K 144 -2.81 -37.41 -8.62
N LEU K 145 -2.37 -36.93 -9.77
CA LEU K 145 -2.94 -35.75 -10.41
C LEU K 145 -3.75 -36.19 -11.62
N GLN K 146 -4.42 -35.22 -12.23
CA GLN K 146 -5.08 -35.42 -13.50
C GLN K 146 -4.24 -34.75 -14.59
N TYR K 147 -3.92 -35.50 -15.64
CA TYR K 147 -3.12 -34.99 -16.73
C TYR K 147 -3.96 -34.85 -17.99
N TYR K 148 -3.60 -33.88 -18.82
CA TYR K 148 -4.24 -33.68 -20.11
C TYR K 148 -3.22 -33.16 -21.12
N ASP K 149 -3.18 -33.78 -22.29
CA ASP K 149 -2.55 -33.14 -23.44
C ASP K 149 -3.44 -31.99 -23.92
N ILE K 150 -2.85 -30.82 -24.09
CA ILE K 150 -3.61 -29.65 -24.54
C ILE K 150 -2.82 -28.90 -25.61
N SER K 151 -3.54 -28.05 -26.33
CA SER K 151 -2.93 -27.14 -27.29
C SER K 151 -3.79 -25.88 -27.34
N ALA K 152 -3.26 -24.78 -26.81
CA ALA K 152 -3.97 -23.51 -26.91
C ALA K 152 -4.13 -23.07 -28.36
N LYS K 153 -3.27 -23.55 -29.25
CA LYS K 153 -3.34 -23.16 -30.64
C LYS K 153 -4.43 -23.93 -31.39
N SER K 154 -4.54 -25.24 -31.16
CA SER K 154 -5.55 -26.06 -31.80
C SER K 154 -6.77 -26.30 -30.92
N ASN K 155 -6.79 -25.76 -29.70
CA ASN K 155 -7.88 -25.92 -28.74
C ASN K 155 -8.09 -27.36 -28.31
N TYR K 156 -7.19 -28.26 -28.66
CA TYR K 156 -7.31 -29.66 -28.24
C TYR K 156 -7.34 -29.73 -26.72
N ASN K 157 -8.44 -30.29 -26.18
CA ASN K 157 -8.60 -30.51 -24.75
C ASN K 157 -8.46 -29.22 -23.93
N PHE K 158 -8.63 -28.06 -24.55
CA PHE K 158 -8.36 -26.82 -23.83
C PHE K 158 -9.42 -26.51 -22.78
N GLU K 159 -10.52 -27.25 -22.74
CA GLU K 159 -11.53 -27.07 -21.69
C GLU K 159 -11.48 -28.16 -20.62
N LYS K 160 -10.82 -29.29 -20.89
CA LYS K 160 -10.80 -30.38 -19.93
C LYS K 160 -10.26 -29.96 -18.56
N PRO K 161 -9.20 -29.17 -18.46
CA PRO K 161 -8.72 -28.79 -17.11
C PRO K 161 -9.79 -28.14 -16.26
N PHE K 162 -10.61 -27.26 -16.84
CA PHE K 162 -11.63 -26.59 -16.07
C PHE K 162 -12.81 -27.50 -15.77
N LEU K 163 -13.18 -28.37 -16.72
CA LEU K 163 -14.27 -29.29 -16.46
C LEU K 163 -13.91 -30.27 -15.34
N TRP K 164 -12.70 -30.82 -15.38
CA TRP K 164 -12.29 -31.74 -14.33
C TRP K 164 -12.21 -31.04 -12.98
N LEU K 165 -11.68 -29.81 -12.95
CA LEU K 165 -11.60 -29.07 -11.70
C LEU K 165 -12.98 -28.77 -11.14
N ALA K 166 -13.89 -28.27 -11.99
CA ALA K 166 -15.24 -27.99 -11.54
C ALA K 166 -15.88 -29.22 -10.92
N ARG K 167 -15.73 -30.37 -11.57
CA ARG K 167 -16.28 -31.61 -11.02
C ARG K 167 -15.65 -31.92 -9.65
N LYS K 168 -14.34 -31.73 -9.53
CA LYS K 168 -13.68 -32.02 -8.26
C LYS K 168 -14.10 -31.05 -7.17
N LEU K 169 -14.38 -29.79 -7.52
CA LEU K 169 -14.63 -28.77 -6.51
C LEU K 169 -16.06 -28.79 -6.01
N ILE K 170 -17.04 -29.09 -6.88
CA ILE K 170 -18.44 -29.14 -6.47
C ILE K 170 -18.94 -30.56 -6.27
N GLY K 171 -18.05 -31.55 -6.38
CA GLY K 171 -18.42 -32.93 -6.12
C GLY K 171 -19.56 -33.44 -6.96
N ASP K 172 -19.47 -33.26 -8.28
CA ASP K 172 -20.48 -33.76 -9.22
C ASP K 172 -19.76 -34.41 -10.40
N PRO K 173 -19.61 -35.75 -10.38
CA PRO K 173 -18.98 -36.41 -11.54
C PRO K 173 -19.71 -36.19 -12.85
N ASN K 174 -21.00 -35.84 -12.82
CA ASN K 174 -21.80 -35.68 -14.02
C ASN K 174 -21.95 -34.22 -14.45
N LEU K 175 -21.11 -33.33 -13.92
CA LEU K 175 -21.20 -31.92 -14.27
C LEU K 175 -20.81 -31.72 -15.73
N GLU K 176 -21.62 -30.96 -16.46
CA GLU K 176 -21.39 -30.69 -17.87
C GLU K 176 -21.39 -29.19 -18.12
N PHE K 177 -20.61 -28.77 -19.11
CA PHE K 177 -20.73 -27.42 -19.64
C PHE K 177 -21.92 -27.36 -20.59
N VAL K 178 -22.70 -26.28 -20.48
CA VAL K 178 -23.90 -26.10 -21.28
C VAL K 178 -23.85 -24.75 -21.96
N ALA K 179 -24.74 -24.57 -22.93
CA ALA K 179 -24.81 -23.31 -23.66
C ALA K 179 -25.21 -22.18 -22.72
N MET K 180 -24.36 -21.18 -22.60
CA MET K 180 -24.67 -20.07 -21.72
C MET K 180 -25.90 -19.34 -22.24
N PRO K 181 -26.82 -18.94 -21.36
CA PRO K 181 -27.99 -18.17 -21.81
C PRO K 181 -27.61 -17.02 -22.73
N ALA K 182 -28.16 -17.01 -23.94
CA ALA K 182 -27.90 -15.98 -24.94
C ALA K 182 -29.24 -15.39 -25.36
N LEU K 183 -29.79 -14.53 -24.51
CA LEU K 183 -31.08 -13.92 -24.81
C LEU K 183 -30.91 -12.78 -25.81
N ALA K 184 -31.99 -12.48 -26.52
CA ALA K 184 -31.95 -11.46 -27.55
C ALA K 184 -31.30 -10.20 -27.02
N PRO K 185 -30.30 -9.63 -27.71
CA PRO K 185 -29.56 -8.50 -27.15
C PRO K 185 -30.46 -7.31 -26.94
N PRO K 186 -30.29 -6.58 -25.84
CA PRO K 186 -31.07 -5.34 -25.65
C PRO K 186 -30.72 -4.32 -26.71
N GLU K 187 -31.56 -3.29 -26.82
CA GLU K 187 -31.37 -2.26 -27.83
C GLU K 187 -30.01 -1.63 -27.68
N VAL K 188 -29.36 -1.38 -28.82
CA VAL K 188 -28.02 -0.78 -28.82
C VAL K 188 -28.14 0.72 -28.66
N VAL K 189 -27.21 1.28 -27.88
CA VAL K 189 -27.06 2.73 -27.74
C VAL K 189 -25.72 3.09 -28.36
N MET K 190 -25.75 3.91 -29.40
CA MET K 190 -24.56 4.27 -30.16
C MET K 190 -24.24 5.75 -29.98
N ASP K 191 -22.93 6.05 -29.99
CA ASP K 191 -22.45 7.41 -29.83
C ASP K 191 -22.16 7.99 -31.20
N PRO K 192 -22.88 9.03 -31.65
CA PRO K 192 -22.52 9.65 -32.94
C PRO K 192 -21.11 10.24 -32.95
N ALA K 193 -20.51 10.46 -31.79
CA ALA K 193 -19.18 11.05 -31.75
C ALA K 193 -18.13 10.08 -32.29
N LEU K 194 -18.15 8.83 -31.81
CA LEU K 194 -17.19 7.82 -32.24
C LEU K 194 -17.52 7.23 -33.60
N ALA K 195 -18.54 7.74 -34.30
CA ALA K 195 -18.93 7.18 -35.59
C ALA K 195 -17.78 7.22 -36.58
N ALA K 196 -17.09 8.35 -36.67
CA ALA K 196 -15.99 8.47 -37.62
C ALA K 196 -14.83 7.56 -37.25
N GLN K 197 -14.61 7.33 -35.96
CA GLN K 197 -13.56 6.41 -35.54
C GLN K 197 -13.84 5.00 -36.01
N TYR K 198 -15.08 4.52 -35.79
CA TYR K 198 -15.45 3.19 -36.24
C TYR K 198 -15.27 3.04 -37.75
N GLU K 199 -15.49 4.13 -38.50
CA GLU K 199 -15.35 4.06 -39.95
C GLU K 199 -13.88 3.94 -40.35
N HIS K 200 -12.99 4.64 -39.64
CA HIS K 200 -11.57 4.54 -39.94
C HIS K 200 -11.04 3.14 -39.60
N ASP K 201 -11.44 2.60 -38.46
CA ASP K 201 -11.04 1.24 -38.12
C ASP K 201 -11.46 0.24 -39.19
N LEU K 202 -12.60 0.48 -39.84
CA LEU K 202 -13.08 -0.43 -40.86
C LEU K 202 -12.21 -0.35 -42.12
N GLU K 203 -11.78 0.86 -42.49
CA GLU K 203 -10.97 1.01 -43.69
C GLU K 203 -9.60 0.38 -43.51
N VAL K 204 -9.03 0.46 -42.30
CA VAL K 204 -7.76 -0.21 -42.04
C VAL K 204 -7.96 -1.72 -41.99
N ALA K 205 -9.04 -2.17 -41.35
CA ALA K 205 -9.28 -3.60 -41.22
C ALA K 205 -9.45 -4.28 -42.57
N GLN K 206 -10.00 -3.56 -43.55
CA GLN K 206 -10.20 -4.13 -44.87
C GLN K 206 -8.88 -4.32 -45.62
N THR K 207 -7.82 -3.62 -45.24
CA THR K 207 -6.52 -3.76 -45.87
C THR K 207 -5.62 -4.78 -45.17
N THR K 208 -6.08 -5.35 -44.06
CA THR K 208 -5.26 -6.24 -43.23
C THR K 208 -5.79 -7.67 -43.31
N ALA K 209 -4.90 -8.61 -43.58
CA ALA K 209 -5.29 -10.00 -43.74
C ALA K 209 -5.55 -10.66 -42.40
N LEU K 210 -6.36 -11.71 -42.43
CA LEU K 210 -6.60 -12.51 -41.24
C LEU K 210 -5.37 -13.33 -40.91
N PRO K 211 -5.18 -13.70 -39.65
CA PRO K 211 -4.15 -14.69 -39.31
C PRO K 211 -4.55 -16.06 -39.86
N ASP K 212 -3.53 -16.86 -40.17
CA ASP K 212 -3.75 -18.17 -40.78
C ASP K 212 -4.53 -18.02 -42.08
N GLY L 1 -1.97 -35.92 -1.86
CA GLY L 1 -1.39 -37.23 -1.62
C GLY L 1 -2.44 -38.33 -1.58
N PRO L 2 -2.01 -39.58 -1.74
CA PRO L 2 -2.95 -40.70 -1.69
C PRO L 2 -3.38 -41.03 -0.28
N GLY L 3 -4.52 -41.71 -0.18
CA GLY L 3 -5.09 -42.11 1.08
C GLY L 3 -6.34 -41.32 1.42
N SER L 4 -6.79 -41.50 2.66
CA SER L 4 -8.00 -40.83 3.13
C SER L 4 -7.67 -39.43 3.65
N HIS L 5 -8.59 -38.50 3.39
CA HIS L 5 -8.45 -37.12 3.85
C HIS L 5 -9.75 -36.40 3.55
N PHE L 6 -9.89 -35.19 4.10
CA PHE L 6 -11.09 -34.38 3.92
C PHE L 6 -10.82 -33.28 2.90
N GLU L 7 -11.82 -33.01 2.06
CA GLU L 7 -11.73 -31.97 1.04
C GLU L 7 -12.92 -31.04 1.14
N PRO L 8 -12.73 -29.74 0.87
CA PRO L 8 -13.88 -28.84 0.78
C PRO L 8 -14.65 -29.05 -0.52
N ILE L 9 -15.97 -29.23 -0.40
CA ILE L 9 -16.85 -29.46 -1.53
C ILE L 9 -18.02 -28.51 -1.43
N VAL L 10 -18.37 -27.87 -2.55
CA VAL L 10 -19.47 -26.93 -2.62
C VAL L 10 -20.59 -27.58 -3.44
N SER L 11 -21.66 -27.97 -2.76
CA SER L 11 -22.80 -28.60 -3.42
C SER L 11 -23.75 -27.54 -3.97
N LEU L 12 -24.12 -27.69 -5.23
CA LEU L 12 -25.00 -26.75 -5.92
C LEU L 12 -26.23 -27.46 -6.45
N PRO L 13 -27.36 -26.77 -6.54
CA PRO L 13 -28.57 -27.42 -7.07
C PRO L 13 -28.58 -27.44 -8.59
N GLU L 14 -29.18 -28.49 -9.13
CA GLU L 14 -29.39 -28.54 -10.57
C GLU L 14 -30.27 -27.36 -10.99
N VAL L 15 -29.96 -26.79 -12.16
CA VAL L 15 -30.66 -25.63 -12.66
C VAL L 15 -31.04 -25.87 -14.11
N GLU L 16 -32.27 -25.49 -14.47
CA GLU L 16 -32.68 -25.43 -15.86
C GLU L 16 -32.08 -24.18 -16.50
N VAL L 17 -31.22 -24.38 -17.49
CA VAL L 17 -30.55 -23.29 -18.18
C VAL L 17 -31.17 -23.16 -19.56
N LYS L 18 -31.80 -22.01 -19.82
CA LYS L 18 -32.41 -21.73 -21.12
C LYS L 18 -31.36 -21.15 -22.06
N SER L 19 -31.34 -21.66 -23.29
CA SER L 19 -30.40 -21.16 -24.28
C SER L 19 -30.73 -19.74 -24.73
N GLY L 20 -31.99 -19.32 -24.59
CA GLY L 20 -32.44 -18.07 -25.15
C GLY L 20 -32.82 -18.14 -26.61
N GLU L 21 -32.77 -19.33 -27.23
CA GLU L 21 -33.10 -19.52 -28.63
C GLU L 21 -34.40 -20.27 -28.82
N GLU L 22 -35.15 -20.51 -27.74
CA GLU L 22 -36.32 -21.39 -27.82
C GLU L 22 -37.36 -20.85 -28.80
N ASP L 23 -37.58 -19.54 -28.80
CA ASP L 23 -38.65 -18.94 -29.58
C ASP L 23 -38.16 -18.37 -30.91
N GLU L 24 -37.14 -18.97 -31.51
CA GLU L 24 -36.56 -18.47 -32.75
C GLU L 24 -36.38 -19.59 -33.75
N GLU L 25 -36.44 -19.23 -35.04
CA GLU L 25 -36.24 -20.14 -36.14
C GLU L 25 -34.81 -20.05 -36.64
N ILE L 26 -34.27 -21.19 -37.08
CA ILE L 26 -32.90 -21.27 -37.57
C ILE L 26 -32.93 -21.10 -39.09
N LEU L 27 -32.48 -19.94 -39.56
CA LEU L 27 -32.36 -19.68 -40.99
C LEU L 27 -31.01 -20.09 -41.56
N PHE L 28 -30.01 -20.28 -40.70
CA PHE L 28 -28.66 -20.61 -41.14
C PHE L 28 -27.91 -21.19 -39.96
N LYS L 29 -27.18 -22.29 -40.20
CA LYS L 29 -26.34 -22.89 -39.15
C LYS L 29 -25.22 -23.65 -39.85
N GLU L 30 -24.03 -23.05 -39.86
CA GLU L 30 -22.85 -23.67 -40.45
C GLU L 30 -21.63 -23.33 -39.60
N ARG L 31 -20.63 -24.20 -39.65
CA ARG L 31 -19.40 -23.97 -38.91
C ARG L 31 -18.62 -22.80 -39.52
N ALA L 32 -17.95 -22.05 -38.66
CA ALA L 32 -17.24 -20.86 -39.12
C ALA L 32 -16.17 -20.49 -38.12
N LYS L 33 -15.20 -19.70 -38.59
CA LYS L 33 -14.22 -19.05 -37.73
C LYS L 33 -14.50 -17.54 -37.75
N LEU L 34 -14.62 -16.97 -36.56
CA LEU L 34 -14.94 -15.55 -36.40
C LEU L 34 -13.70 -14.80 -35.93
N TYR L 35 -13.52 -13.59 -36.45
CA TYR L 35 -12.40 -12.74 -36.08
C TYR L 35 -12.92 -11.37 -35.68
N ARG L 36 -12.16 -10.68 -34.84
CA ARG L 36 -12.50 -9.35 -34.39
C ARG L 36 -11.30 -8.44 -34.58
N TRP L 37 -11.56 -7.24 -35.11
CA TRP L 37 -10.50 -6.26 -35.34
C TRP L 37 -10.12 -5.59 -34.03
N ASP L 38 -8.82 -5.56 -33.74
CA ASP L 38 -8.28 -4.91 -32.55
C ASP L 38 -7.56 -3.65 -33.00
N ARG L 39 -8.24 -2.50 -32.85
CA ARG L 39 -7.68 -1.24 -33.35
C ARG L 39 -6.40 -0.85 -32.64
N ASP L 40 -6.21 -1.32 -31.40
CA ASP L 40 -5.02 -0.93 -30.65
C ASP L 40 -3.75 -1.46 -31.30
N VAL L 41 -3.76 -2.74 -31.70
CA VAL L 41 -2.61 -3.36 -32.34
C VAL L 41 -2.80 -3.56 -33.84
N SER L 42 -3.91 -3.08 -34.40
CA SER L 42 -4.17 -3.17 -35.83
C SER L 42 -4.03 -4.60 -36.33
N GLN L 43 -4.79 -5.51 -35.72
CA GLN L 43 -4.75 -6.92 -36.06
C GLN L 43 -6.16 -7.49 -36.04
N TRP L 44 -6.40 -8.45 -36.94
CA TRP L 44 -7.53 -9.36 -36.80
C TRP L 44 -7.14 -10.43 -35.79
N LYS L 45 -7.94 -10.57 -34.74
CA LYS L 45 -7.71 -11.59 -33.71
C LYS L 45 -8.83 -12.62 -33.79
N GLU L 46 -8.46 -13.89 -33.61
CA GLU L 46 -9.47 -14.94 -33.57
C GLU L 46 -10.45 -14.66 -32.44
N ARG L 47 -11.74 -14.80 -32.75
CA ARG L 47 -12.80 -14.55 -31.79
C ARG L 47 -13.54 -15.81 -31.38
N GLY L 48 -13.54 -16.83 -32.24
CA GLY L 48 -14.18 -18.08 -31.89
C GLY L 48 -14.36 -19.00 -33.08
N VAL L 49 -14.59 -20.28 -32.81
CA VAL L 49 -14.85 -21.28 -33.84
C VAL L 49 -16.05 -22.08 -33.39
N GLY L 50 -17.01 -22.27 -34.29
CA GLY L 50 -18.21 -23.00 -33.97
C GLY L 50 -19.31 -22.68 -34.98
N ASP L 51 -20.53 -23.07 -34.62
CA ASP L 51 -21.69 -22.85 -35.47
C ASP L 51 -22.17 -21.41 -35.32
N ILE L 52 -22.10 -20.66 -36.40
CA ILE L 52 -22.69 -19.32 -36.46
C ILE L 52 -24.11 -19.45 -37.02
N LYS L 53 -25.05 -18.76 -36.40
CA LYS L 53 -26.46 -18.91 -36.72
C LYS L 53 -27.08 -17.57 -37.07
N ILE L 54 -28.05 -17.61 -37.99
CA ILE L 54 -28.96 -16.51 -38.24
C ILE L 54 -30.33 -16.96 -37.74
N LEU L 55 -30.79 -16.35 -36.66
CA LEU L 55 -32.04 -16.72 -36.01
C LEU L 55 -33.11 -15.67 -36.25
N GLN L 56 -34.37 -16.10 -36.27
CA GLN L 56 -35.49 -15.21 -36.42
C GLN L 56 -36.56 -15.56 -35.40
N ASN L 57 -37.04 -14.56 -34.67
CA ASN L 57 -38.07 -14.76 -33.67
C ASN L 57 -39.41 -15.00 -34.35
N TYR L 58 -40.11 -16.07 -33.97
CA TYR L 58 -41.38 -16.40 -34.59
C TYR L 58 -42.36 -15.24 -34.48
N ASP L 59 -42.51 -14.69 -33.26
CA ASP L 59 -43.59 -13.75 -33.00
C ASP L 59 -43.26 -12.36 -33.54
N ASN L 60 -42.15 -11.76 -33.11
CA ASN L 60 -41.82 -10.39 -33.46
C ASN L 60 -40.89 -10.28 -34.67
N LYS L 61 -40.54 -11.40 -35.29
CA LYS L 61 -39.80 -11.43 -36.55
C LYS L 61 -38.40 -10.83 -36.44
N GLN L 62 -37.92 -10.56 -35.24
CA GLN L 62 -36.57 -10.02 -35.08
C GLN L 62 -35.53 -11.02 -35.54
N VAL L 63 -34.53 -10.53 -36.26
CA VAL L 63 -33.45 -11.36 -36.79
C VAL L 63 -32.14 -10.97 -36.10
N ARG L 64 -31.34 -11.96 -35.75
CA ARG L 64 -30.06 -11.70 -35.11
C ARG L 64 -29.04 -12.74 -35.55
N ILE L 65 -27.78 -12.44 -35.31
CA ILE L 65 -26.67 -13.38 -35.50
C ILE L 65 -26.24 -13.87 -34.13
N LEU L 66 -26.01 -15.17 -34.02
CA LEU L 66 -25.59 -15.78 -32.76
C LEU L 66 -24.58 -16.87 -33.05
N MET L 67 -23.49 -16.88 -32.28
CA MET L 67 -22.43 -17.87 -32.46
C MET L 67 -21.92 -18.30 -31.10
N ARG L 68 -21.60 -19.59 -30.96
CA ARG L 68 -21.09 -20.15 -29.73
C ARG L 68 -19.81 -20.91 -30.02
N ARG L 69 -18.90 -20.90 -29.05
CA ARG L 69 -17.62 -21.57 -29.21
C ARG L 69 -17.76 -23.07 -28.95
N ASP L 70 -16.96 -23.84 -29.67
CA ASP L 70 -16.93 -25.28 -29.45
C ASP L 70 -16.38 -25.60 -28.06
N GLN L 71 -16.84 -26.73 -27.51
CA GLN L 71 -16.32 -27.28 -26.26
C GLN L 71 -16.74 -26.49 -25.03
N VAL L 72 -16.66 -25.15 -25.09
CA VAL L 72 -17.08 -24.32 -23.96
C VAL L 72 -18.45 -23.69 -24.16
N PHE L 73 -18.92 -23.56 -25.41
CA PHE L 73 -20.27 -23.13 -25.72
C PHE L 73 -20.55 -21.69 -25.31
N LYS L 74 -19.52 -20.89 -25.09
CA LYS L 74 -19.73 -19.49 -24.75
C LYS L 74 -20.04 -18.66 -25.98
N VAL L 75 -20.79 -17.58 -25.79
CA VAL L 75 -21.16 -16.71 -26.89
C VAL L 75 -19.96 -15.89 -27.33
N CYS L 76 -19.72 -15.86 -28.64
CA CYS L 76 -18.72 -14.98 -29.23
C CYS L 76 -19.32 -14.02 -30.23
N ALA L 77 -20.64 -14.01 -30.41
CA ALA L 77 -21.31 -13.06 -31.28
C ALA L 77 -22.79 -13.09 -30.98
N ASN L 78 -23.38 -11.92 -30.75
CA ASN L 78 -24.82 -11.81 -30.50
C ASN L 78 -25.24 -10.38 -30.82
N HIS L 79 -25.80 -10.17 -32.01
CA HIS L 79 -26.23 -8.85 -32.43
C HIS L 79 -27.38 -8.97 -33.41
N VAL L 80 -28.25 -7.97 -33.40
CA VAL L 80 -29.37 -7.90 -34.33
C VAL L 80 -28.88 -7.42 -35.68
N ILE L 81 -29.43 -7.99 -36.74
CA ILE L 81 -29.10 -7.54 -38.10
C ILE L 81 -29.89 -6.29 -38.41
N THR L 82 -29.20 -5.27 -38.89
CA THR L 82 -29.82 -4.00 -39.28
C THR L 82 -29.69 -3.80 -40.79
N LYS L 83 -30.44 -2.83 -41.30
CA LYS L 83 -30.43 -2.54 -42.73
C LYS L 83 -29.21 -1.71 -43.13
N THR L 84 -28.55 -1.06 -42.17
CA THR L 84 -27.38 -0.26 -42.48
C THR L 84 -26.10 -1.08 -42.55
N MET L 85 -26.12 -2.31 -42.04
CA MET L 85 -24.94 -3.16 -42.11
C MET L 85 -24.59 -3.46 -43.57
N GLU L 86 -23.28 -3.53 -43.85
CA GLU L 86 -22.76 -3.86 -45.17
C GLU L 86 -21.86 -5.07 -45.02
N LEU L 87 -22.30 -6.22 -45.52
CA LEU L 87 -21.52 -7.45 -45.46
C LEU L 87 -20.71 -7.55 -46.74
N LYS L 88 -19.44 -7.16 -46.66
CA LYS L 88 -18.54 -7.13 -47.81
C LYS L 88 -17.53 -8.27 -47.74
N PRO L 89 -16.95 -8.64 -48.88
CA PRO L 89 -15.82 -9.59 -48.85
C PRO L 89 -14.55 -8.90 -48.37
N LEU L 90 -13.72 -9.68 -47.69
CA LEU L 90 -12.39 -9.22 -47.30
C LEU L 90 -11.42 -9.61 -48.42
N ASN L 91 -10.97 -8.61 -49.17
CA ASN L 91 -10.20 -8.89 -50.38
C ASN L 91 -8.89 -9.59 -50.09
N VAL L 92 -8.30 -9.32 -48.92
CA VAL L 92 -6.96 -9.82 -48.62
C VAL L 92 -7.03 -11.22 -48.01
N SER L 93 -8.23 -11.80 -47.97
CA SER L 93 -8.42 -13.16 -47.49
C SER L 93 -9.42 -13.88 -48.38
N ASN L 94 -9.42 -15.20 -48.29
CA ASN L 94 -10.30 -16.05 -49.09
C ASN L 94 -11.46 -16.54 -48.25
N ASN L 95 -12.66 -16.52 -48.83
CA ASN L 95 -13.87 -16.99 -48.17
C ASN L 95 -14.15 -16.24 -46.88
N ALA L 96 -13.81 -14.95 -46.85
CA ALA L 96 -13.94 -14.13 -45.64
C ALA L 96 -14.84 -12.93 -45.93
N LEU L 97 -15.83 -12.73 -45.06
CA LEU L 97 -16.75 -11.60 -45.14
C LEU L 97 -16.59 -10.73 -43.90
N VAL L 98 -16.83 -9.43 -44.07
CA VAL L 98 -16.60 -8.45 -43.01
C VAL L 98 -17.82 -7.57 -42.86
N TRP L 99 -18.14 -7.21 -41.63
CA TRP L 99 -19.21 -6.26 -41.35
C TRP L 99 -19.02 -5.68 -39.97
N THR L 100 -19.74 -4.60 -39.68
CA THR L 100 -19.68 -3.92 -38.40
C THR L 100 -20.98 -4.12 -37.65
N ALA L 101 -20.87 -4.32 -36.34
CA ALA L 101 -22.05 -4.60 -35.53
C ALA L 101 -21.76 -4.26 -34.08
N SER L 102 -22.80 -3.83 -33.37
CA SER L 102 -22.73 -3.67 -31.92
C SER L 102 -23.04 -5.02 -31.29
N ASP L 103 -22.00 -5.69 -30.80
CA ASP L 103 -22.11 -7.07 -30.34
C ASP L 103 -22.28 -7.12 -28.82
N TYR L 104 -22.95 -8.19 -28.37
CA TYR L 104 -23.27 -8.38 -26.95
C TYR L 104 -22.69 -9.69 -26.42
N ALA L 105 -21.63 -10.19 -27.04
CA ALA L 105 -21.08 -11.47 -26.63
C ALA L 105 -20.58 -11.45 -25.19
N ASP L 106 -20.09 -10.31 -24.73
CA ASP L 106 -19.50 -10.20 -23.40
C ASP L 106 -20.45 -9.58 -22.38
N GLY L 107 -21.75 -9.50 -22.70
CA GLY L 107 -22.73 -8.97 -21.79
C GLY L 107 -23.02 -7.49 -21.94
N GLU L 108 -22.20 -6.75 -22.70
CA GLU L 108 -22.38 -5.33 -22.87
C GLU L 108 -22.14 -4.97 -24.33
N ALA L 109 -22.74 -3.85 -24.75
CA ALA L 109 -22.65 -3.43 -26.14
C ALA L 109 -21.23 -2.96 -26.46
N LYS L 110 -20.64 -3.54 -27.49
CA LYS L 110 -19.34 -3.11 -28.00
C LYS L 110 -19.41 -3.08 -29.51
N VAL L 111 -19.16 -1.92 -30.11
CA VAL L 111 -19.04 -1.83 -31.55
C VAL L 111 -17.79 -2.58 -31.99
N GLU L 112 -17.92 -3.40 -33.03
CA GLU L 112 -16.84 -4.25 -33.46
C GLU L 112 -16.90 -4.47 -34.96
N GLN L 113 -15.73 -4.48 -35.60
CA GLN L 113 -15.58 -4.97 -36.96
C GLN L 113 -15.32 -6.47 -36.90
N LEU L 114 -16.22 -7.25 -37.47
CA LEU L 114 -16.14 -8.70 -37.42
C LEU L 114 -15.81 -9.26 -38.80
N ALA L 115 -15.15 -10.41 -38.81
CA ALA L 115 -14.89 -11.16 -40.03
C ALA L 115 -15.21 -12.62 -39.78
N VAL L 116 -15.89 -13.25 -40.73
CA VAL L 116 -16.27 -14.65 -40.64
C VAL L 116 -15.66 -15.40 -41.82
N ARG L 117 -15.16 -16.60 -41.55
CA ARG L 117 -14.49 -17.43 -42.55
C ARG L 117 -15.09 -18.82 -42.51
N PHE L 118 -15.60 -19.30 -43.64
CA PHE L 118 -16.21 -20.61 -43.74
C PHE L 118 -15.28 -21.59 -44.44
N LYS L 119 -15.70 -22.85 -44.45
CA LYS L 119 -14.90 -23.90 -45.08
C LYS L 119 -14.79 -23.66 -46.59
N THR L 120 -15.92 -23.42 -47.25
CA THR L 120 -15.98 -23.28 -48.69
C THR L 120 -16.46 -21.88 -49.06
N LYS L 121 -16.26 -21.52 -50.33
CA LYS L 121 -16.87 -20.31 -50.87
C LYS L 121 -18.37 -20.47 -51.05
N GLU L 122 -18.85 -21.70 -51.19
CA GLU L 122 -20.27 -21.95 -51.34
C GLU L 122 -21.04 -21.54 -50.09
N VAL L 123 -20.58 -22.00 -48.93
CA VAL L 123 -21.25 -21.65 -47.67
C VAL L 123 -21.21 -20.15 -47.45
N ALA L 124 -20.04 -19.53 -47.65
CA ALA L 124 -19.93 -18.09 -47.48
C ALA L 124 -20.93 -17.34 -48.34
N ASP L 125 -21.14 -17.81 -49.57
CA ASP L 125 -22.11 -17.16 -50.45
C ASP L 125 -23.54 -17.40 -49.99
N CYS L 126 -23.81 -18.53 -49.35
CA CYS L 126 -25.14 -18.77 -48.79
C CYS L 126 -25.36 -17.88 -47.56
N PHE L 127 -24.35 -17.75 -46.70
CA PHE L 127 -24.46 -16.86 -45.56
C PHE L 127 -24.74 -15.43 -46.02
N LYS L 128 -23.98 -14.96 -47.01
CA LYS L 128 -24.19 -13.62 -47.53
C LYS L 128 -25.61 -13.46 -48.07
N LYS L 129 -26.10 -14.46 -48.81
CA LYS L 129 -27.44 -14.37 -49.38
C LYS L 129 -28.49 -14.29 -48.29
N THR L 130 -28.42 -15.20 -47.31
CA THR L 130 -29.38 -15.19 -46.22
C THR L 130 -29.30 -13.90 -45.42
N PHE L 131 -28.08 -13.42 -45.16
CA PHE L 131 -27.91 -12.14 -44.47
C PHE L 131 -28.63 -11.02 -45.21
N GLU L 132 -28.40 -10.93 -46.53
CA GLU L 132 -28.99 -9.84 -47.30
C GLU L 132 -30.49 -10.03 -47.51
N GLU L 133 -30.96 -11.28 -47.57
CA GLU L 133 -32.39 -11.51 -47.65
C GLU L 133 -33.09 -11.04 -46.38
N CYS L 134 -32.45 -11.21 -45.23
CA CYS L 134 -33.02 -10.71 -43.99
C CYS L 134 -33.05 -9.19 -43.97
N GLN L 135 -32.01 -8.55 -44.52
CA GLN L 135 -32.01 -7.10 -44.59
C GLN L 135 -33.13 -6.57 -45.48
N GLN L 136 -33.46 -7.30 -46.55
CA GLN L 136 -34.49 -6.87 -47.47
C GLN L 136 -35.89 -6.95 -46.85
N ASN L 137 -36.05 -7.70 -45.76
CA ASN L 137 -37.33 -7.85 -45.09
C ASN L 137 -37.42 -7.05 -43.79
N LEU L 138 -36.52 -6.10 -43.58
CA LEU L 138 -36.56 -5.25 -42.40
C LEU L 138 -37.45 -4.03 -42.64
PG GNP M . 1.70 13.07 -4.91
O1G GNP M . 3.20 13.26 -5.00
O2G GNP M . 1.42 12.48 -3.55
O3G GNP M . 1.11 12.24 -6.02
N3B GNP M . 1.02 14.57 -4.94
PB GNP M . -0.49 15.02 -4.57
O1B GNP M . -1.41 14.94 -5.73
O2B GNP M . -0.90 14.33 -3.30
O3A GNP M . -0.28 16.57 -4.20
PA GNP M . -0.39 17.26 -2.76
O1A GNP M . -1.77 17.02 -2.26
O2A GNP M . 0.78 16.86 -1.93
O5' GNP M . -0.25 18.83 -3.03
C5' GNP M . 0.51 19.39 -4.13
C4' GNP M . 0.56 20.89 -3.95
O4' GNP M . -0.66 21.50 -4.47
C3' GNP M . 0.66 21.38 -2.50
O3' GNP M . 1.56 22.47 -2.44
C2' GNP M . -0.76 21.81 -2.15
O2' GNP M . -0.80 22.85 -1.22
C1' GNP M . -1.25 22.33 -3.49
N9 GNP M . -2.69 22.29 -3.69
C8 GNP M . -3.53 21.24 -3.49
N7 GNP M . -4.78 21.52 -3.75
C5 GNP M . -4.77 22.85 -4.15
C6 GNP M . -5.83 23.70 -4.55
O6 GNP M . -7.03 23.43 -4.64
N1 GNP M . -5.35 24.98 -4.87
C2 GNP M . -4.04 25.38 -4.81
N2 GNP M . -3.76 26.65 -5.14
N3 GNP M . -3.04 24.58 -4.43
C4 GNP M . -3.48 23.34 -4.11
HNB3 GNP M . 1.55 15.20 -5.21
H5'2 GNP M . 1.39 19.03 -4.14
H5'1 GNP M . 0.06 19.18 -4.98
H4' GNP M . 1.30 21.25 -4.45
H3' GNP M . 0.95 20.64 -1.93
H2' GNP M . -1.30 21.05 -1.86
HO2' GNP M . -1.16 22.58 -0.50
H1' GNP M . -0.95 23.24 -3.62
H8 GNP M . -3.24 20.40 -3.20
HN1 GNP M . -5.93 25.56 -5.12
HN21 GNP M . -4.13 27.00 -5.84
HN22 GNP M . -3.23 27.12 -4.66
MG MG N . 0.10 12.74 -2.18
PG GNP O . 15.91 -11.47 8.00
O1G GNP O . 17.22 -11.12 7.30
O2G GNP O . 15.29 -12.57 7.15
O3G GNP O . 14.97 -10.31 8.22
N3B GNP O . 16.28 -12.09 9.47
PB GNP O . 15.32 -12.86 10.53
O1B GNP O . 14.62 -11.93 11.47
O2B GNP O . 14.48 -13.84 9.74
O3A GNP O . 16.38 -13.69 11.40
PA GNP O . 16.58 -15.28 11.48
O1A GNP O . 15.27 -15.88 11.88
O2A GNP O . 17.25 -15.76 10.24
O5' GNP O . 17.60 -15.51 12.71
C5' GNP O . 18.80 -14.72 12.92
C4' GNP O . 19.73 -15.47 13.85
O4' GNP O . 19.23 -15.39 15.22
C3' GNP O . 19.89 -16.97 13.56
O3' GNP O . 21.25 -17.34 13.71
C2' GNP O . 18.98 -17.64 14.60
O2' GNP O . 19.45 -18.91 14.98
C1' GNP O . 19.11 -16.69 15.77
N9 GNP O . 17.98 -16.67 16.68
C8 GNP O . 16.66 -16.58 16.34
N7 GNP O . 15.85 -16.59 17.37
C5 GNP O . 16.70 -16.69 18.47
C6 GNP O . 16.40 -16.75 19.85
O6 GNP O . 15.28 -16.71 20.38
N1 GNP O . 17.56 -16.86 20.61
C2 GNP O . 18.84 -16.90 20.12
N2 GNP O . 19.85 -17.01 21.01
N3 GNP O . 19.12 -16.85 18.81
C4 GNP O . 18.01 -16.75 18.05
HNB3 GNP O . 17.10 -11.98 9.73
H5'2 GNP O . 19.25 -14.58 12.06
H5'1 GNP O . 18.57 -13.86 13.31
H4' GNP O . 20.61 -15.06 13.83
H3' GNP O . 19.57 -17.17 12.66
H2' GNP O . 18.06 -17.69 14.29
HO2' GNP O . 18.86 -19.49 14.79
H1' GNP O . 19.92 -16.89 16.28
H8 GNP O . 16.36 -16.51 15.46
HN1 GNP O . 17.47 -16.89 21.46
HN21 GNP O . 19.85 -16.50 21.72
HN22 GNP O . 20.48 -17.57 20.88
MG MG P . 14.13 -14.21 7.75
PG GNP Q . 7.01 41.53 14.94
O1G GNP Q . 5.83 40.86 15.63
O2G GNP Q . 8.24 40.78 15.44
O3G GNP Q . 7.13 43.02 15.19
N3B GNP Q . 6.83 41.27 13.34
PB GNP Q . 7.88 41.47 12.11
O1B GNP Q . 7.88 42.87 11.58
O2B GNP Q . 9.21 40.86 12.50
O3A GNP Q . 7.25 40.52 11.00
PA GNP Q . 7.87 39.18 10.35
O1A GNP Q . 9.26 39.52 9.93
O2A GNP Q . 7.65 38.01 11.25
O5' GNP Q . 6.97 38.93 9.03
C5' GNP Q . 5.53 39.13 9.01
C4' GNP Q . 4.95 38.40 7.82
O4' GNP Q . 5.21 39.16 6.61
C3' GNP Q . 5.49 36.99 7.55
O3' GNP Q . 4.42 36.14 7.19
C2' GNP Q . 6.47 37.20 6.39
O2' GNP Q . 6.57 36.08 5.55
C1' GNP Q . 5.79 38.33 5.63
N9 GNP Q . 6.70 39.16 4.84
C8 GNP Q . 7.87 39.74 5.24
N7 GNP Q . 8.46 40.42 4.30
C5 GNP Q . 7.62 40.28 3.20
C6 GNP Q . 7.74 40.80 1.89
O6 GNP Q . 8.66 41.51 1.45
N1 GNP Q . 6.67 40.42 1.09
C2 GNP Q . 5.60 39.63 1.49
N2 GNP Q . 4.66 39.36 0.58
N3 GNP Q . 5.50 39.14 2.73
C4 GNP Q . 6.54 39.50 3.52
HNB3 GNP Q . 6.05 41.00 13.11
H5'2 GNP Q . 5.34 40.08 8.94
H5'1 GNP Q . 5.15 38.78 9.83
H4' GNP Q . 3.99 38.35 7.93
H3' GNP Q . 5.95 36.67 8.34
H2' GNP Q . 7.35 37.46 6.72
HO2' GNP Q . 7.38 35.85 5.47
H1' GNP Q . 5.11 37.97 5.04
H8 GNP Q . 8.21 39.64 6.10
HN1 GNP Q . 6.66 40.70 0.28
HN21 GNP Q . 4.48 39.93 -0.04
HN22 GNP Q . 4.21 38.62 0.62
MG MG R . 9.97 40.07 14.38
PG GNP S . -37.69 -9.04 40.16
O1G GNP S . -39.11 -9.22 40.64
O2G GNP S . -37.26 -7.69 40.66
O3G GNP S . -37.47 -9.16 38.67
N3B GNP S . -36.78 -10.19 40.90
PB GNP S . -35.15 -10.32 40.99
O1B GNP S . -34.57 -11.11 39.86
O2B GNP S . -34.58 -8.95 41.25
O3A GNP S . -34.98 -11.19 42.33
PA GNP S . -34.35 -10.73 43.74
O1A GNP S . -32.98 -10.22 43.44
O2A GNP S . -35.30 -9.84 44.47
O5' GNP S . -34.20 -12.10 44.58
C5' GNP S . -35.25 -13.10 44.65
C4' GNP S . -34.99 -14.02 45.82
O4' GNP S . -33.91 -14.94 45.50
C3' GNP S . -34.59 -13.36 47.14
O3' GNP S . -35.30 -13.97 48.20
C2' GNP S . -33.08 -13.59 47.22
O2' GNP S . -32.62 -13.76 48.54
C1' GNP S . -32.94 -14.93 46.51
N9 GNP S . -31.63 -15.15 45.90
C8 GNP S . -30.98 -14.29 45.05
N7 GNP S . -29.82 -14.75 44.65
C5 GNP S . -29.71 -15.98 45.27
C6 GNP S . -28.67 -16.93 45.20
O6 GNP S . -27.61 -16.84 44.55
N1 GNP S . -28.95 -18.05 45.99
C2 GNP S . -30.09 -18.23 46.74
N2 GNP S . -30.20 -19.38 47.43
N3 GNP S . -31.08 -17.33 46.79
C4 GNP S . -30.82 -16.23 46.04
HNB3 GNP S . -37.22 -10.82 41.30
H5'2 GNP S . -36.10 -12.66 44.77
H5'1 GNP S . -35.25 -13.61 43.83
H4' GNP S . -35.79 -14.55 45.97
H3' GNP S . -34.77 -12.40 47.09
H2' GNP S . -32.60 -12.89 46.76
HO2' GNP S . -32.03 -13.18 48.71
H1' GNP S . -33.11 -15.66 47.13
H8 GNP S . -31.32 -13.47 44.79
HN1 GNP S . -28.37 -18.67 46.00
HN21 GNP S . -29.90 -20.11 47.10
HN22 GNP S . -30.56 -19.37 48.21
MG MG T . -35.35 -7.01 41.28
PG GNP U . -0.10 -6.03 -51.94
O1G GNP U . 0.01 -6.11 -53.45
O2G GNP U . -1.58 -6.14 -51.63
O3G GNP U . 0.50 -4.80 -51.31
N3B GNP U . 0.71 -7.34 -51.36
PB GNP U . 2.31 -7.58 -51.27
O1B GNP U . 2.85 -8.34 -52.43
O2B GNP U . 2.98 -6.29 -50.89
O3A GNP U . 2.42 -8.54 -49.99
PA GNP U . 3.18 -8.23 -48.60
O1A GNP U . 4.60 -7.91 -48.94
O2A GNP U . 2.38 -7.25 -47.81
O5' GNP U . 3.18 -9.62 -47.79
C5' GNP U . 2.16 -10.64 -47.96
C4' GNP U . 2.43 -11.73 -46.95
O4' GNP U . 3.46 -12.63 -47.46
C3' GNP U . 2.92 -11.28 -45.57
O3' GNP U . 2.25 -12.02 -44.55
C2' GNP U . 4.42 -11.59 -45.59
O2' GNP U . 4.91 -11.93 -44.32
C1' GNP U . 4.45 -12.83 -46.47
N9 GNP U . 5.71 -13.05 -47.16
C8 GNP U . 6.35 -12.18 -48.01
N7 GNP U . 7.48 -12.64 -48.48
C5 GNP U . 7.60 -13.90 -47.90
C6 GNP U . 8.61 -14.87 -48.04
O6 GNP U . 9.65 -14.80 -48.74
N1 GNP U . 8.34 -16.01 -47.29
C2 GNP U . 7.23 -16.20 -46.49
N2 GNP U . 7.13 -17.37 -45.83
N3 GNP U . 6.27 -15.28 -46.36
C4 GNP U . 6.51 -14.17 -47.09
HNB3 GNP U . 0.22 -7.99 -51.08
H5'2 GNP U . 1.29 -10.25 -47.80
H5'1 GNP U . 2.21 -11.00 -48.85
H4' GNP U . 1.61 -12.25 -46.83
H3' GNP U . 2.77 -10.33 -45.48
H2' GNP U . 4.93 -10.87 -45.99
HO2' GNP U . 5.43 -11.32 -44.05
H1' GNP U . 4.25 -13.63 -45.96
H8 GNP U . 6.01 -11.34 -48.23
HN1 GNP U . 8.90 -16.65 -47.31
HN21 GNP U . 7.21 -18.11 -46.26
HN22 GNP U . 7.00 -17.36 -44.98
MG MG V . 2.37 -4.32 -50.69
PG GNP W . 5.58 -16.35 -18.78
O1G GNP W . 6.84 -15.58 -19.09
O2G GNP W . 4.51 -15.31 -18.54
O3G GNP W . 5.68 -17.35 -17.65
N3B GNP W . 5.19 -17.18 -20.14
PB GNP W . 3.85 -18.03 -20.51
O1B GNP W . 3.89 -19.44 -20.03
O2B GNP W . 2.63 -17.21 -20.15
O3A GNP W . 3.96 -18.08 -22.10
PA GNP W . 3.02 -17.38 -23.21
O1A GNP W . 1.61 -17.75 -22.84
O2A GNP W . 3.39 -15.94 -23.34
O5' GNP W . 3.41 -18.12 -24.58
C5' GNP W . 4.76 -18.15 -25.10
C4' GNP W . 4.72 -18.44 -26.58
O4' GNP W . 4.17 -19.75 -26.82
C3' GNP W . 3.88 -17.48 -27.43
O3' GNP W . 4.59 -17.12 -28.60
C2' GNP W . 2.61 -18.28 -27.74
O2' GNP W . 2.05 -17.94 -28.98
C1' GNP W . 3.17 -19.70 -27.82
N9 GNP W . 2.21 -20.75 -27.56
C8 GNP W . 1.38 -20.87 -26.47
N7 GNP W . 0.61 -21.94 -26.52
C5 GNP W . 0.96 -22.55 -27.72
C6 GNP W . 0.47 -23.75 -28.30
O6 GNP W . -0.40 -24.51 -27.85
N1 GNP W . 1.10 -24.01 -29.52
C2 GNP W . 2.07 -23.23 -30.10
N2 GNP W . 2.58 -23.64 -31.28
N3 GNP W . 2.55 -22.11 -29.54
C4 GNP W . 1.95 -21.84 -28.37
HNB3 GNP W . 5.80 -17.17 -20.75
H5'2 GNP W . 5.18 -17.29 -24.94
H5'1 GNP W . 5.27 -18.84 -24.64
H4' GNP W . 5.63 -18.43 -26.92
H3' GNP W . 3.65 -16.69 -26.90
H2' GNP W . 1.95 -18.20 -27.04
HO2' GNP W . 1.34 -18.38 -29.10
H1' GNP W . 3.57 -19.86 -28.69
H8 GNP W . 1.36 -20.26 -25.78
HN1 GNP W . 0.86 -24.71 -29.94
HN21 GNP W . 2.72 -23.07 -31.91
HN22 GNP W . 2.75 -24.48 -31.41
MG MG X . 2.48 -15.27 -19.04
#